data_8C0E
#
_entry.id   8C0E
#
_cell.length_a   1.00
_cell.length_b   1.00
_cell.length_c   1.00
_cell.angle_alpha   90.00
_cell.angle_beta   90.00
_cell.angle_gamma   90.00
#
_symmetry.space_group_name_H-M   'P 1'
#
_entity_poly.entity_id   1
_entity_poly.type   'polypeptide(L)'
_entity_poly.pdbx_seq_one_letter_code
;GAMVKSENLSTGNALIDNELDIRGLFRLLWRGKVWPIAIGLLFAVVALGYSYLVKQEWGATSITDKPTVNMLGGYYSQQQ
FLRNLDARSFSSPQPEQPSISAGAYDEFIMQLAAYDTRRDFWLQTDYYKQRLEGDEKADAALLDELVNNIQFTARDDGKK
TNDSVKLVAETSSDSNTLLRQYVVFASQRAANHLNEEIKGAWAARTIFMKSQIKRQEAVAKAIYDREVRSVELALKIAQQ
QGISRSQTDTPADEIPASEMFLLGRPMLQARLETLQTSGPHYELDYDQNRAMLATLNVGPTLEASFQTYRYLRTPEEPVK
RDSPRRAFLMVMWGAIGVLVGAGVALARRLR
;
_entity_poly.pdbx_strand_id   A,B,C,D,E,F,G,H
#
# COMPACT_ATOMS: atom_id res chain seq x y z
N ILE A 39 -24.62 -48.67 47.70
CA ILE A 39 -24.62 -48.54 46.24
C ILE A 39 -23.40 -47.74 45.79
N GLY A 40 -23.08 -46.69 46.54
CA GLY A 40 -21.92 -45.88 46.20
C GLY A 40 -20.61 -46.64 46.30
N LEU A 41 -20.52 -47.56 47.28
CA LEU A 41 -19.30 -48.35 47.43
C LEU A 41 -19.07 -49.27 46.23
N LEU A 42 -20.14 -49.81 45.67
CA LEU A 42 -20.00 -50.68 44.49
C LEU A 42 -19.44 -49.90 43.31
N PHE A 43 -19.97 -48.70 43.06
CA PHE A 43 -19.44 -47.87 41.97
C PHE A 43 -18.02 -47.41 42.27
N ALA A 44 -17.71 -47.15 43.54
CA ALA A 44 -16.35 -46.79 43.92
C ALA A 44 -15.38 -47.93 43.60
N VAL A 45 -15.77 -49.16 43.93
CA VAL A 45 -14.92 -50.33 43.64
C VAL A 45 -14.79 -50.53 42.14
N VAL A 46 -15.88 -50.30 41.39
CA VAL A 46 -15.83 -50.44 39.94
C VAL A 46 -14.84 -49.44 39.35
N ALA A 47 -14.92 -48.18 39.80
CA ALA A 47 -13.98 -47.16 39.31
C ALA A 47 -12.55 -47.49 39.70
N LEU A 48 -12.35 -48.00 40.92
CA LEU A 48 -11.01 -48.38 41.36
C LEU A 48 -10.44 -49.49 40.48
N GLY A 49 -11.25 -50.51 40.18
CA GLY A 49 -10.80 -51.56 39.29
C GLY A 49 -10.52 -51.07 37.88
N TYR A 50 -11.36 -50.17 37.38
CA TYR A 50 -11.14 -49.59 36.06
C TYR A 50 -9.82 -48.82 36.02
N SER A 51 -9.53 -48.07 37.08
CA SER A 51 -8.25 -47.37 37.16
C SER A 51 -7.09 -48.35 37.20
N TYR A 52 -7.23 -49.45 37.94
CA TYR A 52 -6.19 -50.46 37.98
C TYR A 52 -6.01 -51.17 36.64
N LEU A 53 -7.04 -51.20 35.80
CA LEU A 53 -6.98 -51.93 34.53
C LEU A 53 -6.53 -51.06 33.36
N VAL A 54 -6.80 -49.76 33.39
CA VAL A 54 -6.45 -48.89 32.27
C VAL A 54 -4.95 -48.64 32.27
N LYS A 55 -4.35 -48.73 31.08
CA LYS A 55 -2.92 -48.48 30.94
C LYS A 55 -2.58 -47.06 31.38
N GLN A 56 -1.54 -46.92 32.19
CA GLN A 56 -1.12 -45.60 32.65
C GLN A 56 -0.45 -44.84 31.52
N GLU A 57 -0.80 -43.57 31.37
CA GLU A 57 -0.25 -42.71 30.33
C GLU A 57 0.41 -41.50 30.97
N TRP A 58 1.73 -41.45 30.90
CA TRP A 58 2.52 -40.30 31.33
C TRP A 58 2.84 -39.43 30.12
N GLY A 59 2.73 -38.12 30.31
CA GLY A 59 2.91 -37.18 29.22
C GLY A 59 4.06 -36.22 29.40
N ALA A 60 4.87 -36.06 28.35
CA ALA A 60 5.97 -35.12 28.31
C ALA A 60 5.68 -34.04 27.28
N THR A 61 5.91 -32.78 27.65
CA THR A 61 5.55 -31.63 26.83
C THR A 61 6.80 -30.85 26.47
N SER A 62 6.93 -30.49 25.20
CA SER A 62 8.03 -29.67 24.72
C SER A 62 7.48 -28.55 23.85
N ILE A 63 8.14 -27.39 23.88
CA ILE A 63 7.75 -26.27 23.02
C ILE A 63 9.02 -25.73 22.36
N THR A 64 8.93 -25.45 21.07
CA THR A 64 10.08 -25.11 20.26
C THR A 64 9.85 -23.77 19.56
N ASP A 65 10.95 -23.19 19.08
CA ASP A 65 10.91 -21.93 18.34
C ASP A 65 11.89 -22.01 17.17
N LYS A 66 12.02 -20.90 16.45
CA LYS A 66 12.84 -20.89 15.24
C LYS A 66 14.32 -21.06 15.60
N PRO A 67 15.09 -21.71 14.72
CA PRO A 67 16.49 -22.00 15.05
C PRO A 67 17.37 -20.78 14.95
N THR A 68 18.52 -20.87 15.60
CA THR A 68 19.52 -19.82 15.53
C THR A 68 20.24 -19.86 14.19
N VAL A 69 20.82 -18.71 13.81
CA VAL A 69 21.57 -18.64 12.56
C VAL A 69 22.81 -19.51 12.63
N ASN A 70 23.45 -19.56 13.79
CA ASN A 70 24.68 -20.33 13.93
C ASN A 70 24.45 -21.82 13.73
N MET A 71 23.35 -22.34 14.26
CA MET A 71 23.09 -23.77 14.22
C MET A 71 22.52 -24.26 12.91
N LEU A 72 22.16 -23.36 11.99
CA LEU A 72 21.72 -23.78 10.67
C LEU A 72 22.87 -24.27 9.81
N GLY A 73 24.10 -23.89 10.14
CA GLY A 73 25.24 -24.39 9.39
C GLY A 73 25.36 -23.76 8.01
N GLY A 74 26.11 -24.45 7.15
CA GLY A 74 26.38 -23.95 5.82
C GLY A 74 25.15 -23.76 4.97
N TYR A 75 24.03 -24.37 5.36
CA TYR A 75 22.76 -24.15 4.67
C TYR A 75 22.44 -22.67 4.58
N TYR A 76 22.72 -21.91 5.64
CA TYR A 76 22.46 -20.48 5.62
C TYR A 76 23.17 -19.81 4.46
N SER A 77 24.46 -20.12 4.28
CA SER A 77 25.20 -19.55 3.16
C SER A 77 24.72 -20.09 1.82
N GLN A 78 24.32 -21.35 1.77
CA GLN A 78 23.91 -21.97 0.51
C GLN A 78 22.53 -21.51 0.07
N GLN A 79 21.73 -20.98 0.97
CA GLN A 79 20.46 -20.37 0.58
C GLN A 79 20.61 -18.90 0.25
N GLN A 80 21.55 -18.21 0.91
CA GLN A 80 21.80 -16.82 0.57
C GLN A 80 22.42 -16.68 -0.81
N PHE A 81 23.33 -17.60 -1.18
CA PHE A 81 23.86 -17.61 -2.53
C PHE A 81 22.76 -17.81 -3.56
N LEU A 82 21.67 -18.48 -3.17
CA LEU A 82 20.61 -18.80 -4.12
C LEU A 82 19.55 -17.71 -4.21
N ARG A 83 19.30 -16.98 -3.11
CA ARG A 83 18.26 -15.96 -3.09
C ARG A 83 18.83 -14.55 -3.03
N ASN A 84 19.77 -14.30 -2.10
CA ASN A 84 20.25 -12.96 -1.86
C ASN A 84 20.95 -12.34 -3.06
N LEU A 85 21.53 -13.16 -3.94
CA LEU A 85 22.18 -12.62 -5.12
C LEU A 85 21.58 -13.11 -6.42
N ASP A 86 21.35 -14.43 -6.55
CA ASP A 86 21.02 -14.98 -7.87
C ASP A 86 19.65 -14.53 -8.33
N ALA A 87 18.61 -14.88 -7.57
CA ALA A 87 17.24 -14.64 -8.04
C ALA A 87 16.96 -13.16 -8.23
N ARG A 88 17.23 -12.35 -7.21
CA ARG A 88 16.87 -10.94 -7.27
C ARG A 88 17.63 -10.20 -8.36
N SER A 89 18.94 -10.45 -8.47
CA SER A 89 19.75 -9.68 -9.40
C SER A 89 19.58 -10.16 -10.84
N PHE A 90 19.43 -11.46 -11.06
CA PHE A 90 19.41 -12.00 -12.41
C PHE A 90 18.01 -12.35 -12.90
N SER A 91 16.97 -12.09 -12.11
CA SER A 91 15.60 -12.29 -12.57
C SER A 91 14.65 -11.15 -12.23
N SER A 92 14.93 -10.35 -11.22
CA SER A 92 14.03 -9.31 -10.75
C SER A 92 12.60 -9.84 -10.56
N PRO A 93 12.40 -10.83 -9.68
CA PRO A 93 11.04 -11.38 -9.50
C PRO A 93 10.20 -10.56 -8.55
N GLN A 94 10.86 -9.79 -7.68
CA GLN A 94 10.21 -8.99 -6.66
C GLN A 94 9.21 -9.78 -5.81
N PRO A 95 9.65 -10.87 -5.17
CA PRO A 95 8.72 -11.62 -4.32
C PRO A 95 8.78 -11.19 -2.86
N GLU A 96 7.89 -11.74 -2.04
CA GLU A 96 7.94 -11.58 -0.59
C GLU A 96 8.13 -12.95 0.03
N GLN A 97 9.25 -13.15 0.72
CA GLN A 97 9.59 -14.45 1.27
C GLN A 97 10.02 -14.31 2.72
N PRO A 98 9.78 -15.34 3.53
CA PRO A 98 10.21 -15.29 4.94
C PRO A 98 11.71 -15.47 5.07
N SER A 99 12.21 -15.38 6.30
CA SER A 99 13.62 -15.57 6.55
C SER A 99 14.03 -17.02 6.35
N ILE A 100 15.33 -17.25 6.19
CA ILE A 100 15.84 -18.61 6.03
C ILE A 100 15.55 -19.43 7.28
N SER A 101 15.82 -18.86 8.45
CA SER A 101 15.48 -19.54 9.70
C SER A 101 13.98 -19.74 9.83
N ALA A 102 13.19 -18.76 9.41
CA ALA A 102 11.74 -18.90 9.46
C ALA A 102 11.27 -20.04 8.57
N GLY A 103 11.84 -20.16 7.37
CA GLY A 103 11.46 -21.26 6.49
C GLY A 103 11.88 -22.61 7.04
N ALA A 104 13.09 -22.69 7.59
CA ALA A 104 13.54 -23.94 8.19
C ALA A 104 12.62 -24.36 9.34
N TYR A 105 12.24 -23.40 10.19
CA TYR A 105 11.34 -23.72 11.29
C TYR A 105 9.96 -24.10 10.79
N ASP A 106 9.49 -23.45 9.73
CA ASP A 106 8.19 -23.79 9.16
C ASP A 106 8.19 -25.23 8.66
N GLU A 107 9.26 -25.64 7.96
CA GLU A 107 9.31 -27.02 7.50
C GLU A 107 9.49 -27.99 8.67
N PHE A 108 10.22 -27.61 9.70
CA PHE A 108 10.34 -28.47 10.87
C PHE A 108 8.99 -28.68 11.53
N ILE A 109 8.19 -27.63 11.62
CA ILE A 109 6.84 -27.75 12.17
C ILE A 109 5.97 -28.61 11.26
N MET A 110 6.10 -28.44 9.95
CA MET A 110 5.30 -29.22 9.01
C MET A 110 5.62 -30.71 9.15
N GLN A 111 6.90 -31.06 9.28
CA GLN A 111 7.30 -32.45 9.45
C GLN A 111 7.17 -32.94 10.88
N LEU A 112 6.90 -32.05 11.83
CA LEU A 112 6.76 -32.45 13.22
C LEU A 112 5.34 -32.83 13.57
N ALA A 113 4.35 -32.20 12.95
CA ALA A 113 2.95 -32.56 13.09
C ALA A 113 2.47 -33.47 11.98
N ALA A 114 3.35 -33.85 11.05
CA ALA A 114 2.98 -34.74 9.96
C ALA A 114 2.76 -36.15 10.48
N TYR A 115 1.69 -36.80 10.01
CA TYR A 115 1.36 -38.13 10.48
C TYR A 115 2.40 -39.15 10.04
N ASP A 116 2.94 -39.00 8.84
CA ASP A 116 3.90 -39.99 8.33
C ASP A 116 5.16 -40.01 9.18
N THR A 117 5.62 -38.83 9.63
CA THR A 117 6.78 -38.81 10.52
C THR A 117 6.51 -39.59 11.79
N ARG A 118 5.31 -39.42 12.37
CA ARG A 118 4.98 -40.14 13.59
C ARG A 118 4.92 -41.64 13.36
N ARG A 119 4.33 -42.06 12.24
CA ARG A 119 4.28 -43.48 11.91
C ARG A 119 5.69 -44.06 11.77
N ASP A 120 6.56 -43.34 11.05
CA ASP A 120 7.93 -43.84 10.88
C ASP A 120 8.67 -43.90 12.21
N PHE A 121 8.48 -42.90 13.06
CA PHE A 121 9.16 -42.89 14.36
C PHE A 121 8.68 -44.03 15.23
N TRP A 122 7.36 -44.29 15.26
CA TRP A 122 6.86 -45.39 16.07
C TRP A 122 7.23 -46.73 15.46
N LEU A 123 7.45 -46.78 14.15
CA LEU A 123 7.88 -48.01 13.52
C LEU A 123 9.35 -48.32 13.77
N GLN A 124 10.18 -47.28 13.94
CA GLN A 124 11.61 -47.47 14.11
C GLN A 124 12.06 -47.58 15.56
N THR A 125 11.15 -47.42 16.53
CA THR A 125 11.57 -47.43 17.92
C THR A 125 11.44 -48.82 18.53
N ASP A 126 12.19 -49.05 19.61
CA ASP A 126 12.09 -50.29 20.36
C ASP A 126 10.89 -50.31 21.30
N TYR A 127 10.28 -49.16 21.56
CA TYR A 127 9.06 -49.12 22.37
C TYR A 127 7.91 -49.87 21.71
N TYR A 128 7.89 -49.94 20.39
CA TYR A 128 6.82 -50.59 19.64
C TYR A 128 7.18 -52.00 19.19
N LYS A 129 8.45 -52.27 18.92
CA LYS A 129 8.86 -53.61 18.52
C LYS A 129 8.78 -54.62 19.66
N GLN A 130 9.06 -54.20 20.89
CA GLN A 130 8.95 -55.08 22.04
C GLN A 130 7.53 -55.22 22.55
N ARG A 131 6.61 -54.36 22.11
CA ARG A 131 5.20 -54.45 22.48
C ARG A 131 4.37 -55.14 21.40
N LEU A 132 5.02 -55.79 20.45
CA LEU A 132 4.33 -56.41 19.32
C LEU A 132 3.91 -57.82 19.69
N GLU A 133 2.63 -58.14 19.47
CA GLU A 133 2.14 -59.47 19.79
C GLU A 133 2.25 -60.43 18.62
N GLY A 134 1.78 -60.02 17.45
CA GLY A 134 1.87 -60.86 16.27
C GLY A 134 0.62 -60.81 15.40
N ASP A 135 -0.53 -60.51 16.00
CA ASP A 135 -1.77 -60.41 15.25
C ASP A 135 -1.76 -59.08 14.50
N GLU A 136 -2.07 -59.14 13.21
CA GLU A 136 -2.00 -57.94 12.37
C GLU A 136 -2.99 -56.88 12.85
N LYS A 137 -4.21 -57.30 13.21
CA LYS A 137 -5.19 -56.34 13.73
C LYS A 137 -4.69 -55.67 14.99
N ALA A 138 -4.17 -56.45 15.93
CA ALA A 138 -3.65 -55.88 17.17
C ALA A 138 -2.46 -54.98 16.91
N ASP A 139 -1.57 -55.38 16.00
CA ASP A 139 -0.40 -54.57 15.68
C ASP A 139 -0.82 -53.23 15.10
N ALA A 140 -1.76 -53.24 14.15
CA ALA A 140 -2.22 -52.00 13.55
C ALA A 140 -2.93 -51.11 14.56
N ALA A 141 -3.75 -51.70 15.43
CA ALA A 141 -4.43 -50.91 16.45
C ALA A 141 -3.43 -50.28 17.41
N LEU A 142 -2.41 -51.03 17.80
CA LEU A 142 -1.40 -50.49 18.71
C LEU A 142 -0.63 -49.36 18.04
N LEU A 143 -0.28 -49.52 16.76
CA LEU A 143 0.44 -48.46 16.06
C LEU A 143 -0.40 -47.20 15.94
N ASP A 144 -1.70 -47.36 15.62
CA ASP A 144 -2.58 -46.21 15.53
C ASP A 144 -2.70 -45.49 16.86
N GLU A 145 -2.83 -46.26 17.95
CA GLU A 145 -2.90 -45.66 19.29
C GLU A 145 -1.61 -44.92 19.63
N LEU A 146 -0.46 -45.53 19.33
CA LEU A 146 0.82 -44.90 19.62
C LEU A 146 0.98 -43.60 18.86
N VAL A 147 0.61 -43.57 17.59
CA VAL A 147 0.76 -42.34 16.82
C VAL A 147 -0.23 -41.28 17.29
N ASN A 148 -1.48 -41.67 17.56
CA ASN A 148 -2.43 -40.73 18.14
C ASN A 148 -2.00 -40.25 19.51
N ASN A 149 -1.08 -40.95 20.16
CA ASN A 149 -0.57 -40.49 21.45
C ASN A 149 0.13 -39.14 21.32
N ILE A 150 0.90 -38.96 20.24
CA ILE A 150 1.61 -37.71 20.02
C ILE A 150 0.63 -36.65 19.54
N GLN A 151 0.59 -35.52 20.25
CA GLN A 151 -0.30 -34.42 19.93
C GLN A 151 0.51 -33.16 19.66
N PHE A 152 -0.01 -32.31 18.78
CA PHE A 152 0.66 -31.07 18.40
C PHE A 152 -0.30 -29.91 18.57
N THR A 153 0.23 -28.77 19.02
CA THR A 153 -0.52 -27.53 19.14
C THR A 153 0.28 -26.42 18.48
N ALA A 154 -0.29 -25.82 17.44
CA ALA A 154 0.38 -24.77 16.68
C ALA A 154 0.31 -23.45 17.42
N ARG A 155 1.27 -22.58 17.13
CA ARG A 155 1.34 -21.28 17.78
C ARG A 155 0.27 -20.36 17.21
N ASP A 156 -0.35 -19.58 18.09
CA ASP A 156 -1.33 -18.56 17.71
C ASP A 156 -0.76 -17.19 18.04
N ASP A 157 -0.71 -16.32 17.04
CA ASP A 157 -0.14 -14.99 17.25
C ASP A 157 -1.02 -14.12 18.14
N GLY A 158 -2.30 -14.46 18.28
CA GLY A 158 -3.15 -13.69 19.18
C GLY A 158 -2.73 -13.81 20.63
N LYS A 159 -2.41 -15.03 21.07
CA LYS A 159 -1.88 -15.26 22.40
C LYS A 159 -0.35 -15.33 22.40
N LYS A 160 0.28 -15.09 21.26
CA LYS A 160 1.74 -15.14 21.08
C LYS A 160 2.37 -16.30 21.86
N THR A 161 1.87 -17.49 21.59
CA THR A 161 2.42 -18.72 22.15
C THR A 161 3.40 -19.34 21.17
N ASN A 162 3.86 -20.55 21.47
CA ASN A 162 4.84 -21.24 20.64
C ASN A 162 4.35 -22.65 20.34
N ASP A 163 4.90 -23.21 19.25
CA ASP A 163 4.53 -24.56 18.84
C ASP A 163 4.92 -25.56 19.92
N SER A 164 4.00 -26.47 20.23
CA SER A 164 4.21 -27.42 21.32
C SER A 164 3.82 -28.82 20.86
N VAL A 165 4.51 -29.81 21.41
CA VAL A 165 4.20 -31.22 21.21
C VAL A 165 4.09 -31.90 22.56
N LYS A 166 3.27 -32.95 22.60
CA LYS A 166 3.04 -33.72 23.82
C LYS A 166 3.08 -35.20 23.45
N LEU A 167 3.94 -35.95 24.13
CA LEU A 167 4.11 -37.37 23.89
C LEU A 167 3.61 -38.16 25.09
N VAL A 168 2.95 -39.28 24.82
CA VAL A 168 2.34 -40.10 25.85
C VAL A 168 2.97 -41.49 25.79
N ALA A 169 3.44 -41.98 26.94
CA ALA A 169 4.05 -43.29 27.03
C ALA A 169 3.68 -43.95 28.34
N GLU A 170 3.94 -45.24 28.44
CA GLU A 170 3.57 -45.98 29.64
C GLU A 170 4.33 -45.49 30.87
N THR A 171 5.62 -45.21 30.72
CA THR A 171 6.45 -44.76 31.84
C THR A 171 7.04 -43.39 31.54
N SER A 172 7.44 -42.71 32.60
CA SER A 172 7.96 -41.34 32.47
C SER A 172 9.27 -41.31 31.68
N SER A 173 10.17 -42.26 31.96
CA SER A 173 11.45 -42.28 31.27
C SER A 173 11.27 -42.44 29.78
N ASP A 174 10.43 -43.39 29.37
CA ASP A 174 10.10 -43.51 27.96
C ASP A 174 9.36 -42.27 27.47
N SER A 175 8.53 -41.68 28.32
CA SER A 175 7.75 -40.51 27.90
C SER A 175 8.65 -39.36 27.48
N ASN A 176 9.76 -39.15 28.19
CA ASN A 176 10.62 -38.04 27.79
C ASN A 176 11.68 -38.45 26.78
N THR A 177 12.23 -39.67 26.90
CA THR A 177 13.24 -40.10 25.94
C THR A 177 12.66 -40.21 24.53
N LEU A 178 11.46 -40.78 24.41
CA LEU A 178 10.84 -40.91 23.09
C LEU A 178 10.51 -39.56 22.50
N LEU A 179 10.11 -38.59 23.34
CA LEU A 179 9.84 -37.26 22.83
C LEU A 179 11.10 -36.61 22.28
N ARG A 180 12.23 -36.75 22.99
CA ARG A 180 13.48 -36.19 22.49
C ARG A 180 13.89 -36.85 21.18
N GLN A 181 13.77 -38.18 21.11
CA GLN A 181 14.12 -38.87 19.87
C GLN A 181 13.19 -38.46 18.72
N TYR A 182 11.91 -38.26 19.02
CA TYR A 182 10.96 -37.86 17.99
C TYR A 182 11.29 -36.47 17.45
N VAL A 183 11.64 -35.54 18.33
CA VAL A 183 12.02 -34.20 17.88
C VAL A 183 13.27 -34.28 17.00
N VAL A 184 14.25 -35.09 17.41
CA VAL A 184 15.46 -35.25 16.60
C VAL A 184 15.12 -35.83 15.24
N PHE A 185 14.24 -36.84 15.20
CA PHE A 185 13.85 -37.46 13.94
C PHE A 185 13.15 -36.46 13.03
N ALA A 186 12.24 -35.65 13.58
CA ALA A 186 11.56 -34.64 12.79
C ALA A 186 12.54 -33.61 12.25
N SER A 187 13.51 -33.20 13.08
CA SER A 187 14.52 -32.25 12.61
C SER A 187 15.35 -32.85 11.48
N GLN A 188 15.71 -34.13 11.60
CA GLN A 188 16.48 -34.78 10.55
C GLN A 188 15.70 -34.84 9.24
N ARG A 189 14.42 -35.18 9.32
CA ARG A 189 13.61 -35.23 8.10
C ARG A 189 13.45 -33.85 7.48
N ALA A 190 13.25 -32.82 8.31
CA ALA A 190 13.14 -31.47 7.78
C ALA A 190 14.44 -31.03 7.11
N ALA A 191 15.58 -31.36 7.72
CA ALA A 191 16.86 -31.01 7.12
C ALA A 191 17.05 -31.72 5.79
N ASN A 192 16.67 -32.99 5.71
CA ASN A 192 16.78 -33.72 4.45
C ASN A 192 15.91 -33.10 3.38
N HIS A 193 14.67 -32.72 3.73
CA HIS A 193 13.80 -32.10 2.75
C HIS A 193 14.36 -30.76 2.27
N LEU A 194 14.88 -29.96 3.20
CA LEU A 194 15.45 -28.67 2.80
C LEU A 194 16.67 -28.86 1.90
N ASN A 195 17.49 -29.88 2.18
CA ASN A 195 18.63 -30.16 1.32
C ASN A 195 18.18 -30.55 -0.08
N GLU A 196 17.14 -31.38 -0.18
CA GLU A 196 16.64 -31.75 -1.50
C GLU A 196 16.10 -30.54 -2.26
N GLU A 197 15.41 -29.65 -1.55
CA GLU A 197 14.92 -28.42 -2.18
C GLU A 197 16.07 -27.56 -2.70
N ILE A 198 17.15 -27.44 -1.91
CA ILE A 198 18.31 -26.68 -2.35
C ILE A 198 18.90 -27.30 -3.61
N LYS A 199 19.03 -28.62 -3.64
CA LYS A 199 19.60 -29.28 -4.82
C LYS A 199 18.74 -29.03 -6.06
N GLY A 200 17.42 -29.14 -5.92
CA GLY A 200 16.55 -28.92 -7.07
C GLY A 200 16.61 -27.49 -7.58
N ALA A 201 16.57 -26.51 -6.67
CA ALA A 201 16.67 -25.12 -7.08
C ALA A 201 18.03 -24.83 -7.71
N TRP A 202 19.09 -25.48 -7.20
CA TRP A 202 20.40 -25.32 -7.80
C TRP A 202 20.44 -25.85 -9.23
N ALA A 203 19.83 -27.01 -9.47
CA ALA A 203 19.78 -27.55 -10.82
C ALA A 203 19.00 -26.62 -11.76
N ALA A 204 17.87 -26.11 -11.29
CA ALA A 204 17.11 -25.17 -12.11
C ALA A 204 17.93 -23.92 -12.40
N ARG A 205 18.65 -23.43 -11.40
CA ARG A 205 19.46 -22.22 -11.57
C ARG A 205 20.57 -22.44 -12.60
N THR A 206 21.26 -23.57 -12.53
CA THR A 206 22.35 -23.80 -13.47
C THR A 206 21.82 -24.00 -14.89
N ILE A 207 20.66 -24.63 -15.02
CA ILE A 207 20.03 -24.73 -16.34
C ILE A 207 19.71 -23.35 -16.88
N PHE A 208 19.17 -22.49 -16.02
CA PHE A 208 18.81 -21.14 -16.44
C PHE A 208 20.03 -20.34 -16.91
N MET A 209 21.13 -20.42 -16.14
CA MET A 209 22.34 -19.72 -16.56
C MET A 209 22.93 -20.30 -17.83
N LYS A 210 22.86 -21.62 -18.01
CA LYS A 210 23.33 -22.20 -19.27
C LYS A 210 22.54 -21.66 -20.45
N SER A 211 21.21 -21.56 -20.31
CA SER A 211 20.40 -21.00 -21.38
C SER A 211 20.75 -19.54 -21.64
N GLN A 212 20.93 -18.75 -20.58
CA GLN A 212 21.29 -17.35 -20.73
C GLN A 212 22.62 -17.20 -21.45
N ILE A 213 23.61 -18.02 -21.08
CA ILE A 213 24.92 -17.94 -21.71
C ILE A 213 24.83 -18.31 -23.19
N LYS A 214 24.09 -19.37 -23.51
CA LYS A 214 23.92 -19.74 -24.92
C LYS A 214 23.29 -18.60 -25.71
N ARG A 215 22.29 -17.94 -25.12
CA ARG A 215 21.65 -16.81 -25.78
C ARG A 215 22.64 -15.68 -26.03
N GLN A 216 23.48 -15.37 -25.04
CA GLN A 216 24.46 -14.31 -25.20
C GLN A 216 25.47 -14.64 -26.29
N GLU A 217 25.92 -15.90 -26.34
CA GLU A 217 26.83 -16.28 -27.42
C GLU A 217 26.16 -16.17 -28.77
N ALA A 218 24.88 -16.53 -28.86
CA ALA A 218 24.18 -16.39 -30.14
C ALA A 218 24.10 -14.93 -30.56
N VAL A 219 23.77 -14.04 -29.63
CA VAL A 219 23.69 -12.61 -29.95
C VAL A 219 25.05 -12.09 -30.42
N ALA A 220 26.11 -12.45 -29.69
CA ALA A 220 27.43 -11.98 -30.06
C ALA A 220 27.85 -12.52 -31.43
N LYS A 221 27.53 -13.78 -31.71
CA LYS A 221 27.86 -14.35 -33.02
C LYS A 221 27.13 -13.62 -34.13
N ALA A 222 25.85 -13.30 -33.92
CA ALA A 222 25.10 -12.56 -34.94
C ALA A 222 25.73 -11.18 -35.19
N ILE A 223 26.07 -10.47 -34.10
CA ILE A 223 26.65 -9.15 -34.26
C ILE A 223 28.00 -9.24 -34.98
N TYR A 224 28.83 -10.21 -34.60
CA TYR A 224 30.14 -10.37 -35.23
C TYR A 224 30.01 -10.70 -36.71
N ASP A 225 29.08 -11.59 -37.06
CA ASP A 225 28.89 -11.93 -38.46
C ASP A 225 28.44 -10.72 -39.26
N ARG A 226 27.49 -9.94 -38.73
CA ARG A 226 27.03 -8.76 -39.43
C ARG A 226 28.16 -7.76 -39.63
N GLU A 227 28.95 -7.53 -38.57
CA GLU A 227 30.05 -6.57 -38.65
C GLU A 227 31.10 -7.02 -39.66
N VAL A 228 31.45 -8.32 -39.66
CA VAL A 228 32.49 -8.79 -40.55
C VAL A 228 32.00 -8.76 -42.00
N ARG A 229 30.73 -9.05 -42.24
CA ARG A 229 30.20 -8.96 -43.60
C ARG A 229 30.23 -7.53 -44.09
N SER A 230 29.80 -6.59 -43.25
CA SER A 230 29.84 -5.19 -43.63
C SER A 230 31.28 -4.74 -43.90
N VAL A 231 32.23 -5.21 -43.08
CA VAL A 231 33.62 -4.79 -43.24
C VAL A 231 34.21 -5.31 -44.55
N GLU A 232 33.97 -6.59 -44.87
CA GLU A 232 34.47 -7.13 -46.14
C GLU A 232 33.87 -6.40 -47.33
N LEU A 233 32.56 -6.15 -47.28
CA LEU A 233 31.90 -5.50 -48.40
C LEU A 233 32.39 -4.07 -48.56
N ALA A 234 32.63 -3.38 -47.45
CA ALA A 234 33.23 -2.05 -47.51
C ALA A 234 34.64 -2.10 -48.05
N LEU A 235 35.40 -3.15 -47.73
CA LEU A 235 36.72 -3.33 -48.34
C LEU A 235 36.61 -3.43 -49.86
N LYS A 236 35.70 -4.26 -50.36
CA LYS A 236 35.56 -4.38 -51.80
C LYS A 236 35.19 -3.04 -52.43
N ILE A 237 34.26 -2.32 -51.81
CA ILE A 237 33.81 -1.04 -52.36
C ILE A 237 34.95 -0.02 -52.35
N ALA A 238 35.70 0.06 -51.25
CA ALA A 238 36.81 1.01 -51.18
C ALA A 238 37.91 0.65 -52.18
N GLN A 239 38.16 -0.65 -52.38
CA GLN A 239 39.11 -1.08 -53.39
C GLN A 239 38.67 -0.62 -54.78
N GLN A 240 37.36 -0.64 -55.05
CA GLN A 240 36.88 -0.18 -56.34
C GLN A 240 37.18 1.30 -56.56
N GLN A 241 37.04 2.13 -55.53
CA GLN A 241 37.34 3.56 -55.64
C GLN A 241 38.73 3.86 -55.10
N GLY A 242 38.94 5.13 -54.72
CA GLY A 242 40.25 5.64 -54.33
C GLY A 242 40.89 4.97 -53.13
N ILE A 243 42.22 5.06 -53.04
CA ILE A 243 42.98 4.32 -52.05
C ILE A 243 43.55 5.18 -50.93
N SER A 244 43.59 6.51 -51.10
CA SER A 244 44.22 7.36 -50.12
C SER A 244 43.47 7.33 -48.79
N ARG A 245 44.22 7.45 -47.70
CA ARG A 245 43.61 7.43 -46.38
C ARG A 245 42.77 8.68 -46.17
N SER A 246 41.60 8.49 -45.54
CA SER A 246 40.67 9.57 -45.21
C SER A 246 40.43 10.48 -46.42
N GLN A 247 39.91 9.88 -47.48
CA GLN A 247 39.63 10.64 -48.69
C GLN A 247 38.66 11.79 -48.41
N THR A 248 37.73 11.59 -47.48
CA THR A 248 36.95 12.67 -46.90
C THR A 248 37.10 12.57 -45.39
N ASP A 249 37.87 13.49 -44.81
CA ASP A 249 38.24 13.37 -43.41
C ASP A 249 37.04 13.67 -42.51
N THR A 250 37.29 13.56 -41.21
CA THR A 250 36.35 13.71 -40.10
C THR A 250 35.19 12.71 -40.10
N PRO A 251 35.42 11.41 -40.36
CA PRO A 251 34.61 10.41 -39.64
C PRO A 251 35.39 9.97 -38.40
N ALA A 252 35.47 10.88 -37.42
CA ALA A 252 36.48 10.77 -36.36
C ALA A 252 36.41 9.44 -35.65
N ASP A 253 35.22 9.01 -35.24
CA ASP A 253 35.04 7.73 -34.58
C ASP A 253 34.21 6.76 -35.41
N GLU A 254 33.01 7.15 -35.81
CA GLU A 254 32.13 6.26 -36.56
C GLU A 254 31.09 7.08 -37.30
N ILE A 255 31.07 6.94 -38.61
CA ILE A 255 30.00 7.45 -39.46
C ILE A 255 29.31 6.22 -40.04
N PRO A 256 27.96 6.12 -39.98
CA PRO A 256 27.32 4.81 -40.08
C PRO A 256 27.63 3.99 -41.33
N ALA A 257 27.22 2.73 -41.32
CA ALA A 257 27.55 1.79 -42.39
C ALA A 257 27.24 2.36 -43.77
N SER A 258 26.42 3.41 -43.83
CA SER A 258 26.22 4.13 -45.08
C SER A 258 27.52 4.69 -45.62
N GLU A 259 28.46 5.06 -44.74
CA GLU A 259 29.80 5.48 -45.13
C GLU A 259 30.83 4.73 -44.30
N MET A 260 31.52 3.78 -44.94
CA MET A 260 32.64 3.10 -44.28
C MET A 260 33.83 2.92 -45.20
N PHE A 261 33.76 3.40 -46.44
CA PHE A 261 34.88 3.39 -47.38
C PHE A 261 35.77 4.62 -47.23
N LEU A 262 35.38 5.59 -46.39
CA LEU A 262 36.07 6.85 -46.31
C LEU A 262 37.46 6.71 -45.70
N LEU A 263 37.69 5.64 -44.95
CA LEU A 263 38.90 5.53 -44.13
C LEU A 263 40.13 5.20 -44.97
N GLY A 264 40.00 4.24 -45.89
CA GLY A 264 41.14 3.82 -46.70
C GLY A 264 41.22 2.32 -46.88
N ARG A 265 42.01 1.86 -47.85
CA ARG A 265 42.07 0.43 -48.18
C ARG A 265 42.93 -0.37 -47.20
N PRO A 266 44.20 0.03 -46.92
CA PRO A 266 44.92 -0.59 -45.79
C PRO A 266 44.13 -0.50 -44.50
N MET A 267 43.45 0.63 -44.31
CA MET A 267 42.62 0.83 -43.12
C MET A 267 41.59 -0.29 -42.98
N LEU A 268 40.71 -0.42 -43.97
CA LEU A 268 39.66 -1.43 -43.92
C LEU A 268 40.21 -2.85 -44.03
N GLN A 269 41.39 -3.04 -44.64
CA GLN A 269 41.96 -4.37 -44.73
C GLN A 269 42.45 -4.85 -43.36
N ALA A 270 43.18 -3.99 -42.65
CA ALA A 270 43.54 -4.34 -41.28
C ALA A 270 42.31 -4.46 -40.40
N ARG A 271 41.27 -3.67 -40.67
CA ARG A 271 39.98 -3.85 -40.00
C ARG A 271 39.45 -5.26 -40.20
N LEU A 272 39.42 -5.73 -41.45
CA LEU A 272 38.92 -7.06 -41.74
C LEU A 272 39.75 -8.12 -41.02
N GLU A 273 41.08 -7.98 -41.08
CA GLU A 273 41.91 -9.02 -40.46
C GLU A 273 41.76 -9.02 -38.94
N THR A 274 41.59 -7.85 -38.30
CA THR A 274 41.42 -7.87 -36.84
C THR A 274 40.05 -8.41 -36.44
N LEU A 275 38.99 -8.10 -37.19
CA LEU A 275 37.72 -8.75 -36.92
C LEU A 275 37.81 -10.26 -37.12
N GLN A 276 38.46 -10.70 -38.19
CA GLN A 276 38.56 -12.14 -38.44
C GLN A 276 39.34 -12.84 -37.34
N THR A 277 40.41 -12.24 -36.85
CA THR A 277 41.26 -12.88 -35.84
C THR A 277 40.80 -12.66 -34.42
N SER A 278 39.84 -11.76 -34.18
CA SER A 278 39.31 -11.53 -32.85
C SER A 278 37.87 -12.05 -32.79
N GLY A 279 37.55 -12.74 -31.70
CA GLY A 279 36.24 -13.33 -31.55
C GLY A 279 35.15 -12.29 -31.41
N PRO A 280 33.91 -12.74 -31.34
CA PRO A 280 32.80 -11.79 -31.18
C PRO A 280 32.95 -10.99 -29.89
N HIS A 281 32.53 -9.73 -29.95
CA HIS A 281 32.64 -8.84 -28.81
C HIS A 281 31.58 -9.19 -27.78
N TYR A 282 32.02 -9.47 -26.55
CA TYR A 282 31.11 -9.78 -25.46
C TYR A 282 31.11 -8.65 -24.43
N GLU A 283 30.03 -8.55 -23.67
CA GLU A 283 29.88 -7.53 -22.65
C GLU A 283 30.23 -8.11 -21.28
N LEU A 284 30.13 -7.27 -20.25
CA LEU A 284 30.45 -7.70 -18.89
C LEU A 284 29.46 -8.73 -18.38
N ASP A 285 28.20 -8.62 -18.79
CA ASP A 285 27.19 -9.57 -18.34
C ASP A 285 27.53 -10.99 -18.75
N TYR A 286 28.14 -11.18 -19.92
CA TYR A 286 28.53 -12.51 -20.34
C TYR A 286 29.54 -13.12 -19.36
N ASP A 287 30.55 -12.33 -18.98
CA ASP A 287 31.58 -12.83 -18.08
C ASP A 287 31.01 -13.12 -16.70
N GLN A 288 30.12 -12.24 -16.22
CA GLN A 288 29.48 -12.49 -14.93
C GLN A 288 28.65 -13.75 -14.97
N ASN A 289 27.92 -13.97 -16.05
CA ASN A 289 27.12 -15.19 -16.18
C ASN A 289 28.00 -16.42 -16.28
N ARG A 290 29.15 -16.31 -16.95
CA ARG A 290 30.08 -17.45 -17.02
C ARG A 290 30.62 -17.79 -15.64
N ALA A 291 30.99 -16.78 -14.86
CA ALA A 291 31.46 -17.04 -13.50
C ALA A 291 30.36 -17.65 -12.65
N MET A 292 29.13 -17.17 -12.81
CA MET A 292 28.00 -17.71 -12.07
C MET A 292 27.76 -19.18 -12.42
N LEU A 293 27.85 -19.51 -13.72
CA LEU A 293 27.71 -20.90 -14.13
C LEU A 293 28.83 -21.75 -13.57
N ALA A 294 30.05 -21.20 -13.51
CA ALA A 294 31.16 -21.96 -12.94
C ALA A 294 30.92 -22.28 -11.48
N THR A 295 30.53 -21.27 -10.69
CA THR A 295 30.33 -21.52 -9.27
C THR A 295 29.08 -22.36 -9.01
N LEU A 296 28.11 -22.36 -9.93
CA LEU A 296 27.00 -23.29 -9.81
C LEU A 296 27.41 -24.71 -10.17
N ASN A 297 28.30 -24.87 -11.14
CA ASN A 297 28.78 -26.18 -11.55
C ASN A 297 29.74 -26.79 -10.55
N VAL A 298 30.35 -25.99 -9.68
CA VAL A 298 31.24 -26.55 -8.66
C VAL A 298 30.45 -27.40 -7.68
N GLY A 299 29.14 -27.19 -7.58
CA GLY A 299 28.29 -27.98 -6.71
C GLY A 299 28.13 -27.36 -5.34
N PRO A 300 27.02 -27.66 -4.68
CA PRO A 300 26.80 -27.13 -3.32
C PRO A 300 27.38 -28.02 -2.25
N THR A 301 28.17 -27.44 -1.35
CA THR A 301 28.77 -28.19 -0.24
C THR A 301 27.69 -28.41 0.82
N LEU A 302 26.90 -29.46 0.59
CA LEU A 302 25.77 -29.77 1.46
C LEU A 302 26.24 -30.47 2.72
N GLU A 303 25.48 -30.30 3.80
CA GLU A 303 25.77 -30.92 5.08
C GLU A 303 24.74 -32.01 5.37
N ALA A 304 25.20 -33.07 6.04
CA ALA A 304 24.34 -34.23 6.28
C ALA A 304 23.19 -33.88 7.21
N SER A 305 23.47 -33.24 8.34
CA SER A 305 22.45 -32.97 9.34
C SER A 305 22.73 -31.65 10.03
N PHE A 306 21.68 -30.82 10.13
CA PHE A 306 21.75 -29.58 10.89
C PHE A 306 20.44 -29.43 11.66
N GLN A 307 20.53 -28.81 12.84
CA GLN A 307 19.38 -28.66 13.72
C GLN A 307 18.55 -27.48 13.28
N THR A 308 17.25 -27.69 13.07
CA THR A 308 16.34 -26.67 12.58
C THR A 308 15.33 -26.24 13.63
N TYR A 309 15.65 -26.38 14.91
CA TYR A 309 14.72 -26.03 15.99
C TYR A 309 15.52 -25.43 17.14
N ARG A 310 14.81 -24.71 18.01
CA ARG A 310 15.40 -24.17 19.22
C ARG A 310 14.50 -24.54 20.40
N TYR A 311 15.10 -25.08 21.45
CA TYR A 311 14.34 -25.57 22.60
C TYR A 311 14.02 -24.44 23.57
N LEU A 312 12.74 -24.27 23.86
CA LEU A 312 12.26 -23.41 24.94
C LEU A 312 11.73 -24.22 26.12
N ARG A 313 10.82 -25.15 25.81
CA ARG A 313 10.45 -26.33 26.62
C ARG A 313 11.17 -27.56 26.12
N THR A 314 12.19 -27.99 26.87
CA THR A 314 12.86 -29.25 26.67
C THR A 314 12.05 -30.38 27.32
N PRO A 315 11.93 -31.52 26.65
CA PRO A 315 11.25 -32.66 27.27
C PRO A 315 11.91 -33.07 28.58
N GLU A 316 11.08 -33.42 29.56
CA GLU A 316 11.58 -33.81 30.88
C GLU A 316 10.64 -34.86 31.46
N GLU A 317 11.10 -35.50 32.52
CA GLU A 317 10.31 -36.54 33.16
C GLU A 317 9.10 -35.92 33.85
N PRO A 318 7.88 -36.32 33.51
CA PRO A 318 6.71 -35.77 34.20
C PRO A 318 6.68 -36.21 35.65
N VAL A 319 6.11 -35.35 36.50
CA VAL A 319 6.04 -35.64 37.91
C VAL A 319 4.70 -36.23 38.34
N LYS A 320 3.64 -36.04 37.55
CA LYS A 320 2.33 -36.58 37.87
C LYS A 320 1.71 -37.19 36.62
N ARG A 321 0.99 -38.29 36.81
CA ARG A 321 0.30 -38.94 35.70
C ARG A 321 -0.95 -38.18 35.31
N ASP A 322 -1.20 -38.08 34.01
CA ASP A 322 -2.41 -37.44 33.51
C ASP A 322 -3.57 -38.41 33.40
N SER A 323 -3.27 -39.67 33.13
CA SER A 323 -4.24 -40.76 32.98
C SER A 323 -4.55 -41.34 34.37
N PRO A 324 -5.38 -42.41 34.50
CA PRO A 324 -6.16 -42.60 35.72
C PRO A 324 -6.43 -41.35 36.56
N ARG A 325 -5.45 -40.90 37.34
CA ARG A 325 -5.68 -39.92 38.41
C ARG A 325 -6.73 -40.47 39.37
N ARG A 326 -6.31 -41.54 40.07
CA ARG A 326 -7.24 -42.40 40.79
C ARG A 326 -8.15 -41.61 41.72
N ALA A 327 -7.62 -40.56 42.35
CA ALA A 327 -8.45 -39.72 43.22
C ALA A 327 -9.58 -39.08 42.45
N PHE A 328 -9.31 -38.59 41.24
CA PHE A 328 -10.36 -37.98 40.43
C PHE A 328 -11.43 -39.01 40.06
N LEU A 329 -11.01 -40.21 39.67
CA LEU A 329 -11.98 -41.26 39.36
C LEU A 329 -12.66 -41.78 40.63
N MET A 330 -11.94 -41.76 41.76
CA MET A 330 -12.53 -42.22 43.02
C MET A 330 -13.72 -41.35 43.41
N VAL A 331 -13.52 -40.02 43.41
CA VAL A 331 -14.57 -39.12 43.85
C VAL A 331 -15.70 -39.06 42.83
N MET A 332 -15.34 -38.99 41.54
CA MET A 332 -16.34 -38.73 40.50
C MET A 332 -17.41 -39.81 40.46
N TRP A 333 -17.01 -41.05 40.12
CA TRP A 333 -18.00 -42.12 39.99
C TRP A 333 -18.58 -42.55 41.33
N GLY A 334 -17.88 -42.29 42.43
CA GLY A 334 -18.45 -42.57 43.74
C GLY A 334 -19.64 -41.65 44.05
N ALA A 335 -19.53 -40.38 43.68
CA ALA A 335 -20.61 -39.44 43.93
C ALA A 335 -21.79 -39.66 42.99
N ILE A 336 -21.53 -40.19 41.80
CA ILE A 336 -22.62 -40.43 40.84
C ILE A 336 -23.61 -41.45 41.40
N GLY A 337 -23.10 -42.53 41.98
CA GLY A 337 -23.95 -43.55 42.55
C GLY A 337 -24.62 -43.12 43.84
N ILE B 39 -39.59 -54.23 25.97
CA ILE B 39 -39.71 -53.33 24.83
C ILE B 39 -38.32 -52.91 24.35
N GLY B 40 -37.43 -52.64 25.31
CA GLY B 40 -36.07 -52.26 24.96
C GLY B 40 -35.32 -53.35 24.23
N LEU B 41 -35.57 -54.61 24.60
CA LEU B 41 -34.89 -55.72 23.94
C LEU B 41 -35.29 -55.82 22.47
N LEU B 42 -36.55 -55.54 22.15
CA LEU B 42 -36.99 -55.59 20.77
C LEU B 42 -36.27 -54.55 19.92
N PHE B 43 -36.18 -53.31 20.43
CA PHE B 43 -35.44 -52.28 19.71
C PHE B 43 -33.95 -52.60 19.63
N ALA B 44 -33.40 -53.22 20.68
CA ALA B 44 -32.01 -53.64 20.64
C ALA B 44 -31.77 -54.66 19.54
N VAL B 45 -32.67 -55.63 19.42
CA VAL B 45 -32.55 -56.64 18.37
C VAL B 45 -32.72 -56.01 16.99
N VAL B 46 -33.64 -55.04 16.87
CA VAL B 46 -33.84 -54.36 15.59
C VAL B 46 -32.57 -53.61 15.18
N ALA B 47 -31.96 -52.90 16.13
CA ALA B 47 -30.72 -52.19 15.83
C ALA B 47 -29.59 -53.16 15.49
N LEU B 48 -29.53 -54.30 16.19
CA LEU B 48 -28.51 -55.30 15.90
C LEU B 48 -28.66 -55.85 14.49
N GLY B 49 -29.90 -56.15 14.09
CA GLY B 49 -30.14 -56.62 12.73
C GLY B 49 -29.83 -55.56 11.68
N TYR B 50 -30.18 -54.31 11.98
CA TYR B 50 -29.86 -53.22 11.06
C TYR B 50 -28.35 -53.08 10.88
N SER B 51 -27.60 -53.21 11.98
CA SER B 51 -26.15 -53.17 11.87
C SER B 51 -25.62 -54.35 11.06
N TYR B 52 -26.20 -55.54 11.25
CA TYR B 52 -25.79 -56.68 10.45
C TYR B 52 -26.15 -56.54 8.98
N LEU B 53 -27.16 -55.73 8.65
CA LEU B 53 -27.61 -55.60 7.26
C LEU B 53 -26.94 -54.46 6.51
N VAL B 54 -26.53 -53.40 7.20
CA VAL B 54 -25.94 -52.24 6.53
C VAL B 54 -24.52 -52.57 6.09
N LYS B 55 -24.19 -52.20 4.86
CA LYS B 55 -22.85 -52.44 4.32
C LYS B 55 -21.81 -51.72 5.18
N GLN B 56 -20.75 -52.44 5.54
CA GLN B 56 -19.68 -51.85 6.33
C GLN B 56 -18.87 -50.88 5.48
N GLU B 57 -18.56 -49.71 6.04
CA GLU B 57 -17.79 -48.69 5.36
C GLU B 57 -16.54 -48.36 6.17
N TRP B 58 -15.39 -48.75 5.65
CA TRP B 58 -14.10 -48.40 6.21
C TRP B 58 -13.53 -47.19 5.48
N GLY B 59 -12.96 -46.27 6.24
CA GLY B 59 -12.47 -45.03 5.69
C GLY B 59 -10.98 -44.81 5.83
N ALA B 60 -10.35 -44.38 4.75
CA ALA B 60 -8.94 -44.04 4.72
C ALA B 60 -8.78 -42.55 4.45
N THR B 61 -7.92 -41.89 5.22
CA THR B 61 -7.77 -40.44 5.16
C THR B 61 -6.34 -40.10 4.76
N SER B 62 -6.20 -39.16 3.82
CA SER B 62 -4.91 -38.66 3.39
C SER B 62 -4.95 -37.15 3.36
N ILE B 63 -3.80 -36.52 3.64
CA ILE B 63 -3.68 -35.06 3.56
C ILE B 63 -2.41 -34.74 2.80
N THR B 64 -2.51 -33.77 1.89
CA THR B 64 -1.44 -33.48 0.95
C THR B 64 -1.07 -32.00 1.03
N ASP B 65 0.11 -31.68 0.49
CA ASP B 65 0.60 -30.31 0.44
C ASP B 65 1.26 -30.07 -0.91
N LYS B 66 1.83 -28.88 -1.08
CA LYS B 66 2.40 -28.50 -2.36
C LYS B 66 3.63 -29.34 -2.69
N PRO B 67 3.86 -29.61 -3.97
CA PRO B 67 4.96 -30.51 -4.34
C PRO B 67 6.32 -29.84 -4.22
N THR B 68 7.35 -30.67 -4.14
CA THR B 68 8.72 -30.20 -4.10
C THR B 68 9.15 -29.73 -5.48
N VAL B 69 10.16 -28.87 -5.51
CA VAL B 69 10.70 -28.38 -6.78
C VAL B 69 11.35 -29.52 -7.55
N ASN B 70 12.01 -30.43 -6.86
CA ASN B 70 12.72 -31.52 -7.53
C ASN B 70 11.76 -32.45 -8.25
N MET B 71 10.61 -32.74 -7.64
CA MET B 71 9.68 -33.72 -8.19
C MET B 71 8.79 -33.14 -9.29
N LEU B 72 8.82 -31.82 -9.51
CA LEU B 72 8.06 -31.26 -10.62
C LEU B 72 8.71 -31.56 -11.97
N GLY B 73 9.99 -31.89 -11.99
CA GLY B 73 10.65 -32.25 -13.23
C GLY B 73 10.87 -31.06 -14.14
N GLY B 74 11.08 -31.37 -15.42
CA GLY B 74 11.40 -30.34 -16.40
C GLY B 74 10.33 -29.29 -16.56
N TYR B 75 9.10 -29.58 -16.09
CA TYR B 75 8.05 -28.58 -16.11
C TYR B 75 8.48 -27.29 -15.41
N TYR B 76 9.24 -27.42 -14.32
CA TYR B 76 9.71 -26.23 -13.61
C TYR B 76 10.51 -25.33 -14.54
N SER B 77 11.45 -25.92 -15.29
CA SER B 77 12.23 -25.14 -16.24
C SER B 77 11.38 -24.63 -17.39
N GLN B 78 10.41 -25.42 -17.85
CA GLN B 78 9.60 -25.03 -19.00
C GLN B 78 8.59 -23.95 -18.67
N GLN B 79 8.26 -23.77 -17.39
CA GLN B 79 7.42 -22.65 -16.98
C GLN B 79 8.25 -21.41 -16.67
N GLN B 80 9.47 -21.58 -16.18
CA GLN B 80 10.33 -20.43 -15.94
C GLN B 80 10.77 -19.79 -17.24
N PHE B 81 11.05 -20.60 -18.28
CA PHE B 81 11.34 -20.04 -19.59
C PHE B 81 10.16 -19.23 -20.12
N LEU B 82 8.94 -19.57 -19.70
CA LEU B 82 7.75 -18.91 -20.22
C LEU B 82 7.36 -17.67 -19.44
N ARG B 83 7.64 -17.64 -18.13
CA ARG B 83 7.25 -16.51 -17.29
C ARG B 83 8.45 -15.69 -16.83
N ASN B 84 9.49 -16.35 -16.31
CA ASN B 84 10.61 -15.63 -15.69
C ASN B 84 11.36 -14.76 -16.67
N LEU B 85 11.35 -15.08 -17.96
CA LEU B 85 12.03 -14.25 -18.95
C LEU B 85 11.11 -13.69 -20.00
N ASP B 86 10.25 -14.52 -20.60
CA ASP B 86 9.53 -14.10 -21.80
C ASP B 86 8.51 -13.02 -21.48
N ALA B 87 7.54 -13.33 -20.63
CA ALA B 87 6.42 -12.42 -20.41
C ALA B 87 6.89 -11.10 -19.83
N ARG B 88 7.64 -11.15 -18.72
CA ARG B 88 8.02 -9.92 -18.04
C ARG B 88 8.91 -9.03 -18.88
N SER B 89 9.90 -9.62 -19.55
CA SER B 89 10.86 -8.80 -20.29
C SER B 89 10.31 -8.31 -21.62
N PHE B 90 9.50 -9.12 -22.31
CA PHE B 90 9.06 -8.76 -23.65
C PHE B 90 7.62 -8.26 -23.70
N SER B 91 6.95 -8.14 -22.55
CA SER B 91 5.62 -7.56 -22.52
C SER B 91 5.40 -6.54 -21.41
N SER B 92 6.16 -6.61 -20.31
CA SER B 92 5.94 -5.76 -19.15
C SER B 92 4.48 -5.76 -18.70
N PRO B 93 3.92 -6.92 -18.34
CA PRO B 93 2.52 -6.96 -17.93
C PRO B 93 2.31 -6.57 -16.47
N GLN B 94 3.35 -6.71 -15.68
CA GLN B 94 3.33 -6.44 -14.24
C GLN B 94 2.16 -7.16 -13.53
N PRO B 95 2.09 -8.49 -13.63
CA PRO B 95 1.02 -9.21 -12.92
C PRO B 95 1.48 -9.71 -11.56
N GLU B 96 0.53 -10.26 -10.79
CA GLU B 96 0.83 -10.96 -9.55
C GLU B 96 0.39 -12.41 -9.70
N GLN B 97 1.34 -13.33 -9.63
CA GLN B 97 1.06 -14.73 -9.87
C GLN B 97 1.69 -15.59 -8.78
N PRO B 98 1.07 -16.73 -8.46
CA PRO B 98 1.63 -17.63 -7.45
C PRO B 98 2.86 -18.36 -7.95
N SER B 99 3.48 -19.16 -7.09
CA SER B 99 4.64 -19.93 -7.49
C SER B 99 4.24 -21.07 -8.43
N ILE B 100 5.23 -21.60 -9.13
CA ILE B 100 4.98 -22.72 -10.04
C ILE B 100 4.47 -23.93 -9.27
N SER B 101 5.13 -24.24 -8.15
CA SER B 101 4.66 -25.33 -7.30
C SER B 101 3.29 -25.03 -6.73
N ALA B 102 3.04 -23.77 -6.36
CA ALA B 102 1.73 -23.40 -5.85
C ALA B 102 0.64 -23.60 -6.91
N GLY B 103 0.93 -23.22 -8.16
CA GLY B 103 -0.04 -23.42 -9.21
C GLY B 103 -0.28 -24.90 -9.51
N ALA B 104 0.79 -25.69 -9.53
CA ALA B 104 0.63 -27.13 -9.74
C ALA B 104 -0.22 -27.75 -8.64
N TYR B 105 0.03 -27.37 -7.40
CA TYR B 105 -0.76 -27.91 -6.30
C TYR B 105 -2.21 -27.42 -6.37
N ASP B 106 -2.42 -26.18 -6.79
CA ASP B 106 -3.78 -25.67 -6.92
C ASP B 106 -4.55 -26.46 -7.96
N GLU B 107 -3.92 -26.77 -9.10
CA GLU B 107 -4.61 -27.58 -10.10
C GLU B 107 -4.80 -29.02 -9.63
N PHE B 108 -3.84 -29.55 -8.89
CA PHE B 108 -4.02 -30.90 -8.34
C PHE B 108 -5.22 -30.94 -7.40
N ILE B 109 -5.38 -29.92 -6.56
CA ILE B 109 -6.53 -29.85 -5.68
C ILE B 109 -7.81 -29.69 -6.48
N MET B 110 -7.78 -28.86 -7.53
CA MET B 110 -8.96 -28.66 -8.36
C MET B 110 -9.41 -29.96 -9.00
N GLN B 111 -8.47 -30.75 -9.50
CA GLN B 111 -8.78 -32.03 -10.13
C GLN B 111 -8.95 -33.15 -9.12
N LEU B 112 -8.64 -32.92 -7.85
CA LEU B 112 -8.79 -33.94 -6.82
C LEU B 112 -10.16 -33.92 -6.18
N ALA B 113 -10.78 -32.74 -6.07
CA ALA B 113 -12.14 -32.61 -5.58
C ALA B 113 -13.13 -32.50 -6.73
N ALA B 114 -12.68 -32.59 -7.97
CA ALA B 114 -13.57 -32.52 -9.12
C ALA B 114 -14.39 -33.81 -9.23
N TYR B 115 -15.68 -33.64 -9.51
CA TYR B 115 -16.57 -34.80 -9.58
C TYR B 115 -16.23 -35.69 -10.76
N ASP B 116 -15.83 -35.10 -11.88
CA ASP B 116 -15.56 -35.89 -13.08
C ASP B 116 -14.38 -36.83 -12.85
N THR B 117 -13.35 -36.37 -12.14
CA THR B 117 -12.23 -37.24 -11.82
C THR B 117 -12.69 -38.44 -11.01
N ARG B 118 -13.57 -38.21 -10.03
CA ARG B 118 -14.06 -39.31 -9.21
C ARG B 118 -14.88 -40.29 -10.03
N ARG B 119 -15.74 -39.78 -10.93
CA ARG B 119 -16.52 -40.65 -11.80
C ARG B 119 -15.61 -41.50 -12.67
N ASP B 120 -14.59 -40.88 -13.27
CA ASP B 120 -13.69 -41.64 -14.14
C ASP B 120 -12.91 -42.68 -13.34
N PHE B 121 -12.47 -42.33 -12.13
CA PHE B 121 -11.72 -43.28 -11.31
C PHE B 121 -12.60 -44.46 -10.91
N TRP B 122 -13.84 -44.20 -10.51
CA TRP B 122 -14.72 -45.31 -10.14
C TRP B 122 -15.15 -46.11 -11.36
N LEU B 123 -15.14 -45.49 -12.54
CA LEU B 123 -15.46 -46.23 -13.75
C LEU B 123 -14.31 -47.11 -14.22
N GLN B 124 -13.06 -46.72 -13.94
CA GLN B 124 -11.90 -47.46 -14.40
C GLN B 124 -11.39 -48.51 -13.42
N THR B 125 -11.98 -48.61 -12.23
CA THR B 125 -11.45 -49.53 -11.23
C THR B 125 -12.18 -50.87 -11.29
N ASP B 126 -11.51 -51.90 -10.78
CA ASP B 126 -12.11 -53.23 -10.66
C ASP B 126 -13.04 -53.35 -9.45
N TYR B 127 -12.97 -52.40 -8.51
CA TYR B 127 -13.90 -52.39 -7.39
C TYR B 127 -15.33 -52.18 -7.84
N TYR B 128 -15.55 -51.48 -8.95
CA TYR B 128 -16.89 -51.20 -9.46
C TYR B 128 -17.33 -52.14 -10.56
N LYS B 129 -16.40 -52.64 -11.38
CA LYS B 129 -16.75 -53.57 -12.44
C LYS B 129 -17.18 -54.93 -11.90
N GLN B 130 -16.59 -55.39 -10.80
CA GLN B 130 -16.97 -56.66 -10.21
C GLN B 130 -18.20 -56.55 -9.33
N ARG B 131 -18.63 -55.34 -8.99
CA ARG B 131 -19.84 -55.11 -8.21
C ARG B 131 -21.02 -54.73 -9.09
N LEU B 132 -20.91 -54.92 -10.39
CA LEU B 132 -21.94 -54.52 -11.34
C LEU B 132 -22.96 -55.64 -11.49
N GLU B 133 -24.23 -55.31 -11.35
CA GLU B 133 -25.28 -56.32 -11.47
C GLU B 133 -25.80 -56.43 -12.90
N GLY B 134 -26.15 -55.31 -13.52
CA GLY B 134 -26.63 -55.31 -14.89
C GLY B 134 -27.79 -54.35 -15.13
N ASP B 135 -28.54 -54.06 -14.08
CA ASP B 135 -29.66 -53.13 -14.19
C ASP B 135 -29.10 -51.72 -14.24
N GLU B 136 -29.55 -50.93 -15.22
CA GLU B 136 -29.00 -49.59 -15.40
C GLU B 136 -29.28 -48.71 -14.20
N LYS B 137 -30.47 -48.80 -13.62
CA LYS B 137 -30.80 -48.01 -12.43
C LYS B 137 -29.87 -48.38 -11.29
N ALA B 138 -29.70 -49.68 -11.03
CA ALA B 138 -28.82 -50.12 -9.95
C ALA B 138 -27.38 -49.72 -10.21
N ASP B 139 -26.92 -49.83 -11.47
CA ASP B 139 -25.56 -49.45 -11.80
C ASP B 139 -25.32 -47.96 -11.54
N ALA B 140 -26.26 -47.12 -11.99
CA ALA B 140 -26.12 -45.68 -11.78
C ALA B 140 -26.16 -45.33 -10.30
N ALA B 141 -27.06 -45.96 -9.54
CA ALA B 141 -27.12 -45.70 -8.11
C ALA B 141 -25.84 -46.10 -7.41
N LEU B 142 -25.28 -47.26 -7.78
CA LEU B 142 -24.03 -47.71 -7.17
C LEU B 142 -22.89 -46.76 -7.51
N LEU B 143 -22.82 -46.29 -8.76
CA LEU B 143 -21.78 -45.35 -9.14
C LEU B 143 -21.90 -44.04 -8.38
N ASP B 144 -23.12 -43.52 -8.24
CA ASP B 144 -23.33 -42.29 -7.50
C ASP B 144 -22.92 -42.46 -6.04
N GLU B 145 -23.28 -43.60 -5.43
CA GLU B 145 -22.88 -43.85 -4.05
C GLU B 145 -21.37 -43.95 -3.91
N LEU B 146 -20.71 -44.64 -4.85
CA LEU B 146 -19.26 -44.78 -4.80
C LEU B 146 -18.56 -43.44 -4.92
N VAL B 147 -19.04 -42.58 -5.82
CA VAL B 147 -18.40 -41.27 -5.98
C VAL B 147 -18.67 -40.38 -4.76
N ASN B 148 -19.90 -40.40 -4.25
CA ASN B 148 -20.18 -39.67 -3.02
C ASN B 148 -19.41 -40.22 -1.84
N ASN B 149 -18.87 -41.43 -1.94
CA ASN B 149 -18.05 -41.98 -0.88
C ASN B 149 -16.81 -41.14 -0.65
N ILE B 150 -16.19 -40.68 -1.73
CA ILE B 150 -14.98 -39.86 -1.63
C ILE B 150 -15.37 -38.45 -1.20
N GLN B 151 -14.75 -37.98 -0.12
CA GLN B 151 -15.02 -36.65 0.41
C GLN B 151 -13.73 -35.85 0.46
N PHE B 152 -13.87 -34.54 0.28
CA PHE B 152 -12.73 -33.62 0.26
C PHE B 152 -12.95 -32.50 1.26
N THR B 153 -11.88 -32.08 1.93
CA THR B 153 -11.91 -30.95 2.84
C THR B 153 -10.75 -30.02 2.50
N ALA B 154 -11.08 -28.80 2.11
CA ALA B 154 -10.08 -27.83 1.70
C ALA B 154 -9.39 -27.20 2.91
N ARG B 155 -8.16 -26.75 2.68
CA ARG B 155 -7.40 -26.14 3.77
C ARG B 155 -7.93 -24.75 4.09
N ASP B 156 -7.97 -24.43 5.39
CA ASP B 156 -8.36 -23.12 5.87
C ASP B 156 -7.15 -22.47 6.52
N ASP B 157 -6.80 -21.27 6.06
CA ASP B 157 -5.63 -20.59 6.61
C ASP B 157 -5.86 -20.11 8.04
N GLY B 158 -7.11 -19.99 8.47
CA GLY B 158 -7.36 -19.62 9.86
C GLY B 158 -6.87 -20.66 10.84
N LYS B 159 -7.14 -21.93 10.55
CA LYS B 159 -6.63 -23.04 11.35
C LYS B 159 -5.35 -23.63 10.78
N LYS B 160 -4.83 -23.04 9.71
CA LYS B 160 -3.62 -23.49 9.00
C LYS B 160 -3.55 -25.01 8.91
N THR B 161 -4.61 -25.59 8.35
CA THR B 161 -4.67 -27.01 8.09
C THR B 161 -4.25 -27.28 6.64
N ASN B 162 -4.41 -28.53 6.20
CA ASN B 162 -4.01 -28.93 4.86
C ASN B 162 -5.16 -29.65 4.17
N ASP B 163 -5.11 -29.66 2.84
CA ASP B 163 -6.13 -30.32 2.04
C ASP B 163 -6.16 -31.81 2.35
N SER B 164 -7.35 -32.35 2.55
CA SER B 164 -7.52 -33.74 2.95
C SER B 164 -8.60 -34.41 2.12
N VAL B 165 -8.42 -35.71 1.89
CA VAL B 165 -9.41 -36.54 1.22
C VAL B 165 -9.67 -37.77 2.07
N LYS B 166 -10.90 -38.29 1.96
CA LYS B 166 -11.33 -39.46 2.70
C LYS B 166 -12.06 -40.39 1.74
N LEU B 167 -11.60 -41.64 1.66
CA LEU B 167 -12.20 -42.63 0.78
C LEU B 167 -12.86 -43.72 1.61
N VAL B 168 -14.02 -44.17 1.16
CA VAL B 168 -14.83 -45.16 1.86
C VAL B 168 -14.97 -46.39 0.98
N ALA B 169 -14.67 -47.56 1.54
CA ALA B 169 -14.77 -48.81 0.81
C ALA B 169 -15.26 -49.90 1.75
N GLU B 170 -15.66 -51.03 1.16
CA GLU B 170 -16.19 -52.13 1.97
C GLU B 170 -15.14 -52.70 2.92
N THR B 171 -13.92 -52.87 2.45
CA THR B 171 -12.84 -53.44 3.25
C THR B 171 -11.69 -52.45 3.38
N SER B 172 -10.88 -52.66 4.42
CA SER B 172 -9.78 -51.75 4.71
C SER B 172 -8.74 -51.74 3.60
N SER B 173 -8.40 -52.93 3.09
CA SER B 173 -7.37 -53.01 2.04
C SER B 173 -7.80 -52.24 0.80
N ASP B 174 -9.04 -52.44 0.36
CA ASP B 174 -9.56 -51.63 -0.74
C ASP B 174 -9.64 -50.16 -0.33
N SER B 175 -9.97 -49.89 0.93
CA SER B 175 -10.11 -48.51 1.38
C SER B 175 -8.82 -47.73 1.21
N ASN B 176 -7.68 -48.35 1.49
CA ASN B 176 -6.44 -47.60 1.32
C ASN B 176 -5.85 -47.72 -0.08
N THR B 177 -5.96 -48.89 -0.71
CA THR B 177 -5.42 -49.05 -2.06
C THR B 177 -6.14 -48.15 -3.05
N LEU B 178 -7.47 -48.08 -2.96
CA LEU B 178 -8.23 -47.23 -3.88
C LEU B 178 -7.91 -45.76 -3.65
N LEU B 179 -7.70 -45.36 -2.40
CA LEU B 179 -7.32 -43.97 -2.13
C LEU B 179 -5.99 -43.63 -2.78
N ARG B 180 -5.00 -44.53 -2.66
CA ARG B 180 -3.71 -44.27 -3.28
C ARG B 180 -3.84 -44.18 -4.80
N GLN B 181 -4.61 -45.10 -5.40
CA GLN B 181 -4.81 -45.06 -6.84
C GLN B 181 -5.54 -43.79 -7.27
N TYR B 182 -6.50 -43.35 -6.46
CA TYR B 182 -7.25 -42.14 -6.80
C TYR B 182 -6.35 -40.90 -6.76
N VAL B 183 -5.47 -40.83 -5.75
CA VAL B 183 -4.54 -39.70 -5.69
C VAL B 183 -3.61 -39.71 -6.89
N VAL B 184 -3.12 -40.89 -7.27
CA VAL B 184 -2.25 -40.98 -8.44
C VAL B 184 -2.99 -40.55 -9.70
N PHE B 185 -4.25 -40.98 -9.84
CA PHE B 185 -5.05 -40.61 -11.01
C PHE B 185 -5.28 -39.11 -11.07
N ALA B 186 -5.59 -38.48 -9.93
CA ALA B 186 -5.78 -37.04 -9.89
C ALA B 186 -4.50 -36.31 -10.25
N SER B 187 -3.36 -36.80 -9.74
CA SER B 187 -2.08 -36.18 -10.09
C SER B 187 -1.80 -36.31 -11.58
N GLN B 188 -2.10 -37.46 -12.16
CA GLN B 188 -1.89 -37.65 -13.59
C GLN B 188 -2.74 -36.68 -14.40
N ARG B 189 -4.01 -36.53 -14.02
CA ARG B 189 -4.89 -35.61 -14.75
C ARG B 189 -4.42 -34.17 -14.61
N ALA B 190 -3.97 -33.79 -13.40
CA ALA B 190 -3.47 -32.43 -13.21
C ALA B 190 -2.22 -32.18 -14.04
N ALA B 191 -1.32 -33.16 -14.10
CA ALA B 191 -0.12 -33.02 -14.92
C ALA B 191 -0.47 -32.89 -16.39
N ASN B 192 -1.44 -33.68 -16.87
CA ASN B 192 -1.85 -33.57 -18.26
C ASN B 192 -2.43 -32.18 -18.56
N HIS B 193 -3.26 -31.67 -17.65
CA HIS B 193 -3.83 -30.34 -17.87
C HIS B 193 -2.74 -29.27 -17.89
N LEU B 194 -1.78 -29.35 -16.96
CA LEU B 194 -0.71 -28.37 -16.94
C LEU B 194 0.13 -28.44 -18.20
N ASN B 195 0.37 -29.65 -18.71
CA ASN B 195 1.10 -29.79 -19.96
C ASN B 195 0.37 -29.15 -21.13
N GLU B 196 -0.96 -29.35 -21.19
CA GLU B 196 -1.74 -28.72 -22.25
C GLU B 196 -1.69 -27.21 -22.15
N GLU B 197 -1.76 -26.67 -20.92
CA GLU B 197 -1.65 -25.23 -20.73
C GLU B 197 -0.31 -24.70 -21.20
N ILE B 198 0.78 -25.43 -20.90
CA ILE B 198 2.11 -25.02 -21.36
C ILE B 198 2.16 -25.00 -22.87
N LYS B 199 1.61 -26.03 -23.53
CA LYS B 199 1.63 -26.06 -24.99
C LYS B 199 0.86 -24.88 -25.58
N GLY B 200 -0.31 -24.58 -25.04
CA GLY B 200 -1.09 -23.46 -25.57
C GLY B 200 -0.40 -22.12 -25.40
N ALA B 201 0.16 -21.89 -24.20
CA ALA B 201 0.88 -20.64 -23.97
C ALA B 201 2.12 -20.56 -24.86
N TRP B 202 2.78 -21.70 -25.11
CA TRP B 202 3.91 -21.72 -26.02
C TRP B 202 3.51 -21.33 -27.43
N ALA B 203 2.38 -21.86 -27.92
CA ALA B 203 1.90 -21.49 -29.24
C ALA B 203 1.58 -20.00 -29.32
N ALA B 204 0.90 -19.47 -28.30
CA ALA B 204 0.62 -18.04 -28.29
C ALA B 204 1.91 -17.22 -28.29
N ARG B 205 2.91 -17.67 -27.51
CA ARG B 205 4.16 -16.95 -27.42
C ARG B 205 4.89 -16.93 -28.77
N THR B 206 4.93 -18.08 -29.46
CA THR B 206 5.65 -18.10 -30.73
C THR B 206 4.92 -17.29 -31.79
N ILE B 207 3.58 -17.28 -31.75
CA ILE B 207 2.84 -16.40 -32.66
C ILE B 207 3.17 -14.94 -32.38
N PHE B 208 3.24 -14.57 -31.10
CA PHE B 208 3.54 -13.19 -30.73
C PHE B 208 4.93 -12.78 -31.21
N MET B 209 5.93 -13.64 -31.01
CA MET B 209 7.27 -13.31 -31.49
C MET B 209 7.33 -13.26 -33.01
N LYS B 210 6.60 -14.12 -33.71
CA LYS B 210 6.57 -14.02 -35.17
C LYS B 210 6.01 -12.68 -35.62
N SER B 211 4.92 -12.22 -34.97
CA SER B 211 4.36 -10.92 -35.31
C SER B 211 5.36 -9.80 -35.02
N GLN B 212 6.03 -9.86 -33.86
CA GLN B 212 7.02 -8.84 -33.52
C GLN B 212 8.15 -8.80 -34.53
N ILE B 213 8.64 -9.97 -34.94
CA ILE B 213 9.74 -10.02 -35.90
C ILE B 213 9.29 -9.45 -37.24
N LYS B 214 8.10 -9.81 -37.71
CA LYS B 214 7.61 -9.24 -38.96
C LYS B 214 7.51 -7.73 -38.88
N ARG B 215 7.06 -7.21 -37.75
CA ARG B 215 6.98 -5.76 -37.56
C ARG B 215 8.36 -5.12 -37.63
N GLN B 216 9.35 -5.74 -37.00
CA GLN B 216 10.70 -5.19 -37.02
C GLN B 216 11.28 -5.19 -38.44
N GLU B 217 11.05 -6.27 -39.19
CA GLU B 217 11.50 -6.29 -40.58
C GLU B 217 10.82 -5.20 -41.40
N ALA B 218 9.52 -4.98 -41.16
CA ALA B 218 8.83 -3.91 -41.89
C ALA B 218 9.43 -2.55 -41.58
N VAL B 219 9.70 -2.29 -40.30
CA VAL B 219 10.30 -1.00 -39.91
C VAL B 219 11.66 -0.83 -40.57
N ALA B 220 12.50 -1.88 -40.52
CA ALA B 220 13.82 -1.79 -41.10
C ALA B 220 13.76 -1.58 -42.61
N LYS B 221 12.82 -2.26 -43.28
CA LYS B 221 12.66 -2.08 -44.72
C LYS B 221 12.26 -0.65 -45.05
N ALA B 222 11.33 -0.08 -44.27
CA ALA B 222 10.93 1.30 -44.51
C ALA B 222 12.12 2.26 -44.35
N ILE B 223 12.89 2.08 -43.28
CA ILE B 223 14.03 2.95 -43.04
C ILE B 223 15.05 2.82 -44.17
N TYR B 224 15.34 1.59 -44.58
CA TYR B 224 16.31 1.34 -45.64
C TYR B 224 15.86 1.96 -46.95
N ASP B 225 14.57 1.81 -47.29
CA ASP B 225 14.07 2.40 -48.53
C ASP B 225 14.18 3.92 -48.50
N ARG B 226 13.81 4.53 -47.37
CA ARG B 226 13.92 5.99 -47.26
C ARG B 226 15.36 6.45 -47.41
N GLU B 227 16.28 5.76 -46.72
CA GLU B 227 17.69 6.13 -46.78
C GLU B 227 18.26 5.98 -48.19
N VAL B 228 17.92 4.89 -48.87
CA VAL B 228 18.46 4.65 -50.20
C VAL B 228 17.89 5.66 -51.19
N ARG B 229 16.61 6.02 -51.05
CA ARG B 229 16.03 7.02 -51.94
C ARG B 229 16.71 8.37 -51.74
N SER B 230 16.90 8.77 -50.47
CA SER B 230 17.59 10.02 -50.20
C SER B 230 19.01 9.99 -50.75
N VAL B 231 19.69 8.86 -50.64
CA VAL B 231 21.08 8.77 -51.08
C VAL B 231 21.16 8.90 -52.61
N GLU B 232 20.29 8.20 -53.33
CA GLU B 232 20.31 8.31 -54.80
C GLU B 232 19.99 9.73 -55.24
N LEU B 233 19.01 10.35 -54.61
CA LEU B 233 18.61 11.69 -55.01
C LEU B 233 19.72 12.70 -54.70
N ALA B 234 20.41 12.51 -53.57
CA ALA B 234 21.57 13.34 -53.26
C ALA B 234 22.70 13.11 -54.25
N LEU B 235 22.87 11.87 -54.72
CA LEU B 235 23.84 11.60 -55.78
C LEU B 235 23.52 12.40 -57.03
N LYS B 236 22.27 12.39 -57.46
CA LYS B 236 21.90 13.14 -58.66
C LYS B 236 22.17 14.63 -58.46
N ILE B 237 21.80 15.15 -57.29
CA ILE B 237 21.99 16.58 -57.03
C ILE B 237 23.47 16.95 -57.01
N ALA B 238 24.29 16.14 -56.33
CA ALA B 238 25.72 16.41 -56.27
C ALA B 238 26.37 16.31 -57.64
N GLN B 239 25.92 15.36 -58.46
CA GLN B 239 26.40 15.27 -59.83
C GLN B 239 26.08 16.53 -60.61
N GLN B 240 24.90 17.13 -60.37
CA GLN B 240 24.55 18.37 -61.05
C GLN B 240 25.53 19.49 -60.71
N GLN B 241 25.94 19.59 -59.44
CA GLN B 241 26.89 20.62 -59.03
C GLN B 241 28.30 20.07 -58.94
N PRO B 266 32.12 10.71 -55.89
CA PRO B 266 32.57 9.37 -55.48
C PRO B 266 32.10 8.99 -54.10
N MET B 267 32.08 9.98 -53.20
CA MET B 267 31.61 9.77 -51.83
C MET B 267 30.20 9.21 -51.83
N LEU B 268 29.25 9.96 -52.38
CA LEU B 268 27.86 9.54 -52.39
C LEU B 268 27.62 8.35 -53.30
N GLN B 269 28.46 8.13 -54.31
CA GLN B 269 28.29 6.96 -55.18
C GLN B 269 28.65 5.68 -54.44
N ALA B 270 29.77 5.67 -53.75
CA ALA B 270 30.09 4.53 -52.90
C ALA B 270 29.07 4.38 -51.78
N ARG B 271 28.53 5.50 -51.29
CA ARG B 271 27.43 5.43 -50.34
C ARG B 271 26.23 4.67 -50.92
N LEU B 272 25.84 5.02 -52.15
CA LEU B 272 24.71 4.35 -52.78
C LEU B 272 24.99 2.87 -52.95
N GLU B 273 26.19 2.53 -53.41
CA GLU B 273 26.47 1.12 -53.66
C GLU B 273 26.53 0.32 -52.36
N THR B 274 27.04 0.91 -51.26
CA THR B 274 27.07 0.14 -50.02
C THR B 274 25.68 -0.01 -49.41
N LEU B 275 24.82 1.02 -49.52
CA LEU B 275 23.43 0.83 -49.10
C LEU B 275 22.74 -0.23 -49.95
N GLN B 276 22.95 -0.20 -51.27
CA GLN B 276 22.31 -1.17 -52.13
C GLN B 276 22.76 -2.60 -51.82
N THR B 277 24.04 -2.78 -51.55
CA THR B 277 24.58 -4.12 -51.31
C THR B 277 24.46 -4.59 -49.87
N SER B 278 24.12 -3.71 -48.93
CA SER B 278 23.93 -4.08 -47.54
C SER B 278 22.45 -4.01 -47.19
N GLY B 279 21.95 -5.01 -46.48
CA GLY B 279 20.55 -5.09 -46.14
C GLY B 279 20.15 -3.99 -45.17
N PRO B 280 18.87 -3.92 -44.84
CA PRO B 280 18.40 -2.91 -43.89
C PRO B 280 19.07 -3.07 -42.54
N HIS B 281 19.32 -1.94 -41.90
CA HIS B 281 20.01 -1.94 -40.61
C HIS B 281 19.05 -2.41 -39.53
N TYR B 282 19.43 -3.45 -38.79
CA TYR B 282 18.64 -3.98 -37.70
C TYR B 282 19.33 -3.69 -36.37
N GLU B 283 18.53 -3.66 -35.30
CA GLU B 283 19.03 -3.41 -33.97
C GLU B 283 19.21 -4.73 -33.22
N LEU B 284 19.67 -4.63 -31.96
CA LEU B 284 19.89 -5.82 -31.15
C LEU B 284 18.59 -6.53 -30.83
N ASP B 285 17.51 -5.77 -30.65
CA ASP B 285 16.23 -6.37 -30.32
C ASP B 285 15.77 -7.35 -31.39
N TYR B 286 16.06 -7.05 -32.66
CA TYR B 286 15.69 -7.97 -33.73
C TYR B 286 16.39 -9.31 -33.56
N ASP B 287 17.69 -9.29 -33.28
CA ASP B 287 18.43 -10.53 -33.13
C ASP B 287 17.97 -11.31 -31.91
N GLN B 288 17.71 -10.60 -30.80
CA GLN B 288 17.19 -11.28 -29.62
C GLN B 288 15.84 -11.92 -29.89
N ASN B 289 14.96 -11.23 -30.62
CA ASN B 289 13.66 -11.79 -30.96
C ASN B 289 13.80 -12.99 -31.90
N ARG B 290 14.77 -12.93 -32.82
CA ARG B 290 14.99 -14.07 -33.71
C ARG B 290 15.46 -15.29 -32.93
N ALA B 291 16.38 -15.09 -31.98
CA ALA B 291 16.82 -16.21 -31.15
C ALA B 291 15.67 -16.76 -30.31
N MET B 292 14.83 -15.86 -29.79
CA MET B 292 13.68 -16.29 -29.00
C MET B 292 12.71 -17.10 -29.84
N LEU B 293 12.47 -16.67 -31.08
CA LEU B 293 11.60 -17.44 -31.97
C LEU B 293 12.22 -18.79 -32.28
N ALA B 294 13.54 -18.84 -32.46
CA ALA B 294 14.20 -20.11 -32.73
C ALA B 294 14.03 -21.08 -31.56
N THR B 295 14.28 -20.63 -30.34
CA THR B 295 14.14 -21.54 -29.20
C THR B 295 12.69 -21.86 -28.89
N LEU B 296 11.75 -21.02 -29.31
CA LEU B 296 10.35 -21.40 -29.20
C LEU B 296 9.95 -22.41 -30.25
N ASN B 297 10.54 -22.30 -31.45
CA ASN B 297 10.24 -23.22 -32.53
C ASN B 297 10.90 -24.58 -32.34
N VAL B 298 11.92 -24.68 -31.48
CA VAL B 298 12.53 -25.98 -31.22
C VAL B 298 11.55 -26.90 -30.49
N GLY B 299 10.54 -26.33 -29.84
CA GLY B 299 9.54 -27.10 -29.16
C GLY B 299 9.86 -27.33 -27.70
N PRO B 300 8.83 -27.53 -26.88
CA PRO B 300 9.07 -27.80 -25.46
C PRO B 300 9.27 -29.28 -25.17
N THR B 301 10.35 -29.62 -24.46
CA THR B 301 10.62 -31.01 -24.10
C THR B 301 9.73 -31.40 -22.93
N LEU B 302 8.50 -31.77 -23.28
CA LEU B 302 7.48 -32.09 -22.29
C LEU B 302 7.69 -33.49 -21.73
N GLU B 303 7.25 -33.69 -20.49
CA GLU B 303 7.34 -34.97 -19.81
C GLU B 303 5.96 -35.59 -19.68
N ALA B 304 5.92 -36.93 -19.75
CA ALA B 304 4.64 -37.62 -19.74
C ALA B 304 3.92 -37.47 -18.40
N SER B 305 4.63 -37.72 -17.30
CA SER B 305 4.00 -37.71 -15.98
C SER B 305 4.97 -37.18 -14.94
N PHE B 306 4.51 -36.26 -14.12
CA PHE B 306 5.25 -35.77 -12.98
C PHE B 306 4.30 -35.62 -11.80
N GLN B 307 4.82 -35.83 -10.60
CA GLN B 307 4.02 -35.82 -9.39
C GLN B 307 3.84 -34.37 -8.92
N THR B 308 2.59 -33.98 -8.71
CA THR B 308 2.24 -32.60 -8.35
C THR B 308 1.70 -32.50 -6.93
N TYR B 309 2.06 -33.43 -6.05
CA TYR B 309 1.58 -33.44 -4.67
C TYR B 309 2.71 -33.90 -3.75
N ARG B 310 2.55 -33.60 -2.47
CA ARG B 310 3.47 -34.07 -1.44
C ARG B 310 2.67 -34.68 -0.31
N TYR B 311 3.04 -35.89 0.10
CA TYR B 311 2.28 -36.63 1.11
C TYR B 311 2.68 -36.20 2.51
N LEU B 312 1.69 -35.78 3.30
CA LEU B 312 1.84 -35.57 4.74
C LEU B 312 1.13 -36.64 5.55
N ARG B 313 -0.15 -36.87 5.22
CA ARG B 313 -0.94 -38.06 5.52
C ARG B 313 -1.00 -38.96 4.30
N THR B 314 -0.24 -40.06 4.36
CA THR B 314 -0.31 -41.15 3.40
C THR B 314 -1.48 -42.06 3.74
N PRO B 315 -2.23 -42.52 2.74
CA PRO B 315 -3.31 -43.47 3.00
C PRO B 315 -2.78 -44.73 3.66
N GLU B 316 -3.54 -45.26 4.62
CA GLU B 316 -3.15 -46.45 5.35
C GLU B 316 -4.40 -47.23 5.72
N GLU B 317 -4.19 -48.47 6.13
CA GLU B 317 -5.31 -49.34 6.50
C GLU B 317 -5.95 -48.82 7.78
N PRO B 318 -7.24 -48.51 7.78
CA PRO B 318 -7.89 -48.07 9.01
C PRO B 318 -7.97 -49.19 10.02
N VAL B 319 -7.93 -48.81 11.31
CA VAL B 319 -7.96 -49.79 12.37
C VAL B 319 -9.35 -49.99 12.96
N LYS B 320 -10.26 -49.04 12.78
CA LYS B 320 -11.62 -49.17 13.28
C LYS B 320 -12.61 -48.71 12.21
N ARG B 321 -13.75 -49.39 12.15
CA ARG B 321 -14.79 -49.03 11.20
C ARG B 321 -15.55 -47.80 11.68
N ASP B 322 -15.88 -46.91 10.75
CA ASP B 322 -16.66 -45.73 11.05
C ASP B 322 -18.16 -45.99 10.96
N SER B 323 -18.56 -46.90 10.08
CA SER B 323 -19.94 -47.29 9.84
C SER B 323 -20.33 -48.38 10.84
N PRO B 324 -21.55 -48.97 10.79
CA PRO B 324 -22.16 -49.53 12.01
C PRO B 324 -21.69 -48.95 13.34
N ARG B 325 -20.51 -49.39 13.81
CA ARG B 325 -20.11 -49.16 15.20
C ARG B 325 -21.16 -49.74 16.15
N ARG B 326 -21.25 -51.08 16.09
CA ARG B 326 -22.38 -51.80 16.66
C ARG B 326 -22.66 -51.39 18.10
N ALA B 327 -21.60 -51.14 18.88
CA ALA B 327 -21.79 -50.71 20.26
C ALA B 327 -22.56 -49.40 20.32
N PHE B 328 -22.22 -48.44 19.44
CA PHE B 328 -22.94 -47.17 19.41
C PHE B 328 -24.40 -47.36 19.06
N LEU B 329 -24.69 -48.19 18.06
CA LEU B 329 -26.08 -48.47 17.71
C LEU B 329 -26.76 -49.33 18.77
N MET B 330 -26.00 -50.20 19.45
CA MET B 330 -26.57 -51.04 20.50
C MET B 330 -27.11 -50.17 21.63
N VAL B 331 -26.30 -49.26 22.15
CA VAL B 331 -26.69 -48.44 23.28
C VAL B 331 -27.76 -47.43 22.88
N MET B 332 -27.59 -46.79 21.71
CA MET B 332 -28.44 -45.67 21.34
C MET B 332 -29.91 -46.08 21.23
N TRP B 333 -30.21 -46.97 20.27
CA TRP B 333 -31.60 -47.36 20.05
C TRP B 333 -32.16 -48.21 21.18
N GLY B 334 -31.29 -48.88 21.94
CA GLY B 334 -31.77 -49.61 23.11
C GLY B 334 -32.29 -48.68 24.19
N ALA B 335 -31.62 -47.54 24.40
CA ALA B 335 -32.06 -46.60 25.42
C ALA B 335 -33.29 -45.82 24.97
N ILE B 336 -33.48 -45.66 23.67
CA ILE B 336 -34.65 -44.93 23.18
C ILE B 336 -35.94 -45.65 23.55
N GLY B 337 -35.96 -46.97 23.37
CA GLY B 337 -37.13 -47.75 23.71
C GLY B 337 -37.33 -47.92 25.20
N ILE C 39 -59.43 -40.30 9.14
CA ILE C 39 -59.16 -38.94 8.69
C ILE C 39 -57.78 -38.89 8.04
N GLY C 40 -56.82 -39.58 8.64
CA GLY C 40 -55.48 -39.61 8.07
C GLY C 40 -55.42 -40.26 6.70
N LEU C 41 -56.25 -41.28 6.48
CA LEU C 41 -56.26 -41.95 5.18
C LEU C 41 -56.75 -41.01 4.09
N LEU C 42 -57.72 -40.16 4.39
CA LEU C 42 -58.23 -39.21 3.39
C LEU C 42 -57.13 -38.24 2.97
N PHE C 43 -56.39 -37.69 3.94
CA PHE C 43 -55.29 -36.79 3.60
C PHE C 43 -54.18 -37.53 2.88
N ALA C 44 -53.94 -38.79 3.23
CA ALA C 44 -52.95 -39.59 2.53
C ALA C 44 -53.33 -39.77 1.06
N VAL C 45 -54.61 -40.06 0.80
CA VAL C 45 -55.08 -40.21 -0.56
C VAL C 45 -55.01 -38.90 -1.32
N VAL C 46 -55.31 -37.79 -0.63
CA VAL C 46 -55.23 -36.47 -1.26
C VAL C 46 -53.79 -36.17 -1.67
N ALA C 47 -52.84 -36.44 -0.78
CA ALA C 47 -51.43 -36.22 -1.11
C ALA C 47 -50.97 -37.14 -2.23
N LEU C 48 -51.44 -38.38 -2.23
CA LEU C 48 -51.08 -39.32 -3.29
C LEU C 48 -51.59 -38.83 -4.64
N GLY C 49 -52.84 -38.35 -4.69
CA GLY C 49 -53.36 -37.81 -5.93
C GLY C 49 -52.64 -36.55 -6.37
N TYR C 50 -52.28 -35.68 -5.41
CA TYR C 50 -51.52 -34.49 -5.75
C TYR C 50 -50.17 -34.84 -6.34
N SER C 51 -49.50 -35.86 -5.77
CA SER C 51 -48.25 -36.32 -6.33
C SER C 51 -48.44 -36.88 -7.74
N TYR C 52 -49.51 -37.63 -7.96
CA TYR C 52 -49.80 -38.13 -9.30
C TYR C 52 -50.13 -37.04 -10.29
N LEU C 53 -50.62 -35.89 -9.83
CA LEU C 53 -51.04 -34.82 -10.72
C LEU C 53 -49.93 -33.81 -11.01
N VAL C 54 -49.00 -33.60 -10.08
CA VAL C 54 -47.96 -32.60 -10.27
C VAL C 54 -46.93 -33.11 -11.28
N LYS C 55 -46.54 -32.24 -12.21
CA LYS C 55 -45.53 -32.60 -13.20
C LYS C 55 -44.22 -32.97 -12.52
N GLN C 56 -43.64 -34.09 -12.95
CA GLN C 56 -42.37 -34.53 -12.39
C GLN C 56 -41.24 -33.65 -12.89
N GLU C 57 -40.36 -33.25 -11.97
CA GLU C 57 -39.22 -32.39 -12.30
C GLU C 57 -37.93 -33.10 -11.91
N TRP C 58 -37.17 -33.51 -12.91
CA TRP C 58 -35.84 -34.07 -12.74
C TRP C 58 -34.80 -32.99 -12.93
N GLY C 59 -33.79 -32.98 -12.07
CA GLY C 59 -32.78 -31.94 -12.09
C GLY C 59 -31.37 -32.42 -12.38
N ALA C 60 -30.69 -31.72 -13.28
CA ALA C 60 -29.29 -32.00 -13.61
C ALA C 60 -28.43 -30.81 -13.18
N THR C 61 -27.31 -31.11 -12.53
CA THR C 61 -26.45 -30.10 -11.92
C THR C 61 -25.07 -30.14 -12.56
N SER C 62 -24.56 -28.97 -12.93
CA SER C 62 -23.22 -28.84 -13.48
C SER C 62 -22.48 -27.73 -12.76
N ILE C 63 -21.16 -27.87 -12.62
CA ILE C 63 -20.34 -26.81 -12.03
C ILE C 63 -19.13 -26.61 -12.93
N THR C 64 -18.79 -25.35 -13.16
CA THR C 64 -17.78 -24.98 -14.14
C THR C 64 -16.71 -24.11 -13.50
N ASP C 65 -15.57 -24.00 -14.18
CA ASP C 65 -14.47 -23.16 -13.73
C ASP C 65 -13.87 -22.46 -14.93
N LYS C 66 -12.78 -21.72 -14.69
CA LYS C 66 -12.19 -20.90 -15.74
C LYS C 66 -11.57 -21.77 -16.83
N PRO C 67 -11.59 -21.31 -18.08
CA PRO C 67 -11.12 -22.14 -19.18
C PRO C 67 -9.61 -22.24 -19.22
N THR C 68 -9.13 -23.27 -19.91
CA THR C 68 -7.71 -23.46 -20.12
C THR C 68 -7.19 -22.48 -21.16
N VAL C 69 -5.89 -22.22 -21.11
CA VAL C 69 -5.27 -21.32 -22.09
C VAL C 69 -5.34 -21.93 -23.49
N ASN C 70 -5.16 -23.25 -23.58
CA ASN C 70 -5.14 -23.89 -24.89
C ASN C 70 -6.49 -23.78 -25.60
N MET C 71 -7.59 -23.93 -24.86
CA MET C 71 -8.92 -23.95 -25.45
C MET C 71 -9.48 -22.57 -25.75
N LEU C 72 -8.80 -21.50 -25.31
CA LEU C 72 -9.24 -20.16 -25.67
C LEU C 72 -8.94 -19.83 -27.13
N GLY C 73 -7.99 -20.54 -27.75
CA GLY C 73 -7.69 -20.31 -29.14
C GLY C 73 -6.95 -19.01 -29.38
N GLY C 74 -7.01 -18.55 -30.63
CA GLY C 74 -6.29 -17.36 -31.03
C GLY C 74 -6.70 -16.11 -30.30
N TYR C 75 -7.86 -16.14 -29.65
CA TYR C 75 -8.28 -15.02 -28.81
C TYR C 75 -7.21 -14.66 -27.79
N TYR C 76 -6.55 -15.67 -27.21
CA TYR C 76 -5.50 -15.41 -26.23
C TYR C 76 -4.42 -14.52 -26.83
N SER C 77 -3.96 -14.85 -28.04
CA SER C 77 -2.95 -14.02 -28.69
C SER C 77 -3.50 -12.66 -29.10
N GLN C 78 -4.77 -12.60 -29.51
CA GLN C 78 -5.34 -11.35 -29.98
C GLN C 78 -5.66 -10.39 -28.85
N GLN C 79 -5.77 -10.87 -27.61
CA GLN C 79 -5.89 -10.01 -26.45
C GLN C 79 -4.55 -9.60 -25.89
N GLN C 80 -3.55 -10.47 -25.99
CA GLN C 80 -2.21 -10.11 -25.54
C GLN C 80 -1.59 -9.04 -26.45
N PHE C 81 -1.82 -9.13 -27.76
CA PHE C 81 -1.39 -8.06 -28.65
C PHE C 81 -2.03 -6.73 -28.29
N LEU C 82 -3.22 -6.76 -27.70
CA LEU C 82 -3.95 -5.54 -27.38
C LEU C 82 -3.61 -4.97 -26.02
N ARG C 83 -3.26 -5.81 -25.05
CA ARG C 83 -2.97 -5.35 -23.70
C ARG C 83 -1.51 -5.48 -23.34
N ASN C 84 -0.90 -6.64 -23.59
CA ASN C 84 0.46 -6.90 -23.13
C ASN C 84 1.49 -5.97 -23.76
N LEU C 85 1.23 -5.45 -24.95
CA LEU C 85 2.17 -4.54 -25.59
C LEU C 85 1.58 -3.17 -25.86
N ASP C 86 0.38 -3.10 -26.44
CA ASP C 86 -0.10 -1.82 -26.97
C ASP C 86 -0.42 -0.84 -25.85
N ALA C 87 -1.36 -1.21 -24.97
CA ALA C 87 -1.85 -0.26 -23.97
C ALA C 87 -0.75 0.17 -23.02
N ARG C 88 -0.04 -0.79 -22.41
CA ARG C 88 0.94 -0.46 -21.39
C ARG C 88 2.10 0.35 -21.96
N SER C 89 2.62 -0.05 -23.12
CA SER C 89 3.80 0.61 -23.66
C SER C 89 3.49 1.95 -24.31
N PHE C 90 2.34 2.08 -24.97
CA PHE C 90 2.04 3.28 -25.74
C PHE C 90 1.05 4.20 -25.04
N SER C 91 0.61 3.87 -23.83
CA SER C 91 -0.24 4.77 -23.06
C SER C 91 0.16 4.93 -21.61
N SER C 92 0.85 3.96 -21.01
CA SER C 92 1.16 3.97 -19.59
C SER C 92 -0.06 4.25 -18.73
N PRO C 93 -1.10 3.40 -18.80
CA PRO C 93 -2.32 3.67 -18.01
C PRO C 93 -2.20 3.18 -16.58
N GLN C 94 -1.31 2.21 -16.36
CA GLN C 94 -1.11 1.58 -15.06
C GLN C 94 -2.41 1.08 -14.43
N PRO C 95 -3.15 0.21 -15.12
CA PRO C 95 -4.39 -0.32 -14.54
C PRO C 95 -4.17 -1.65 -13.83
N GLU C 96 -5.21 -2.14 -13.15
CA GLU C 96 -5.22 -3.48 -12.58
C GLU C 96 -6.34 -4.27 -13.25
N GLN C 97 -5.97 -5.33 -13.97
CA GLN C 97 -6.93 -6.09 -14.74
C GLN C 97 -6.76 -7.58 -14.48
N PRO C 98 -7.84 -8.36 -14.55
CA PRO C 98 -7.73 -9.81 -14.36
C PRO C 98 -7.08 -10.50 -15.55
N SER C 99 -6.88 -11.81 -15.44
CA SER C 99 -6.30 -12.57 -16.53
C SER C 99 -7.27 -12.68 -17.70
N ILE C 100 -6.74 -13.03 -18.87
CA ILE C 100 -7.57 -13.20 -20.06
C ILE C 100 -8.57 -14.34 -19.83
N SER C 101 -8.08 -15.47 -19.30
CA SER C 101 -8.98 -16.57 -18.98
C SER C 101 -9.98 -16.17 -17.91
N ALA C 102 -9.54 -15.40 -16.92
CA ALA C 102 -10.44 -14.92 -15.87
C ALA C 102 -11.55 -14.05 -16.46
N GLY C 103 -11.19 -13.16 -17.39
CA GLY C 103 -12.21 -12.32 -18.01
C GLY C 103 -13.17 -13.11 -18.88
N ALA C 104 -12.65 -14.08 -19.63
CA ALA C 104 -13.51 -14.92 -20.44
C ALA C 104 -14.49 -15.71 -19.56
N TYR C 105 -14.00 -16.25 -18.45
CA TYR C 105 -14.88 -16.98 -17.55
C TYR C 105 -15.89 -16.06 -16.88
N ASP C 106 -15.47 -14.83 -16.56
CA ASP C 106 -16.41 -13.88 -15.96
C ASP C 106 -17.54 -13.55 -16.92
N GLU C 107 -17.22 -13.34 -18.19
CA GLU C 107 -18.29 -13.08 -19.15
C GLU C 107 -19.14 -14.32 -19.41
N PHE C 108 -18.53 -15.50 -19.38
CA PHE C 108 -19.33 -16.72 -19.52
C PHE C 108 -20.32 -16.87 -18.37
N ILE C 109 -19.89 -16.55 -17.15
CA ILE C 109 -20.79 -16.59 -16.01
C ILE C 109 -21.87 -15.52 -16.15
N MET C 110 -21.49 -14.33 -16.61
CA MET C 110 -22.46 -13.26 -16.77
C MET C 110 -23.55 -13.64 -17.77
N GLN C 111 -23.17 -14.27 -18.88
CA GLN C 111 -24.12 -14.71 -19.89
C GLN C 111 -24.77 -16.04 -19.55
N LEU C 112 -24.29 -16.74 -18.53
CA LEU C 112 -24.86 -18.02 -18.14
C LEU C 112 -26.00 -17.86 -17.14
N ALA C 113 -25.93 -16.86 -16.27
CA ALA C 113 -27.01 -16.54 -15.35
C ALA C 113 -27.88 -15.41 -15.87
N ALA C 114 -27.62 -14.92 -17.08
CA ALA C 114 -28.43 -13.87 -17.67
C ALA C 114 -29.78 -14.41 -18.09
N TYR C 115 -30.84 -13.66 -17.80
CA TYR C 115 -32.20 -14.11 -18.11
C TYR C 115 -32.42 -14.19 -19.62
N ASP C 116 -31.86 -13.25 -20.37
CA ASP C 116 -32.11 -13.23 -21.81
C ASP C 116 -31.54 -14.47 -22.48
N THR C 117 -30.37 -14.93 -22.03
CA THR C 117 -29.83 -16.17 -22.57
C THR C 117 -30.77 -17.33 -22.33
N ARG C 118 -31.34 -17.42 -21.14
CA ARG C 118 -32.27 -18.51 -20.84
C ARG C 118 -33.53 -18.43 -21.69
N ARG C 119 -34.06 -17.22 -21.87
CA ARG C 119 -35.23 -17.05 -22.73
C ARG C 119 -34.93 -17.47 -24.16
N ASP C 120 -33.78 -17.06 -24.69
CA ASP C 120 -33.44 -17.44 -26.06
C ASP C 120 -33.24 -18.94 -26.19
N PHE C 121 -32.59 -19.57 -25.19
CA PHE C 121 -32.39 -21.00 -25.24
C PHE C 121 -33.70 -21.76 -25.19
N TRP C 122 -34.63 -21.35 -24.31
CA TRP C 122 -35.91 -22.03 -24.25
C TRP C 122 -36.76 -21.74 -25.47
N LEU C 123 -36.52 -20.60 -26.13
CA LEU C 123 -37.24 -20.30 -27.36
C LEU C 123 -36.73 -21.10 -28.54
N GLN C 124 -35.44 -21.45 -28.55
CA GLN C 124 -34.84 -22.14 -29.69
C GLN C 124 -34.86 -23.66 -29.56
N THR C 125 -35.34 -24.21 -28.45
CA THR C 125 -35.29 -25.66 -28.27
C THR C 125 -36.59 -26.32 -28.70
N ASP C 126 -36.49 -27.61 -29.02
CA ASP C 126 -37.67 -28.40 -29.36
C ASP C 126 -38.45 -28.84 -28.13
N TYR C 127 -37.86 -28.74 -26.93
CA TYR C 127 -38.57 -29.04 -25.71
C TYR C 127 -39.75 -28.09 -25.48
N TYR C 128 -39.65 -26.86 -25.97
CA TYR C 128 -40.68 -25.85 -25.78
C TYR C 128 -41.61 -25.72 -26.97
N LYS C 129 -41.11 -25.95 -28.19
CA LYS C 129 -41.96 -25.87 -29.37
C LYS C 129 -42.98 -27.00 -29.45
N GLN C 130 -42.63 -28.19 -28.99
CA GLN C 130 -43.55 -29.32 -28.98
C GLN C 130 -44.51 -29.29 -27.79
N ARG C 131 -44.23 -28.45 -26.78
CA ARG C 131 -45.11 -28.30 -25.64
C ARG C 131 -46.00 -27.07 -25.77
N LEU C 132 -46.09 -26.49 -26.95
CA LEU C 132 -46.84 -25.26 -27.16
C LEU C 132 -48.28 -25.60 -27.48
N GLU C 133 -49.21 -24.97 -26.77
CA GLU C 133 -50.64 -25.22 -27.00
C GLU C 133 -51.23 -24.27 -28.04
N GLY C 134 -51.01 -22.97 -27.87
CA GLY C 134 -51.53 -22.00 -28.81
C GLY C 134 -52.05 -20.74 -28.16
N ASP C 135 -52.49 -20.86 -26.91
CA ASP C 135 -52.99 -19.71 -26.17
C ASP C 135 -51.79 -18.87 -25.72
N GLU C 136 -51.85 -17.57 -25.98
CA GLU C 136 -50.72 -16.69 -25.67
C GLU C 136 -50.43 -16.67 -24.18
N LYS C 137 -51.48 -16.61 -23.35
CA LYS C 137 -51.28 -16.63 -21.90
C LYS C 137 -50.59 -17.91 -21.46
N ALA C 138 -51.07 -19.05 -21.95
CA ALA C 138 -50.48 -20.33 -21.58
C ALA C 138 -49.04 -20.43 -22.09
N ASP C 139 -48.79 -19.95 -23.32
CA ASP C 139 -47.44 -19.99 -23.87
C ASP C 139 -46.48 -19.16 -23.03
N ALA C 140 -46.89 -17.95 -22.66
CA ALA C 140 -46.03 -17.08 -21.85
C ALA C 140 -45.80 -17.68 -20.48
N ALA C 141 -46.84 -18.24 -19.85
CA ALA C 141 -46.66 -18.87 -18.55
C ALA C 141 -45.71 -20.04 -18.62
N LEU C 142 -45.84 -20.87 -19.66
CA LEU C 142 -44.95 -22.01 -19.81
C LEU C 142 -43.51 -21.56 -20.02
N LEU C 143 -43.30 -20.51 -20.83
CA LEU C 143 -41.95 -20.01 -21.04
C LEU C 143 -41.34 -19.47 -19.75
N ASP C 144 -42.13 -18.72 -18.98
CA ASP C 144 -41.64 -18.20 -17.71
C ASP C 144 -41.28 -19.33 -16.76
N GLU C 145 -42.11 -20.36 -16.69
CA GLU C 145 -41.81 -21.51 -15.84
C GLU C 145 -40.54 -22.22 -16.29
N LEU C 146 -40.39 -22.42 -17.60
CA LEU C 146 -39.21 -23.09 -18.13
C LEU C 146 -37.94 -22.31 -17.82
N VAL C 147 -37.97 -20.98 -17.96
CA VAL C 147 -36.77 -20.20 -17.68
C VAL C 147 -36.48 -20.17 -16.18
N ASN C 148 -37.52 -20.01 -15.36
CA ASN C 148 -37.32 -20.11 -13.92
C ASN C 148 -36.84 -21.49 -13.48
N ASN C 149 -37.01 -22.50 -14.34
CA ASN C 149 -36.50 -23.83 -14.02
C ASN C 149 -34.98 -23.82 -13.87
N ILE C 150 -34.29 -23.07 -14.72
CA ILE C 150 -32.83 -23.01 -14.67
C ILE C 150 -32.42 -22.10 -13.51
N GLN C 151 -31.59 -22.62 -12.61
CA GLN C 151 -31.12 -21.88 -11.46
C GLN C 151 -29.60 -21.80 -11.47
N PHE C 152 -29.07 -20.71 -10.93
CA PHE C 152 -27.64 -20.47 -10.91
C PHE C 152 -27.20 -20.16 -9.49
N THR C 153 -26.02 -20.65 -9.12
CA THR C 153 -25.41 -20.37 -7.82
C THR C 153 -23.97 -19.92 -8.05
N ALA C 154 -23.66 -18.70 -7.67
CA ALA C 154 -22.34 -18.12 -7.87
C ALA C 154 -21.36 -18.65 -6.83
N ARG C 155 -20.08 -18.64 -7.22
CA ARG C 155 -19.04 -19.12 -6.31
C ARG C 155 -18.78 -18.12 -5.20
N ASP C 156 -18.57 -18.63 -3.99
CA ASP C 156 -18.22 -17.83 -2.83
C ASP C 156 -16.81 -18.19 -2.39
N ASP C 157 -15.94 -17.19 -2.32
CA ASP C 157 -14.54 -17.45 -1.95
C ASP C 157 -14.40 -17.87 -0.49
N GLY C 158 -15.40 -17.57 0.35
CA GLY C 158 -15.33 -18.02 1.73
C GLY C 158 -15.36 -19.53 1.86
N LYS C 159 -16.26 -20.18 1.11
CA LYS C 159 -16.33 -21.62 1.05
C LYS C 159 -15.55 -22.19 -0.14
N LYS C 160 -14.88 -21.34 -0.90
CA LYS C 160 -14.11 -21.69 -2.10
C LYS C 160 -14.82 -22.77 -2.93
N THR C 161 -16.05 -22.46 -3.30
CA THR C 161 -16.85 -23.31 -4.18
C THR C 161 -16.71 -22.81 -5.62
N ASN C 162 -17.51 -23.39 -6.51
CA ASN C 162 -17.45 -23.04 -7.93
C ASN C 162 -18.85 -22.73 -8.44
N ASP C 163 -18.89 -21.98 -9.53
CA ASP C 163 -20.17 -21.61 -10.15
C ASP C 163 -20.91 -22.84 -10.61
N SER C 164 -22.20 -22.90 -10.29
CA SER C 164 -23.02 -24.07 -10.58
C SER C 164 -24.34 -23.67 -11.20
N VAL C 165 -24.85 -24.53 -12.07
CA VAL C 165 -26.17 -24.37 -12.67
C VAL C 165 -26.96 -25.65 -12.48
N LYS C 166 -28.28 -25.50 -12.41
CA LYS C 166 -29.19 -26.62 -12.23
C LYS C 166 -30.35 -26.45 -13.20
N LEU C 167 -30.59 -27.47 -14.02
CA LEU C 167 -31.67 -27.45 -15.00
C LEU C 167 -32.73 -28.47 -14.63
N VAL C 168 -33.99 -28.09 -14.82
CA VAL C 168 -35.13 -28.91 -14.44
C VAL C 168 -35.92 -29.23 -15.70
N ALA C 169 -36.21 -30.51 -15.91
CA ALA C 169 -36.98 -30.95 -17.07
C ALA C 169 -37.89 -32.10 -16.67
N GLU C 170 -38.85 -32.42 -17.55
CA GLU C 170 -39.80 -33.48 -17.23
C GLU C 170 -39.12 -34.84 -17.10
N THR C 171 -38.18 -35.14 -17.98
CA THR C 171 -37.48 -36.42 -17.98
C THR C 171 -35.99 -36.21 -17.78
N SER C 172 -35.33 -37.28 -17.33
CA SER C 172 -33.90 -37.20 -17.03
C SER C 172 -33.07 -36.95 -18.28
N SER C 173 -33.40 -37.63 -19.39
CA SER C 173 -32.63 -37.46 -20.62
C SER C 173 -32.70 -36.01 -21.11
N ASP C 174 -33.90 -35.43 -21.13
CA ASP C 174 -34.01 -34.02 -21.44
C ASP C 174 -33.31 -33.17 -20.39
N SER C 175 -33.37 -33.59 -19.12
CA SER C 175 -32.78 -32.80 -18.05
C SER C 175 -31.28 -32.62 -18.25
N ASN C 176 -30.59 -33.66 -18.73
CA ASN C 176 -29.15 -33.50 -18.91
C ASN C 176 -28.80 -32.97 -20.31
N THR C 177 -29.52 -33.40 -21.35
CA THR C 177 -29.23 -32.93 -22.70
C THR C 177 -29.47 -31.44 -22.82
N LEU C 178 -30.58 -30.93 -22.26
CA LEU C 178 -30.87 -29.52 -22.33
C LEU C 178 -29.84 -28.70 -21.54
N LEU C 179 -29.36 -29.23 -20.42
CA LEU C 179 -28.32 -28.53 -19.67
C LEU C 179 -27.05 -28.41 -20.47
N ARG C 180 -26.63 -29.49 -21.14
CA ARG C 180 -25.43 -29.42 -21.98
C ARG C 180 -25.60 -28.42 -23.11
N GLN C 181 -26.77 -28.45 -23.77
CA GLN C 181 -27.02 -27.50 -24.85
C GLN C 181 -27.04 -26.06 -24.33
N TYR C 182 -27.59 -25.85 -23.14
CA TYR C 182 -27.65 -24.50 -22.57
C TYR C 182 -26.26 -23.98 -22.26
N VAL C 183 -25.39 -24.83 -21.71
CA VAL C 183 -24.03 -24.41 -21.43
C VAL C 183 -23.30 -24.06 -22.73
N VAL C 184 -23.50 -24.87 -23.76
CA VAL C 184 -22.88 -24.58 -25.06
C VAL C 184 -23.39 -23.25 -25.61
N PHE C 185 -24.69 -23.01 -25.50
CA PHE C 185 -25.27 -21.76 -25.99
C PHE C 185 -24.71 -20.55 -25.24
N ALA C 186 -24.60 -20.66 -23.92
CA ALA C 186 -24.04 -19.57 -23.13
C ALA C 186 -22.58 -19.32 -23.51
N SER C 187 -21.81 -20.39 -23.72
CA SER C 187 -20.42 -20.23 -24.14
C SER C 187 -20.34 -19.54 -25.50
N GLN C 188 -21.22 -19.91 -26.43
CA GLN C 188 -21.22 -19.29 -27.74
C GLN C 188 -21.53 -17.81 -27.64
N ARG C 189 -22.53 -17.45 -26.83
CA ARG C 189 -22.87 -16.03 -26.67
C ARG C 189 -21.72 -15.26 -26.02
N ALA C 190 -21.07 -15.85 -25.02
CA ALA C 190 -19.95 -15.19 -24.38
C ALA C 190 -18.80 -14.98 -25.37
N ALA C 191 -18.53 -15.98 -26.19
CA ALA C 191 -17.47 -15.85 -27.19
C ALA C 191 -17.80 -14.77 -28.20
N ASN C 192 -19.06 -14.69 -28.63
CA ASN C 192 -19.45 -13.64 -29.56
C ASN C 192 -19.29 -12.26 -28.95
N HIS C 193 -19.68 -12.11 -27.68
CA HIS C 193 -19.52 -10.82 -27.02
C HIS C 193 -18.05 -10.44 -26.89
N LEU C 194 -17.20 -11.39 -26.51
CA LEU C 194 -15.77 -11.11 -26.39
C LEU C 194 -15.17 -10.72 -27.74
N ASN C 195 -15.61 -11.39 -28.81
CA ASN C 195 -15.12 -11.04 -30.14
C ASN C 195 -15.53 -9.61 -30.51
N GLU C 196 -16.76 -9.22 -30.21
CA GLU C 196 -17.20 -7.86 -30.49
C GLU C 196 -16.38 -6.85 -29.70
N GLU C 197 -16.09 -7.16 -28.44
CA GLU C 197 -15.27 -6.27 -27.62
C GLU C 197 -13.87 -6.12 -28.22
N ILE C 198 -13.28 -7.22 -28.68
CA ILE C 198 -11.96 -7.15 -29.31
C ILE C 198 -12.00 -6.28 -30.55
N LYS C 199 -13.04 -6.42 -31.37
CA LYS C 199 -13.14 -5.60 -32.58
C LYS C 199 -13.25 -4.12 -32.23
N GLY C 200 -14.07 -3.78 -31.24
CA GLY C 200 -14.21 -2.37 -30.88
C GLY C 200 -12.94 -1.78 -30.33
N ALA C 201 -12.25 -2.52 -29.44
CA ALA C 201 -10.99 -2.03 -28.90
C ALA C 201 -9.94 -1.90 -30.00
N TRP C 202 -9.97 -2.82 -30.98
CA TRP C 202 -9.05 -2.73 -32.11
C TRP C 202 -9.30 -1.47 -32.93
N ALA C 203 -10.57 -1.15 -33.18
CA ALA C 203 -10.88 0.07 -33.92
C ALA C 203 -10.42 1.31 -33.16
N ALA C 204 -10.67 1.35 -31.85
CA ALA C 204 -10.20 2.48 -31.05
C ALA C 204 -8.68 2.58 -31.10
N ARG C 205 -7.99 1.44 -31.03
CA ARG C 205 -6.54 1.43 -31.04
C ARG C 205 -5.99 1.96 -32.36
N THR C 206 -6.57 1.52 -33.49
CA THR C 206 -6.05 1.98 -34.77
C THR C 206 -6.35 3.46 -34.99
N ILE C 207 -7.49 3.95 -34.49
CA ILE C 207 -7.75 5.38 -34.55
C ILE C 207 -6.72 6.15 -33.74
N PHE C 208 -6.39 5.63 -32.55
CA PHE C 208 -5.40 6.30 -31.69
C PHE C 208 -4.03 6.37 -32.36
N MET C 209 -3.59 5.25 -32.95
CA MET C 209 -2.30 5.27 -33.64
C MET C 209 -2.32 6.18 -34.87
N LYS C 210 -3.44 6.24 -35.59
CA LYS C 210 -3.51 7.17 -36.71
C LYS C 210 -3.34 8.61 -36.23
N SER C 211 -4.00 8.97 -35.13
CA SER C 211 -3.86 10.31 -34.58
C SER C 211 -2.41 10.57 -34.15
N GLN C 212 -1.79 9.60 -33.47
CA GLN C 212 -0.41 9.78 -33.05
C GLN C 212 0.53 9.97 -34.23
N ILE C 213 0.34 9.18 -35.29
CA ILE C 213 1.19 9.29 -36.46
C ILE C 213 1.01 10.66 -37.13
N LYS C 214 -0.24 11.12 -37.26
CA LYS C 214 -0.47 12.44 -37.84
C LYS C 214 0.22 13.52 -37.02
N ARG C 215 0.16 13.41 -35.69
CA ARG C 215 0.83 14.36 -34.82
C ARG C 215 2.34 14.36 -35.04
N GLN C 216 2.93 13.16 -35.16
CA GLN C 216 4.37 13.08 -35.38
C GLN C 216 4.77 13.68 -36.72
N GLU C 217 3.98 13.43 -37.77
CA GLU C 217 4.27 14.06 -39.06
C GLU C 217 4.17 15.58 -38.97
N ALA C 218 3.18 16.09 -38.23
CA ALA C 218 3.07 17.54 -38.07
C ALA C 218 4.29 18.11 -37.36
N VAL C 219 4.75 17.45 -36.30
CA VAL C 219 5.93 17.93 -35.57
C VAL C 219 7.15 17.93 -36.48
N ALA C 220 7.34 16.83 -37.23
CA ALA C 220 8.50 16.74 -38.11
C ALA C 220 8.44 17.80 -39.20
N LYS C 221 7.25 18.05 -39.75
CA LYS C 221 7.10 19.08 -40.78
C LYS C 221 7.45 20.45 -40.22
N ALA C 222 7.00 20.76 -39.00
CA ALA C 222 7.33 22.04 -38.39
C ALA C 222 8.84 22.19 -38.20
N ILE C 223 9.49 21.15 -37.69
CA ILE C 223 10.93 21.21 -37.47
C ILE C 223 11.66 21.39 -38.80
N TYR C 224 11.26 20.64 -39.82
CA TYR C 224 11.91 20.73 -41.12
C TYR C 224 11.74 22.11 -41.73
N ASP C 225 10.54 22.68 -41.64
CA ASP C 225 10.32 24.01 -42.18
C ASP C 225 11.18 25.04 -41.47
N ARG C 226 11.24 24.97 -40.14
CA ARG C 226 12.07 25.91 -39.38
C ARG C 226 13.54 25.78 -39.78
N GLU C 227 14.03 24.55 -39.87
CA GLU C 227 15.44 24.32 -40.21
C GLU C 227 15.74 24.83 -41.61
N VAL C 228 14.86 24.56 -42.57
CA VAL C 228 15.13 24.97 -43.95
C VAL C 228 15.07 26.49 -44.08
N ARG C 229 14.14 27.14 -43.36
CA ARG C 229 14.10 28.60 -43.38
C ARG C 229 15.38 29.20 -42.81
N SER C 230 15.82 28.66 -41.67
CA SER C 230 17.07 29.15 -41.08
C SER C 230 18.24 28.93 -42.01
N VAL C 231 18.27 27.79 -42.70
CA VAL C 231 19.39 27.48 -43.59
C VAL C 231 19.42 28.42 -44.78
N GLU C 232 18.27 28.67 -45.40
CA GLU C 232 18.26 29.60 -46.54
C GLU C 232 18.66 30.99 -46.11
N LEU C 233 18.16 31.45 -44.96
CA LEU C 233 18.47 32.79 -44.50
C LEU C 233 19.95 32.92 -44.16
N ALA C 234 20.52 31.87 -43.56
CA ALA C 234 21.97 31.85 -43.31
C ALA C 234 22.76 31.84 -44.61
N LEU C 235 22.25 31.16 -45.64
CA LEU C 235 22.88 31.22 -46.96
C LEU C 235 22.94 32.65 -47.48
N LYS C 236 21.80 33.36 -47.40
CA LYS C 236 21.79 34.74 -47.89
C LYS C 236 22.78 35.59 -47.10
N ILE C 237 22.80 35.42 -45.78
CA ILE C 237 23.69 36.23 -44.94
C ILE C 237 25.15 35.93 -45.25
N ALA C 238 25.50 34.64 -45.38
CA ALA C 238 26.89 34.27 -45.68
C ALA C 238 27.30 34.76 -47.07
N GLN C 239 26.38 34.72 -48.02
CA GLN C 239 26.65 35.28 -49.34
C GLN C 239 26.96 36.76 -49.26
N GLN C 240 26.27 37.48 -48.37
CA GLN C 240 26.54 38.92 -48.21
C GLN C 240 27.96 39.15 -47.73
N GLN C 241 28.46 38.34 -46.79
CA GLN C 241 29.82 38.47 -46.29
C GLN C 241 30.76 37.51 -46.97
N GLY C 242 31.13 36.52 -46.16
CA GLY C 242 32.29 35.69 -46.45
C GLY C 242 31.94 34.44 -47.23
N ILE C 243 32.87 34.04 -48.10
CA ILE C 243 32.69 32.85 -48.94
C ILE C 243 33.64 31.72 -48.57
N SER C 244 34.78 32.01 -47.95
CA SER C 244 35.72 30.97 -47.58
C SER C 244 35.13 30.06 -46.50
N ARG C 245 35.51 28.78 -46.57
CA ARG C 245 35.00 27.82 -45.60
C ARG C 245 35.60 28.06 -44.23
N SER C 246 34.76 27.96 -43.20
CA SER C 246 35.17 28.02 -41.79
C SER C 246 36.02 29.27 -41.51
N GLN C 247 35.38 30.44 -41.66
CA GLN C 247 36.07 31.68 -41.31
C GLN C 247 36.42 31.72 -39.83
N THR C 248 35.61 31.07 -39.00
CA THR C 248 35.93 30.85 -37.59
C THR C 248 36.13 29.35 -37.37
N ASP C 249 37.27 29.00 -36.80
CA ASP C 249 37.61 27.59 -36.63
C ASP C 249 37.02 27.05 -35.34
N THR C 250 36.94 25.71 -35.28
CA THR C 250 36.34 24.91 -34.23
C THR C 250 34.85 25.22 -33.96
N PRO C 251 33.98 25.34 -34.98
CA PRO C 251 32.57 24.99 -34.79
C PRO C 251 32.32 23.55 -35.21
N ALA C 252 33.05 22.62 -34.56
CA ALA C 252 33.32 21.32 -35.15
C ALA C 252 32.06 20.61 -35.62
N ASP C 253 31.01 20.59 -34.79
CA ASP C 253 29.77 19.92 -35.16
C ASP C 253 28.62 20.89 -35.34
N GLU C 254 28.31 21.70 -34.32
CA GLU C 254 27.15 22.58 -34.39
C GLU C 254 27.29 23.70 -33.38
N ILE C 255 27.04 24.92 -33.83
CA ILE C 255 26.96 26.09 -32.98
C ILE C 255 25.61 26.72 -33.29
N PRO C 256 25.00 27.51 -32.39
CA PRO C 256 23.57 27.81 -32.52
C PRO C 256 23.27 28.60 -33.78
N ALA C 257 21.98 28.66 -34.11
CA ALA C 257 21.51 29.39 -35.29
C ALA C 257 21.99 30.83 -35.29
N SER C 258 22.39 31.35 -34.13
CA SER C 258 23.03 32.66 -34.05
C SER C 258 24.29 32.71 -34.91
N GLU C 259 24.98 31.58 -35.08
CA GLU C 259 26.16 31.50 -35.94
C GLU C 259 26.02 30.28 -36.84
N MET C 260 25.58 30.50 -38.08
CA MET C 260 25.57 29.45 -39.08
C MET C 260 26.23 29.87 -40.39
N PHE C 261 26.54 31.16 -40.56
CA PHE C 261 27.28 31.65 -41.71
C PHE C 261 28.76 31.31 -41.64
N LEU C 262 29.25 30.81 -40.51
CA LEU C 262 30.68 30.58 -40.33
C LEU C 262 31.19 29.45 -41.21
N LEU C 263 30.30 28.57 -41.65
CA LEU C 263 30.74 27.33 -42.29
C LEU C 263 31.21 27.55 -43.73
N GLY C 264 30.57 28.48 -44.45
CA GLY C 264 30.96 28.75 -45.82
C GLY C 264 29.80 28.79 -46.79
N ARG C 265 30.00 29.39 -47.98
CA ARG C 265 28.89 29.52 -48.92
C ARG C 265 28.59 28.22 -49.65
N PRO C 266 29.56 27.55 -50.31
CA PRO C 266 29.31 26.18 -50.78
C PRO C 266 28.80 25.28 -49.68
N MET C 267 29.34 25.46 -48.47
CA MET C 267 28.92 24.69 -47.31
C MET C 267 27.42 24.81 -47.09
N LEU C 268 26.95 26.04 -46.85
CA LEU C 268 25.53 26.25 -46.59
C LEU C 268 24.67 26.01 -47.81
N GLN C 269 25.22 26.14 -49.03
CA GLN C 269 24.43 25.87 -50.23
C GLN C 269 24.13 24.39 -50.37
N ALA C 270 25.16 23.55 -50.19
CA ALA C 270 24.91 22.11 -50.16
C ALA C 270 24.03 21.73 -48.99
N ARG C 271 24.16 22.45 -47.86
CA ARG C 271 23.24 22.26 -46.75
C ARG C 271 21.79 22.50 -47.19
N LEU C 272 21.54 23.62 -47.87
CA LEU C 272 20.18 23.92 -48.32
C LEU C 272 19.68 22.85 -49.26
N GLU C 273 20.51 22.43 -50.21
CA GLU C 273 20.03 21.46 -51.19
C GLU C 273 19.76 20.11 -50.53
N THR C 274 20.57 19.69 -49.54
CA THR C 274 20.30 18.40 -48.91
C THR C 274 19.06 18.47 -48.02
N LEU C 275 18.83 19.58 -47.32
CA LEU C 275 17.56 19.72 -46.60
C LEU C 275 16.38 19.71 -47.55
N GLN C 276 16.49 20.42 -48.67
CA GLN C 276 15.39 20.48 -49.62
C GLN C 276 15.08 19.10 -50.21
N THR C 277 16.11 18.32 -50.52
CA THR C 277 15.92 17.02 -51.15
C THR C 277 15.68 15.88 -50.18
N SER C 278 15.89 16.10 -48.88
CA SER C 278 15.63 15.08 -47.86
C SER C 278 14.42 15.49 -47.05
N GLY C 279 13.53 14.53 -46.79
CA GLY C 279 12.31 14.81 -46.07
C GLY C 279 12.58 15.18 -44.62
N PRO C 280 11.52 15.51 -43.88
CA PRO C 280 11.69 15.85 -42.47
C PRO C 280 12.29 14.70 -41.69
N HIS C 281 13.11 15.04 -40.71
CA HIS C 281 13.79 14.03 -39.90
C HIS C 281 12.79 13.41 -38.92
N TYR C 282 12.66 12.09 -38.96
CA TYR C 282 11.78 11.37 -38.06
C TYR C 282 12.60 10.54 -37.09
N GLU C 283 12.00 10.24 -35.94
CA GLU C 283 12.65 9.44 -34.90
C GLU C 283 12.19 7.99 -35.00
N LEU C 284 12.71 7.17 -34.09
CA LEU C 284 12.37 5.75 -34.09
C LEU C 284 10.91 5.52 -33.72
N ASP C 285 10.37 6.37 -32.84
CA ASP C 285 8.98 6.22 -32.43
C ASP C 285 8.02 6.33 -33.61
N TYR C 286 8.34 7.17 -34.59
CA TYR C 286 7.50 7.29 -35.77
C TYR C 286 7.42 5.95 -36.51
N ASP C 287 8.58 5.32 -36.72
CA ASP C 287 8.61 4.06 -37.45
C ASP C 287 7.90 2.95 -36.68
N GLN C 288 8.09 2.92 -35.35
CA GLN C 288 7.40 1.93 -34.55
C GLN C 288 5.89 2.13 -34.62
N ASN C 289 5.44 3.38 -34.57
CA ASN C 289 4.00 3.66 -34.67
C ASN C 289 3.47 3.30 -36.05
N ARG C 290 4.26 3.53 -37.10
CA ARG C 290 3.83 3.14 -38.44
C ARG C 290 3.68 1.63 -38.55
N ALA C 291 4.63 0.87 -38.00
CA ALA C 291 4.50 -0.58 -38.02
C ALA C 291 3.29 -1.03 -37.21
N MET C 292 3.05 -0.38 -36.06
CA MET C 292 1.90 -0.73 -35.24
C MET C 292 0.60 -0.45 -35.99
N LEU C 293 0.52 0.67 -36.69
CA LEU C 293 -0.67 0.96 -37.50
C LEU C 293 -0.83 -0.05 -38.61
N ALA C 294 0.26 -0.49 -39.22
CA ALA C 294 0.19 -1.49 -40.27
C ALA C 294 -0.39 -2.80 -39.74
N THR C 295 0.15 -3.29 -38.62
CA THR C 295 -0.35 -4.56 -38.09
C THR C 295 -1.75 -4.43 -37.50
N LEU C 296 -2.17 -3.23 -37.11
CA LEU C 296 -3.56 -3.04 -36.72
C LEU C 296 -4.47 -2.99 -37.94
N ASN C 297 -4.00 -2.44 -39.04
CA ASN C 297 -4.79 -2.36 -40.26
C ASN C 297 -4.89 -3.70 -40.98
N VAL C 298 -3.99 -4.65 -40.68
CA VAL C 298 -4.11 -5.96 -41.31
C VAL C 298 -5.36 -6.68 -40.82
N GLY C 299 -5.90 -6.28 -39.68
CA GLY C 299 -7.11 -6.86 -39.16
C GLY C 299 -6.85 -8.00 -38.20
N PRO C 300 -7.78 -8.25 -37.28
CA PRO C 300 -7.62 -9.36 -36.34
C PRO C 300 -8.18 -10.67 -36.89
N THR C 301 -7.38 -11.73 -36.85
CA THR C 301 -7.80 -13.05 -37.32
C THR C 301 -8.70 -13.66 -36.26
N LEU C 302 -9.97 -13.28 -36.29
CA LEU C 302 -10.94 -13.70 -35.30
C LEU C 302 -11.43 -15.12 -35.59
N GLU C 303 -11.81 -15.82 -34.53
CA GLU C 303 -12.34 -17.17 -34.64
C GLU C 303 -13.83 -17.19 -34.35
N ALA C 304 -14.55 -18.09 -35.03
CA ALA C 304 -16.00 -18.12 -34.93
C ALA C 304 -16.45 -18.52 -33.53
N SER C 305 -15.89 -19.61 -32.99
CA SER C 305 -16.33 -20.14 -31.72
C SER C 305 -15.16 -20.73 -30.96
N PHE C 306 -15.05 -20.37 -29.68
CA PHE C 306 -14.08 -20.98 -28.77
C PHE C 306 -14.75 -21.19 -27.43
N GLN C 307 -14.33 -22.25 -26.74
CA GLN C 307 -14.94 -22.64 -25.48
C GLN C 307 -14.33 -21.81 -24.36
N THR C 308 -15.20 -21.18 -23.56
CA THR C 308 -14.78 -20.29 -22.50
C THR C 308 -15.10 -20.84 -21.11
N TYR C 309 -15.20 -22.17 -20.97
CA TYR C 309 -15.52 -22.79 -19.70
C TYR C 309 -14.74 -24.08 -19.56
N ARG C 310 -14.63 -24.56 -18.33
CA ARG C 310 -14.00 -25.85 -18.04
C ARG C 310 -14.93 -26.65 -17.15
N TYR C 311 -15.19 -27.89 -17.52
CA TYR C 311 -16.14 -28.74 -16.80
C TYR C 311 -15.49 -29.39 -15.60
N LEU C 312 -16.08 -29.19 -14.42
CA LEU C 312 -15.74 -29.93 -13.21
C LEU C 312 -16.86 -30.91 -12.84
N ARG C 313 -18.09 -30.40 -12.76
CA ARG C 313 -19.36 -31.13 -12.82
C ARG C 313 -19.92 -31.05 -14.22
N THR C 314 -19.82 -32.16 -14.96
CA THR C 314 -20.49 -32.35 -16.23
C THR C 314 -21.94 -32.77 -15.99
N PRO C 315 -22.88 -32.24 -16.78
CA PRO C 315 -24.28 -32.67 -16.64
C PRO C 315 -24.41 -34.18 -16.90
N GLU C 316 -25.27 -34.81 -16.13
CA GLU C 316 -25.47 -36.25 -16.24
C GLU C 316 -26.92 -36.56 -15.89
N GLU C 317 -27.34 -37.78 -16.22
CA GLU C 317 -28.70 -38.20 -15.95
C GLU C 317 -28.92 -38.33 -14.46
N PRO C 318 -29.88 -37.62 -13.86
CA PRO C 318 -30.13 -37.79 -12.43
C PRO C 318 -30.69 -39.16 -12.13
N VAL C 319 -30.39 -39.65 -10.92
CA VAL C 319 -30.83 -40.97 -10.53
C VAL C 319 -32.09 -40.94 -9.67
N LYS C 320 -32.42 -39.81 -9.05
CA LYS C 320 -33.62 -39.68 -8.24
C LYS C 320 -34.31 -38.36 -8.55
N ARG C 321 -35.64 -38.39 -8.53
CA ARG C 321 -36.42 -37.18 -8.76
C ARG C 321 -36.42 -36.29 -7.52
N ASP C 322 -36.33 -34.98 -7.75
CA ASP C 322 -36.38 -34.02 -6.67
C ASP C 322 -37.81 -33.60 -6.35
N SER C 323 -38.67 -33.58 -7.36
CA SER C 323 -40.08 -33.21 -7.27
C SER C 323 -40.89 -34.44 -6.86
N PRO C 324 -42.25 -34.37 -6.76
CA PRO C 324 -42.97 -35.25 -5.84
C PRO C 324 -42.19 -35.80 -4.65
N ARG C 325 -41.36 -36.83 -4.88
CA ARG C 325 -40.81 -37.63 -3.78
C ARG C 325 -41.95 -38.21 -2.94
N ARG C 326 -42.69 -39.11 -3.60
CA ARG C 326 -44.00 -39.54 -3.09
C ARG C 326 -43.93 -39.98 -1.65
N ALA C 327 -42.85 -40.66 -1.26
CA ALA C 327 -42.70 -41.08 0.14
C ALA C 327 -42.69 -39.89 1.08
N PHE C 328 -41.99 -38.81 0.70
CA PHE C 328 -41.97 -37.62 1.54
C PHE C 328 -43.35 -36.99 1.66
N LEU C 329 -44.08 -36.90 0.56
CA LEU C 329 -45.45 -36.39 0.61
C LEU C 329 -46.39 -37.36 1.29
N MET C 330 -46.12 -38.67 1.16
CA MET C 330 -46.96 -39.67 1.81
C MET C 330 -46.93 -39.52 3.32
N VAL C 331 -45.72 -39.47 3.90
CA VAL C 331 -45.59 -39.39 5.35
C VAL C 331 -46.02 -38.02 5.86
N MET C 332 -45.64 -36.95 5.17
CA MET C 332 -45.83 -35.61 5.70
C MET C 332 -47.31 -35.29 5.91
N TRP C 333 -48.08 -35.25 4.82
CA TRP C 333 -49.49 -34.89 4.93
C TRP C 333 -50.31 -35.95 5.63
N GLY C 334 -49.86 -37.21 5.62
CA GLY C 334 -50.55 -38.24 6.38
C GLY C 334 -50.47 -38.01 7.88
N ALA C 335 -49.31 -37.56 8.36
CA ALA C 335 -49.14 -37.31 9.78
C ALA C 335 -49.84 -36.04 10.23
N ILE C 336 -50.01 -35.07 9.31
CA ILE C 336 -50.68 -33.82 9.66
C ILE C 336 -52.13 -34.09 10.06
N GLY C 337 -52.83 -34.92 9.29
CA GLY C 337 -54.20 -35.24 9.58
C GLY C 337 -54.37 -36.16 10.78
N ILE D 39 -69.67 -15.35 9.79
CA ILE D 39 -68.85 -14.16 9.96
C ILE D 39 -67.69 -14.18 8.96
N GLY D 40 -67.10 -15.36 8.78
CA GLY D 40 -66.00 -15.48 7.84
C GLY D 40 -66.42 -15.20 6.40
N LEU D 41 -67.65 -15.57 6.04
CA LEU D 41 -68.13 -15.33 4.68
C LEU D 41 -68.25 -13.83 4.41
N LEU D 42 -68.66 -13.05 5.41
CA LEU D 42 -68.78 -11.60 5.22
C LEU D 42 -67.43 -10.97 4.94
N PHE D 43 -66.40 -11.36 5.72
CA PHE D 43 -65.06 -10.85 5.47
C PHE D 43 -64.52 -11.34 4.13
N ALA D 44 -64.85 -12.58 3.75
CA ALA D 44 -64.45 -13.10 2.46
C ALA D 44 -65.04 -12.25 1.33
N VAL D 45 -66.32 -11.91 1.43
CA VAL D 45 -66.98 -11.09 0.43
C VAL D 45 -66.38 -9.69 0.41
N VAL D 46 -66.05 -9.16 1.59
CA VAL D 46 -65.44 -7.83 1.66
C VAL D 46 -64.09 -7.83 0.95
N ALA D 47 -63.27 -8.85 1.20
CA ALA D 47 -61.97 -8.94 0.54
C ALA D 47 -62.13 -9.14 -0.96
N LEU D 48 -63.12 -9.93 -1.37
CA LEU D 48 -63.37 -10.13 -2.80
C LEU D 48 -63.75 -8.82 -3.48
N GLY D 49 -64.62 -8.04 -2.84
CA GLY D 49 -64.98 -6.74 -3.40
C GLY D 49 -63.81 -5.77 -3.43
N TYR D 50 -62.98 -5.79 -2.38
CA TYR D 50 -61.80 -4.94 -2.36
C TYR D 50 -60.85 -5.30 -3.50
N SER D 51 -60.68 -6.60 -3.75
CA SER D 51 -59.85 -7.03 -4.87
C SER D 51 -60.45 -6.58 -6.20
N TYR D 52 -61.77 -6.68 -6.34
CA TYR D 52 -62.42 -6.20 -7.55
C TYR D 52 -62.31 -4.69 -7.73
N LEU D 53 -62.14 -3.94 -6.64
CA LEU D 53 -62.12 -2.48 -6.71
C LEU D 53 -60.72 -1.90 -6.88
N VAL D 54 -59.69 -2.59 -6.37
CA VAL D 54 -58.34 -2.07 -6.42
C VAL D 54 -57.79 -2.20 -7.84
N LYS D 55 -57.15 -1.13 -8.33
CA LYS D 55 -56.56 -1.15 -9.66
C LYS D 55 -55.50 -2.24 -9.76
N GLN D 56 -55.57 -3.03 -10.83
CA GLN D 56 -54.60 -4.09 -11.03
C GLN D 56 -53.25 -3.50 -11.43
N GLU D 57 -52.18 -4.01 -10.83
CA GLU D 57 -50.82 -3.55 -11.10
C GLU D 57 -49.98 -4.72 -11.58
N TRP D 58 -49.62 -4.69 -12.86
CA TRP D 58 -48.70 -5.64 -13.46
C TRP D 58 -47.30 -5.05 -13.47
N GLY D 59 -46.30 -5.87 -13.14
CA GLY D 59 -44.94 -5.40 -13.03
C GLY D 59 -43.97 -6.05 -13.99
N ALA D 60 -43.15 -5.22 -14.64
CA ALA D 60 -42.08 -5.68 -15.53
C ALA D 60 -40.73 -5.32 -14.93
N THR D 61 -39.82 -6.29 -14.96
CA THR D 61 -38.52 -6.15 -14.30
C THR D 61 -37.41 -6.25 -15.34
N SER D 62 -36.45 -5.33 -15.26
CA SER D 62 -35.29 -5.34 -16.14
C SER D 62 -34.02 -5.15 -15.30
N ILE D 63 -32.92 -5.76 -15.72
CA ILE D 63 -31.64 -5.58 -15.06
C ILE D 63 -30.59 -5.30 -16.11
N THR D 64 -29.73 -4.32 -15.84
CA THR D 64 -28.79 -3.80 -16.82
C THR D 64 -27.37 -3.87 -16.27
N ASP D 65 -26.41 -3.75 -17.18
CA ASP D 65 -24.99 -3.75 -16.83
C ASP D 65 -24.28 -2.71 -17.69
N LYS D 66 -22.96 -2.64 -17.53
CA LYS D 66 -22.18 -1.62 -18.21
C LYS D 66 -22.18 -1.84 -19.72
N PRO D 67 -22.13 -0.77 -20.50
CA PRO D 67 -22.23 -0.91 -21.95
C PRO D 67 -20.96 -1.45 -22.57
N THR D 68 -21.11 -1.98 -23.79
CA THR D 68 -19.98 -2.46 -24.56
C THR D 68 -19.18 -1.29 -25.13
N VAL D 69 -17.92 -1.54 -25.43
CA VAL D 69 -17.07 -0.51 -26.03
C VAL D 69 -17.58 -0.13 -27.41
N ASN D 70 -18.06 -1.11 -28.17
CA ASN D 70 -18.50 -0.86 -29.54
C ASN D 70 -19.70 0.06 -29.57
N MET D 71 -20.65 -0.11 -28.64
CA MET D 71 -21.90 0.64 -28.66
C MET D 71 -21.78 2.03 -28.06
N LEU D 72 -20.64 2.36 -27.44
CA LEU D 72 -20.44 3.72 -26.95
C LEU D 72 -20.18 4.71 -28.08
N GLY D 73 -19.76 4.22 -29.25
CA GLY D 73 -19.56 5.11 -30.38
C GLY D 73 -18.33 5.98 -30.23
N GLY D 74 -18.33 7.07 -31.01
CA GLY D 74 -17.18 7.96 -31.04
C GLY D 74 -16.87 8.60 -29.72
N TYR D 75 -17.83 8.58 -28.78
CA TYR D 75 -17.56 9.08 -27.44
C TYR D 75 -16.35 8.41 -26.83
N TYR D 76 -16.17 7.11 -27.07
CA TYR D 76 -15.01 6.41 -26.54
C TYR D 76 -13.71 7.07 -26.99
N SER D 77 -13.61 7.37 -28.29
CA SER D 77 -12.42 8.04 -28.78
C SER D 77 -12.32 9.47 -28.28
N GLN D 78 -13.45 10.17 -28.13
CA GLN D 78 -13.42 11.56 -27.72
C GLN D 78 -13.11 11.73 -26.24
N GLN D 79 -13.29 10.69 -25.44
CA GLN D 79 -12.86 10.72 -24.05
C GLN D 79 -11.43 10.26 -23.88
N GLN D 80 -10.96 9.35 -24.73
CA GLN D 80 -9.57 8.93 -24.68
C GLN D 80 -8.64 10.05 -25.13
N PHE D 81 -9.04 10.82 -26.15
CA PHE D 81 -8.26 11.99 -26.53
C PHE D 81 -8.17 13.00 -25.39
N LEU D 82 -9.15 13.01 -24.49
CA LEU D 82 -9.19 13.99 -23.41
C LEU D 82 -8.44 13.52 -22.16
N ARG D 83 -8.43 12.22 -21.89
CA ARG D 83 -7.80 11.69 -20.69
C ARG D 83 -6.52 10.92 -20.99
N ASN D 84 -6.57 10.00 -21.95
CA ASN D 84 -5.45 9.09 -22.20
C ASN D 84 -4.19 9.82 -22.63
N LEU D 85 -4.31 10.99 -23.26
CA LEU D 85 -3.14 11.73 -23.68
C LEU D 85 -3.04 13.11 -23.05
N ASP D 86 -4.13 13.88 -23.06
CA ASP D 86 -4.03 15.30 -22.72
C ASP D 86 -3.71 15.49 -21.24
N ALA D 87 -4.60 15.01 -20.37
CA ALA D 87 -4.47 15.31 -18.94
C ALA D 87 -3.19 14.73 -18.36
N ARG D 88 -2.96 13.44 -18.58
CA ARG D 88 -1.81 12.78 -17.95
C ARG D 88 -0.49 13.33 -18.45
N SER D 89 -0.36 13.55 -19.76
CA SER D 89 0.92 13.97 -20.30
C SER D 89 1.19 15.45 -20.10
N PHE D 90 0.18 16.29 -20.16
CA PHE D 90 0.38 17.74 -20.11
C PHE D 90 0.03 18.35 -18.76
N SER D 91 -0.38 17.54 -17.78
CA SER D 91 -0.61 18.05 -16.43
C SER D 91 -0.02 17.20 -15.32
N SER D 92 0.22 15.90 -15.55
CA SER D 92 0.67 14.99 -14.51
C SER D 92 -0.18 15.10 -13.23
N PRO D 93 -1.50 14.85 -13.31
CA PRO D 93 -2.34 14.98 -12.12
C PRO D 93 -2.29 13.74 -11.24
N GLN D 94 -1.94 12.61 -11.83
CA GLN D 94 -1.90 11.32 -11.14
C GLN D 94 -3.20 11.00 -10.39
N PRO D 95 -4.35 10.98 -11.10
CA PRO D 95 -5.60 10.64 -10.43
C PRO D 95 -5.94 9.16 -10.55
N GLU D 96 -7.00 8.75 -9.87
CA GLU D 96 -7.57 7.41 -10.03
C GLU D 96 -9.00 7.56 -10.54
N GLN D 97 -9.25 7.06 -11.74
CA GLN D 97 -10.54 7.23 -12.38
C GLN D 97 -11.06 5.91 -12.92
N PRO D 98 -12.37 5.73 -12.97
CA PRO D 98 -12.94 4.49 -13.52
C PRO D 98 -12.83 4.44 -15.03
N SER D 99 -13.25 3.33 -15.63
CA SER D 99 -13.23 3.20 -17.08
C SER D 99 -14.28 4.10 -17.72
N ILE D 100 -14.10 4.34 -19.02
CA ILE D 100 -15.06 5.16 -19.75
C ILE D 100 -16.43 4.51 -19.75
N SER D 101 -16.47 3.20 -20.02
CA SER D 101 -17.74 2.47 -19.96
C SER D 101 -18.29 2.48 -18.55
N ALA D 102 -17.43 2.35 -17.55
CA ALA D 102 -17.88 2.39 -16.16
C ALA D 102 -18.51 3.73 -15.83
N GLY D 103 -17.89 4.83 -16.28
CA GLY D 103 -18.46 6.14 -16.03
C GLY D 103 -19.78 6.35 -16.76
N ALA D 104 -19.86 5.90 -18.01
CA ALA D 104 -21.12 6.01 -18.75
C ALA D 104 -22.23 5.23 -18.05
N TYR D 105 -21.92 4.02 -17.58
CA TYR D 105 -22.93 3.24 -16.88
C TYR D 105 -23.30 3.87 -15.55
N ASP D 106 -22.33 4.47 -14.86
CA ASP D 106 -22.63 5.14 -13.60
C ASP D 106 -23.58 6.30 -13.81
N GLU D 107 -23.35 7.10 -14.87
CA GLU D 107 -24.28 8.19 -15.14
C GLU D 107 -25.64 7.67 -15.61
N PHE D 108 -25.66 6.58 -16.36
CA PHE D 108 -26.94 5.99 -16.76
C PHE D 108 -27.74 5.55 -15.54
N ILE D 109 -27.07 4.94 -14.57
CA ILE D 109 -27.74 4.54 -13.33
C ILE D 109 -28.20 5.77 -12.55
N MET D 110 -27.37 6.81 -12.51
CA MET D 110 -27.75 8.02 -11.79
C MET D 110 -28.99 8.66 -12.39
N GLN D 111 -29.08 8.70 -13.72
CA GLN D 111 -30.25 9.26 -14.40
C GLN D 111 -31.40 8.27 -14.52
N LEU D 112 -31.18 7.01 -14.18
CA LEU D 112 -32.23 6.00 -14.26
C LEU D 112 -33.03 5.91 -12.97
N ALA D 113 -32.40 6.14 -11.83
CA ALA D 113 -33.08 6.20 -10.55
C ALA D 113 -33.39 7.63 -10.13
N ALA D 114 -33.08 8.61 -10.98
CA ALA D 114 -33.36 10.00 -10.66
C ALA D 114 -34.86 10.26 -10.78
N TYR D 115 -35.39 11.00 -9.80
CA TYR D 115 -36.83 11.28 -9.79
C TYR D 115 -37.24 12.16 -10.95
N ASP D 116 -36.41 13.12 -11.33
CA ASP D 116 -36.77 14.04 -12.39
C ASP D 116 -36.94 13.32 -13.72
N THR D 117 -36.09 12.33 -13.99
CA THR D 117 -36.24 11.54 -15.21
C THR D 117 -37.59 10.83 -15.22
N ARG D 118 -37.99 10.26 -14.08
CA ARG D 118 -39.27 9.57 -14.02
C ARG D 118 -40.44 10.53 -14.21
N ARG D 119 -40.37 11.71 -13.60
CA ARG D 119 -41.40 12.71 -13.80
C ARG D 119 -41.52 13.12 -15.26
N ASP D 120 -40.39 13.37 -15.91
CA ASP D 120 -40.42 13.76 -17.31
C ASP D 120 -40.97 12.64 -18.19
N PHE D 121 -40.57 11.40 -17.91
CA PHE D 121 -41.06 10.27 -18.69
C PHE D 121 -42.57 10.09 -18.53
N TRP D 122 -43.08 10.19 -17.31
CA TRP D 122 -44.51 10.06 -17.11
C TRP D 122 -45.26 11.26 -17.65
N LEU D 123 -44.61 12.41 -17.74
CA LEU D 123 -45.25 13.58 -18.33
C LEU D 123 -45.30 13.50 -19.85
N GLN D 124 -44.34 12.83 -20.49
CA GLN D 124 -44.28 12.77 -21.93
C GLN D 124 -44.99 11.56 -22.54
N THR D 125 -45.54 10.66 -21.73
CA THR D 125 -46.13 9.46 -22.28
C THR D 125 -47.64 9.63 -22.48
N ASP D 126 -48.19 8.81 -23.36
CA ASP D 126 -49.64 8.78 -23.58
C ASP D 126 -50.38 8.00 -22.51
N TYR D 127 -49.67 7.19 -21.72
CA TYR D 127 -50.29 6.49 -20.60
C TYR D 127 -50.84 7.45 -19.56
N TYR D 128 -50.24 8.62 -19.41
CA TYR D 128 -50.67 9.60 -18.42
C TYR D 128 -51.56 10.69 -18.99
N LYS D 129 -51.38 11.06 -20.25
CA LYS D 129 -52.22 12.08 -20.87
C LYS D 129 -53.65 11.60 -21.10
N GLN D 130 -53.84 10.32 -21.40
CA GLN D 130 -55.17 9.77 -21.60
C GLN D 130 -55.85 9.41 -20.29
N ARG D 131 -55.12 9.37 -19.18
CA ARG D 131 -55.67 9.11 -17.86
C ARG D 131 -55.89 10.39 -17.06
N LEU D 132 -55.83 11.54 -17.73
CA LEU D 132 -55.94 12.83 -17.06
C LEU D 132 -57.41 13.22 -16.95
N GLU D 133 -57.84 13.58 -15.74
CA GLU D 133 -59.23 13.98 -15.54
C GLU D 133 -59.43 15.48 -15.72
N GLY D 134 -58.62 16.29 -15.06
CA GLY D 134 -58.72 17.73 -15.18
C GLY D 134 -58.53 18.47 -13.88
N ASP D 135 -58.81 17.80 -12.76
CA ASP D 135 -58.62 18.41 -11.45
C ASP D 135 -57.14 18.38 -11.13
N GLU D 136 -56.60 19.54 -10.70
CA GLU D 136 -55.17 19.65 -10.45
C GLU D 136 -54.73 18.72 -9.34
N LYS D 137 -55.52 18.62 -8.27
CA LYS D 137 -55.18 17.70 -7.18
C LYS D 137 -55.13 16.27 -7.67
N ALA D 138 -56.15 15.84 -8.43
CA ALA D 138 -56.17 14.48 -8.94
C ALA D 138 -55.01 14.24 -9.91
N ASP D 139 -54.72 15.23 -10.76
CA ASP D 139 -53.62 15.08 -11.72
C ASP D 139 -52.30 14.91 -10.99
N ALA D 140 -52.04 15.74 -9.98
CA ALA D 140 -50.79 15.65 -9.24
C ALA D 140 -50.69 14.33 -8.48
N ALA D 141 -51.80 13.88 -7.88
CA ALA D 141 -51.78 12.61 -7.16
C ALA D 141 -51.51 11.46 -8.12
N LEU D 142 -52.13 11.48 -9.30
CA LEU D 142 -51.89 10.42 -10.27
C LEU D 142 -50.45 10.42 -10.74
N LEU D 143 -49.88 11.60 -10.98
CA LEU D 143 -48.48 11.67 -11.42
C LEU D 143 -47.54 11.14 -10.33
N ASP D 144 -47.80 11.51 -9.07
CA ASP D 144 -46.97 11.02 -7.98
C ASP D 144 -47.05 9.50 -7.86
N GLU D 145 -48.27 8.95 -8.00
CA GLU D 145 -48.43 7.50 -7.95
C GLU D 145 -47.71 6.82 -9.10
N LEU D 146 -47.82 7.38 -10.31
CA LEU D 146 -47.16 6.80 -11.47
C LEU D 146 -45.66 6.80 -11.31
N VAL D 147 -45.08 7.89 -10.81
CA VAL D 147 -43.63 7.93 -10.63
C VAL D 147 -43.18 6.99 -9.51
N ASN D 148 -43.93 6.96 -8.40
CA ASN D 148 -43.61 6.01 -7.36
C ASN D 148 -43.79 4.57 -7.82
N ASN D 149 -44.50 4.35 -8.92
CA ASN D 149 -44.64 3.01 -9.46
C ASN D 149 -43.29 2.44 -9.88
N ILE D 150 -42.44 3.27 -10.48
CA ILE D 150 -41.12 2.82 -10.92
C ILE D 150 -40.21 2.70 -9.71
N GLN D 151 -39.62 1.53 -9.53
CA GLN D 151 -38.72 1.27 -8.41
C GLN D 151 -37.35 0.84 -8.94
N PHE D 152 -36.32 1.19 -8.19
CA PHE D 152 -34.94 0.88 -8.57
C PHE D 152 -34.24 0.16 -7.43
N THR D 153 -33.39 -0.80 -7.78
CA THR D 153 -32.58 -1.52 -6.82
C THR D 153 -31.13 -1.53 -7.32
N ALA D 154 -30.24 -0.92 -6.54
CA ALA D 154 -28.85 -0.80 -6.91
C ALA D 154 -28.10 -2.11 -6.68
N ARG D 155 -27.03 -2.30 -7.43
CA ARG D 155 -26.24 -3.52 -7.30
C ARG D 155 -25.40 -3.49 -6.02
N ASP D 156 -25.31 -4.63 -5.37
CA ASP D 156 -24.49 -4.80 -4.18
C ASP D 156 -23.37 -5.78 -4.50
N ASP D 157 -22.13 -5.37 -4.29
CA ASP D 157 -20.99 -6.22 -4.60
C ASP D 157 -20.89 -7.42 -3.68
N GLY D 158 -21.52 -7.36 -2.50
CA GLY D 158 -21.50 -8.51 -1.62
C GLY D 158 -22.22 -9.71 -2.21
N LYS D 159 -23.40 -9.47 -2.79
CA LYS D 159 -24.14 -10.51 -3.49
C LYS D 159 -23.86 -10.50 -4.99
N LYS D 160 -22.97 -9.64 -5.46
CA LYS D 160 -22.60 -9.45 -6.86
C LYS D 160 -23.82 -9.56 -7.78
N THR D 161 -24.81 -8.71 -7.50
CA THR D 161 -26.01 -8.60 -8.31
C THR D 161 -25.83 -7.44 -9.30
N ASN D 162 -26.90 -7.10 -10.00
CA ASN D 162 -26.86 -6.04 -11.01
C ASN D 162 -27.99 -5.06 -10.77
N ASP D 163 -27.82 -3.85 -11.29
CA ASP D 163 -28.83 -2.81 -11.15
C ASP D 163 -30.12 -3.23 -11.84
N SER D 164 -31.24 -3.05 -11.15
CA SER D 164 -32.54 -3.50 -11.63
C SER D 164 -33.58 -2.41 -11.47
N VAL D 165 -34.54 -2.39 -12.39
CA VAL D 165 -35.69 -1.49 -12.34
C VAL D 165 -36.95 -2.32 -12.50
N LYS D 166 -38.03 -1.82 -11.89
CA LYS D 166 -39.33 -2.47 -11.94
C LYS D 166 -40.38 -1.42 -12.23
N LEU D 167 -41.17 -1.64 -13.28
CA LEU D 167 -42.21 -0.71 -13.68
C LEU D 167 -43.58 -1.35 -13.47
N VAL D 168 -44.53 -0.55 -13.01
CA VAL D 168 -45.87 -1.01 -12.67
C VAL D 168 -46.86 -0.27 -13.55
N ALA D 169 -47.74 -1.02 -14.22
CA ALA D 169 -48.75 -0.43 -15.08
C ALA D 169 -50.04 -1.23 -14.97
N GLU D 170 -51.13 -0.67 -15.49
CA GLU D 170 -52.43 -1.33 -15.38
C GLU D 170 -52.44 -2.65 -16.16
N THR D 171 -51.86 -2.68 -17.35
CA THR D 171 -51.85 -3.86 -18.19
C THR D 171 -50.43 -4.30 -18.48
N SER D 172 -50.29 -5.58 -18.84
CA SER D 172 -48.97 -6.14 -19.08
C SER D 172 -48.27 -5.50 -20.27
N SER D 173 -49.01 -5.26 -21.36
CA SER D 173 -48.40 -4.68 -22.55
C SER D 173 -47.85 -3.29 -22.25
N ASP D 174 -48.63 -2.46 -21.56
CA ASP D 174 -48.11 -1.17 -21.12
C ASP D 174 -46.97 -1.37 -20.12
N SER D 175 -47.07 -2.39 -19.27
CA SER D 175 -46.06 -2.61 -18.25
C SER D 175 -44.68 -2.85 -18.87
N ASN D 176 -44.62 -3.57 -19.98
CA ASN D 176 -43.30 -3.79 -20.57
C ASN D 176 -42.92 -2.72 -21.58
N THR D 177 -43.88 -2.22 -22.36
CA THR D 177 -43.56 -1.18 -23.33
C THR D 177 -43.08 0.10 -22.65
N LEU D 178 -43.76 0.50 -21.57
CA LEU D 178 -43.35 1.71 -20.86
C LEU D 178 -41.98 1.53 -20.22
N LEU D 179 -41.68 0.34 -19.72
CA LEU D 179 -40.35 0.10 -19.15
C LEU D 179 -39.27 0.25 -20.21
N ARG D 180 -39.49 -0.31 -21.41
CA ARG D 180 -38.51 -0.17 -22.47
C ARG D 180 -38.33 1.30 -22.86
N GLN D 181 -39.43 2.03 -23.00
CA GLN D 181 -39.34 3.44 -23.33
C GLN D 181 -38.62 4.23 -22.24
N TYR D 182 -38.87 3.89 -20.98
CA TYR D 182 -38.23 4.59 -19.88
C TYR D 182 -36.73 4.35 -19.86
N VAL D 183 -36.30 3.11 -20.13
CA VAL D 183 -34.87 2.83 -20.20
C VAL D 183 -34.24 3.61 -21.34
N VAL D 184 -34.91 3.66 -22.49
CA VAL D 184 -34.38 4.42 -23.62
C VAL D 184 -34.27 5.90 -23.27
N PHE D 185 -35.29 6.44 -22.59
CA PHE D 185 -35.27 7.84 -22.20
C PHE D 185 -34.13 8.14 -21.25
N ALA D 186 -33.92 7.26 -20.26
CA ALA D 186 -32.82 7.45 -19.32
C ALA D 186 -31.48 7.39 -20.03
N SER D 187 -31.33 6.45 -20.98
CA SER D 187 -30.08 6.37 -21.73
C SER D 187 -29.85 7.64 -22.54
N GLN D 188 -30.91 8.18 -23.15
CA GLN D 188 -30.78 9.41 -23.92
C GLN D 188 -30.34 10.57 -23.03
N ARG D 189 -30.95 10.69 -21.85
CA ARG D 189 -30.57 11.77 -20.95
C ARG D 189 -29.14 11.61 -20.47
N ALA D 190 -28.72 10.38 -20.16
CA ALA D 190 -27.34 10.15 -19.74
C ALA D 190 -26.36 10.51 -20.86
N ALA D 191 -26.69 10.14 -22.10
CA ALA D 191 -25.82 10.48 -23.23
C ALA D 191 -25.72 11.98 -23.40
N ASN D 192 -26.85 12.69 -23.27
CA ASN D 192 -26.81 14.14 -23.39
C ASN D 192 -25.94 14.77 -22.31
N HIS D 193 -26.07 14.28 -21.07
CA HIS D 193 -25.24 14.82 -19.99
C HIS D 193 -23.76 14.56 -20.24
N LEU D 194 -23.42 13.34 -20.69
CA LEU D 194 -22.03 13.03 -20.97
C LEU D 194 -21.48 13.90 -22.09
N ASN D 195 -22.30 14.16 -23.11
CA ASN D 195 -21.87 15.04 -24.20
C ASN D 195 -21.60 16.45 -23.70
N GLU D 196 -22.47 16.96 -22.82
CA GLU D 196 -22.24 18.30 -22.26
C GLU D 196 -20.97 18.33 -21.44
N GLU D 197 -20.71 17.27 -20.67
CA GLU D 197 -19.47 17.21 -19.88
C GLU D 197 -18.25 17.21 -20.80
N ILE D 198 -18.30 16.47 -21.90
CA ILE D 198 -17.19 16.46 -22.85
C ILE D 198 -16.96 17.85 -23.42
N LYS D 199 -18.04 18.54 -23.79
CA LYS D 199 -17.88 19.89 -24.34
C LYS D 199 -17.25 20.84 -23.34
N GLY D 200 -17.69 20.79 -22.08
CA GLY D 200 -17.12 21.67 -21.07
C GLY D 200 -15.66 21.40 -20.81
N ALA D 201 -15.30 20.12 -20.69
CA ALA D 201 -13.89 19.77 -20.47
C ALA D 201 -13.05 20.15 -21.68
N TRP D 202 -13.61 20.03 -22.89
CA TRP D 202 -12.91 20.46 -24.09
C TRP D 202 -12.64 21.96 -24.07
N ALA D 203 -13.63 22.76 -23.67
CA ALA D 203 -13.42 24.20 -23.59
C ALA D 203 -12.35 24.55 -22.55
N ALA D 204 -12.39 23.90 -21.39
CA ALA D 204 -11.36 24.13 -20.40
C ALA D 204 -9.98 23.74 -20.92
N ARG D 205 -9.91 22.62 -21.64
CA ARG D 205 -8.63 22.16 -22.18
C ARG D 205 -8.07 23.15 -23.20
N THR D 206 -8.91 23.65 -24.11
CA THR D 206 -8.40 24.57 -25.12
C THR D 206 -7.99 25.90 -24.50
N ILE D 207 -8.71 26.35 -23.46
CA ILE D 207 -8.27 27.55 -22.74
C ILE D 207 -6.91 27.32 -22.10
N PHE D 208 -6.72 26.14 -21.50
CA PHE D 208 -5.45 25.83 -20.85
C PHE D 208 -4.30 25.82 -21.85
N MET D 209 -4.50 25.18 -23.01
CA MET D 209 -3.44 25.19 -24.01
C MET D 209 -3.18 26.57 -24.57
N LYS D 210 -4.22 27.40 -24.72
CA LYS D 210 -3.98 28.76 -25.17
C LYS D 210 -3.11 29.53 -24.17
N SER D 211 -3.39 29.36 -22.88
CA SER D 211 -2.57 30.01 -21.87
C SER D 211 -1.13 29.50 -21.91
N GLN D 212 -0.96 28.19 -22.04
CA GLN D 212 0.39 27.61 -22.12
C GLN D 212 1.16 28.15 -23.31
N ILE D 213 0.50 28.22 -24.47
CA ILE D 213 1.15 28.72 -25.67
C ILE D 213 1.55 30.17 -25.51
N LYS D 214 0.66 30.99 -24.94
CA LYS D 214 1.01 32.40 -24.71
C LYS D 214 2.22 32.52 -23.80
N ARG D 215 2.27 31.69 -22.76
CA ARG D 215 3.41 31.69 -21.85
C ARG D 215 4.70 31.32 -22.57
N GLN D 216 4.64 30.31 -23.44
CA GLN D 216 5.84 29.91 -24.17
C GLN D 216 6.31 31.00 -25.12
N GLU D 217 5.38 31.68 -25.79
CA GLU D 217 5.77 32.79 -26.64
C GLU D 217 6.40 33.92 -25.83
N ALA D 218 5.86 34.19 -24.64
CA ALA D 218 6.46 35.22 -23.79
C ALA D 218 7.88 34.86 -23.38
N VAL D 219 8.10 33.60 -23.01
CA VAL D 219 9.44 33.16 -22.61
C VAL D 219 10.41 33.29 -23.80
N ALA D 220 9.98 32.84 -24.97
CA ALA D 220 10.84 32.91 -26.15
C ALA D 220 11.15 34.35 -26.52
N LYS D 221 10.16 35.24 -26.42
CA LYS D 221 10.40 36.65 -26.71
C LYS D 221 11.40 37.25 -25.74
N ALA D 222 11.29 36.92 -24.46
CA ALA D 222 12.26 37.42 -23.48
C ALA D 222 13.67 36.95 -23.80
N ILE D 223 13.81 35.65 -24.10
CA ILE D 223 15.14 35.11 -24.42
C ILE D 223 15.70 35.77 -25.66
N TYR D 224 14.87 35.92 -26.70
CA TYR D 224 15.34 36.53 -27.94
C TYR D 224 15.76 37.98 -27.74
N ASP D 225 14.98 38.74 -26.95
CA ASP D 225 15.34 40.13 -26.69
C ASP D 225 16.66 40.22 -25.95
N ARG D 226 16.84 39.36 -24.92
CA ARG D 226 18.10 39.38 -24.18
C ARG D 226 19.27 39.04 -25.08
N GLU D 227 19.12 38.00 -25.91
CA GLU D 227 20.20 37.58 -26.80
C GLU D 227 20.54 38.68 -27.80
N VAL D 228 19.53 39.31 -28.39
CA VAL D 228 19.79 40.33 -29.40
C VAL D 228 20.44 41.56 -28.77
N ARG D 229 20.02 41.93 -27.56
CA ARG D 229 20.66 43.05 -26.89
C ARG D 229 22.12 42.76 -26.60
N SER D 230 22.40 41.56 -26.08
CA SER D 230 23.79 41.19 -25.83
C SER D 230 24.60 41.17 -27.11
N VAL D 231 24.00 40.71 -28.21
CA VAL D 231 24.73 40.62 -29.47
C VAL D 231 25.07 42.00 -30.00
N GLU D 232 24.10 42.93 -29.99
CA GLU D 232 24.38 44.29 -30.46
C GLU D 232 25.45 44.96 -29.61
N LEU D 233 25.36 44.80 -28.29
CA LEU D 233 26.31 45.45 -27.40
C LEU D 233 27.71 44.86 -27.59
N ALA D 234 27.79 43.55 -27.80
CA ALA D 234 29.07 42.92 -28.13
C ALA D 234 29.60 43.41 -29.47
N LEU D 235 28.72 43.66 -30.43
CA LEU D 235 29.14 44.26 -31.70
C LEU D 235 29.79 45.62 -31.48
N LYS D 236 29.14 46.48 -30.68
CA LYS D 236 29.72 47.79 -30.42
C LYS D 236 31.08 47.67 -29.73
N ILE D 237 31.18 46.76 -28.76
CA ILE D 237 32.44 46.60 -28.03
C ILE D 237 33.54 46.08 -28.95
N ALA D 238 33.23 45.08 -29.77
CA ALA D 238 34.23 44.53 -30.68
C ALA D 238 34.65 45.56 -31.72
N GLN D 239 33.72 46.38 -32.18
CA GLN D 239 34.07 47.47 -33.09
C GLN D 239 35.03 48.44 -32.43
N GLN D 240 34.87 48.69 -31.13
CA GLN D 240 35.79 49.58 -30.44
C GLN D 240 37.21 49.03 -30.44
N GLN D 241 37.37 47.72 -30.25
CA GLN D 241 38.69 47.10 -30.27
C GLN D 241 38.98 46.46 -31.61
N ARG D 265 34.53 42.16 -36.21
CA ARG D 265 33.28 42.80 -36.58
C ARG D 265 32.35 41.98 -37.49
N PRO D 266 32.89 41.28 -38.52
CA PRO D 266 31.97 40.62 -39.45
C PRO D 266 31.23 39.46 -38.80
N MET D 267 31.94 38.73 -37.93
CA MET D 267 31.35 37.61 -37.20
C MET D 267 30.11 38.06 -36.42
N LEU D 268 30.30 38.99 -35.49
CA LEU D 268 29.20 39.47 -34.67
C LEU D 268 28.18 40.27 -35.46
N GLN D 269 28.58 40.88 -36.59
CA GLN D 269 27.62 41.63 -37.39
C GLN D 269 26.65 40.69 -38.09
N ALA D 270 27.17 39.63 -38.72
CA ALA D 270 26.29 38.62 -39.27
C ALA D 270 25.48 37.93 -38.18
N ARG D 271 26.07 37.78 -36.99
CA ARG D 271 25.30 37.29 -35.84
C ARG D 271 24.09 38.19 -35.56
N LEU D 272 24.32 39.50 -35.50
CA LEU D 272 23.21 40.43 -35.23
C LEU D 272 22.16 40.33 -36.32
N GLU D 273 22.58 40.30 -37.58
CA GLU D 273 21.59 40.29 -38.65
C GLU D 273 20.80 38.97 -38.66
N THR D 274 21.43 37.83 -38.33
CA THR D 274 20.66 36.59 -38.33
C THR D 274 19.72 36.52 -37.14
N LEU D 275 20.12 37.03 -35.97
CA LEU D 275 19.15 37.11 -34.87
C LEU D 275 18.00 38.05 -35.22
N GLN D 276 18.30 39.20 -35.84
CA GLN D 276 17.24 40.13 -36.18
C GLN D 276 16.26 39.54 -37.19
N THR D 277 16.76 38.79 -38.17
CA THR D 277 15.91 38.25 -39.22
C THR D 277 15.30 36.90 -38.88
N SER D 278 15.73 36.25 -37.80
CA SER D 278 15.15 34.99 -37.37
C SER D 278 14.37 35.21 -36.08
N GLY D 279 13.18 34.63 -36.00
CA GLY D 279 12.33 34.81 -34.85
C GLY D 279 12.91 34.17 -33.60
N PRO D 280 12.22 34.34 -32.47
CA PRO D 280 12.71 33.73 -31.23
C PRO D 280 12.78 32.21 -31.35
N HIS D 281 13.78 31.64 -30.70
CA HIS D 281 13.99 30.20 -30.75
C HIS D 281 12.96 29.50 -29.90
N TYR D 282 12.21 28.57 -30.49
CA TYR D 282 11.21 27.79 -29.78
C TYR D 282 11.67 26.34 -29.68
N GLU D 283 11.13 25.64 -28.68
CA GLU D 283 11.45 24.25 -28.45
C GLU D 283 10.37 23.35 -29.05
N LEU D 284 10.54 22.04 -28.88
CA LEU D 284 9.58 21.07 -29.42
C LEU D 284 8.24 21.16 -28.70
N ASP D 285 8.27 21.48 -27.40
CA ASP D 285 7.04 21.57 -26.64
C ASP D 285 6.11 22.63 -27.20
N TYR D 286 6.66 23.73 -27.71
CA TYR D 286 5.83 24.77 -28.31
C TYR D 286 5.06 24.22 -29.50
N ASP D 287 5.75 23.50 -30.38
CA ASP D 287 5.10 22.96 -31.57
C ASP D 287 4.06 21.91 -31.21
N GLN D 288 4.37 21.06 -30.23
CA GLN D 288 3.39 20.07 -29.79
C GLN D 288 2.16 20.75 -29.21
N ASN D 289 2.35 21.81 -28.42
CA ASN D 289 1.21 22.54 -27.86
C ASN D 289 0.41 23.24 -28.94
N ARG D 290 1.08 23.75 -29.98
CA ARG D 290 0.36 24.37 -31.09
C ARG D 290 -0.49 23.35 -31.83
N ALA D 291 0.05 22.16 -32.08
CA ALA D 291 -0.73 21.12 -32.72
C ALA D 291 -1.91 20.70 -31.85
N MET D 292 -1.68 20.61 -30.53
CA MET D 292 -2.76 20.25 -29.62
C MET D 292 -3.86 21.30 -29.63
N LEU D 293 -3.48 22.59 -29.64
CA LEU D 293 -4.47 23.64 -29.73
C LEU D 293 -5.24 23.57 -31.05
N ALA D 294 -4.54 23.25 -32.14
CA ALA D 294 -5.21 23.13 -33.42
C ALA D 294 -6.26 22.02 -33.40
N THR D 295 -5.88 20.83 -32.91
CA THR D 295 -6.85 19.74 -32.90
C THR D 295 -7.95 19.94 -31.86
N LEU D 296 -7.70 20.75 -30.83
CA LEU D 296 -8.79 21.11 -29.93
C LEU D 296 -9.71 22.14 -30.57
N ASN D 297 -9.17 23.05 -31.37
CA ASN D 297 -9.98 24.07 -32.04
C ASN D 297 -10.77 23.50 -33.21
N VAL D 298 -10.40 22.34 -33.72
CA VAL D 298 -11.18 21.75 -34.80
C VAL D 298 -12.56 21.33 -34.30
N GLY D 299 -12.71 21.14 -32.99
CA GLY D 299 -13.98 20.79 -32.41
C GLY D 299 -14.16 19.30 -32.27
N PRO D 300 -14.99 18.89 -31.30
CA PRO D 300 -15.26 17.45 -31.12
C PRO D 300 -16.42 16.97 -31.97
N THR D 301 -16.20 15.89 -32.72
CA THR D 301 -17.25 15.31 -33.57
C THR D 301 -18.20 14.51 -32.67
N LEU D 302 -19.14 15.24 -32.06
CA LEU D 302 -20.05 14.66 -31.11
C LEU D 302 -21.18 13.92 -31.83
N GLU D 303 -21.73 12.91 -31.16
CA GLU D 303 -22.83 12.12 -31.70
C GLU D 303 -24.11 12.43 -30.94
N ALA D 304 -25.23 12.38 -31.64
CA ALA D 304 -26.51 12.76 -31.05
C ALA D 304 -26.92 11.79 -29.95
N SER D 305 -26.88 10.49 -30.23
CA SER D 305 -27.37 9.49 -29.29
C SER D 305 -26.53 8.23 -29.37
N PHE D 306 -26.12 7.73 -28.21
CA PHE D 306 -25.43 6.45 -28.10
C PHE D 306 -25.96 5.72 -26.88
N GLN D 307 -26.00 4.40 -26.97
CA GLN D 307 -26.57 3.57 -25.92
C GLN D 307 -25.52 3.35 -24.83
N THR D 308 -25.89 3.65 -23.59
CA THR D 308 -24.97 3.57 -22.45
C THR D 308 -25.34 2.46 -21.48
N TYR D 309 -26.04 1.42 -21.95
CA TYR D 309 -26.47 0.31 -21.10
C TYR D 309 -26.36 -0.98 -21.88
N ARG D 310 -26.33 -2.09 -21.14
CA ARG D 310 -26.35 -3.42 -21.73
C ARG D 310 -27.43 -4.24 -21.05
N TYR D 311 -28.29 -4.88 -21.84
CA TYR D 311 -29.43 -5.62 -21.31
C TYR D 311 -29.02 -7.02 -20.87
N LEU D 312 -29.30 -7.35 -19.62
CA LEU D 312 -29.21 -8.72 -19.11
C LEU D 312 -30.59 -9.32 -18.86
N ARG D 313 -31.42 -8.57 -18.12
CA ARG D 313 -32.89 -8.69 -18.06
C ARG D 313 -33.51 -7.64 -18.95
N THR D 314 -34.03 -8.07 -20.09
CA THR D 314 -34.85 -7.27 -20.98
C THR D 314 -36.30 -7.26 -20.47
N PRO D 315 -36.97 -6.10 -20.50
CA PRO D 315 -38.37 -6.06 -20.10
C PRO D 315 -39.22 -6.99 -20.96
N GLU D 316 -40.18 -7.65 -20.32
CA GLU D 316 -41.05 -8.59 -21.02
C GLU D 316 -42.42 -8.57 -20.36
N GLU D 317 -43.39 -9.15 -21.04
CA GLU D 317 -44.75 -9.18 -20.53
C GLU D 317 -44.83 -10.08 -19.31
N PRO D 318 -45.25 -9.57 -18.15
CA PRO D 318 -45.40 -10.44 -16.98
C PRO D 318 -46.49 -11.47 -17.18
N VAL D 319 -46.30 -12.63 -16.54
CA VAL D 319 -47.27 -13.71 -16.67
C VAL D 319 -48.26 -13.78 -15.52
N LYS D 320 -47.93 -13.17 -14.37
CA LYS D 320 -48.82 -13.17 -13.23
C LYS D 320 -48.85 -11.77 -12.61
N ARG D 321 -50.03 -11.37 -12.14
CA ARG D 321 -50.18 -10.08 -11.48
C ARG D 321 -49.62 -10.14 -10.07
N ASP D 322 -48.95 -9.05 -9.67
CA ASP D 322 -48.42 -8.93 -8.32
C ASP D 322 -49.44 -8.33 -7.36
N SER D 323 -50.31 -7.47 -7.86
CA SER D 323 -51.36 -6.79 -7.11
C SER D 323 -52.59 -7.69 -7.06
N PRO D 324 -53.74 -7.25 -6.46
CA PRO D 324 -54.67 -8.22 -5.86
C PRO D 324 -54.09 -9.57 -5.44
N ARG D 325 -53.88 -10.47 -6.40
CA ARG D 325 -53.64 -11.89 -6.09
C ARG D 325 -54.81 -12.43 -5.27
N ARG D 326 -55.95 -12.49 -5.95
CA ARG D 326 -57.24 -12.69 -5.28
C ARG D 326 -57.22 -13.88 -4.34
N ALA D 327 -56.53 -14.96 -4.72
CA ALA D 327 -56.44 -16.13 -3.85
C ALA D 327 -55.76 -15.77 -2.53
N PHE D 328 -54.70 -14.98 -2.59
CA PHE D 328 -54.01 -14.57 -1.36
C PHE D 328 -54.92 -13.73 -0.47
N LEU D 329 -55.65 -12.79 -1.07
CA LEU D 329 -56.60 -11.99 -0.30
C LEU D 329 -57.80 -12.81 0.14
N MET D 330 -58.19 -13.80 -0.67
CA MET D 330 -59.32 -14.65 -0.32
C MET D 330 -59.03 -15.43 0.97
N VAL D 331 -57.89 -16.10 1.03
CA VAL D 331 -57.56 -16.93 2.19
C VAL D 331 -57.24 -16.06 3.40
N MET D 332 -56.48 -14.98 3.20
CA MET D 332 -55.96 -14.21 4.32
C MET D 332 -57.08 -13.62 5.17
N TRP D 333 -57.88 -12.72 4.58
CA TRP D 333 -58.92 -12.05 5.35
C TRP D 333 -60.07 -12.99 5.71
N GLY D 334 -60.25 -14.07 4.96
CA GLY D 334 -61.25 -15.05 5.34
C GLY D 334 -60.88 -15.78 6.62
N ALA D 335 -59.61 -16.09 6.81
CA ALA D 335 -59.17 -16.78 8.01
C ALA D 335 -59.14 -15.85 9.22
N ILE D 336 -58.95 -14.55 8.99
CA ILE D 336 -58.91 -13.60 10.11
C ILE D 336 -60.26 -13.56 10.81
N GLY D 337 -61.34 -13.52 10.05
CA GLY D 337 -62.68 -13.48 10.63
C GLY D 337 -63.10 -14.81 11.23
N ILE E 39 -66.82 8.78 26.39
CA ILE E 39 -65.48 9.24 26.75
C ILE E 39 -64.61 9.35 25.52
N GLY E 40 -64.74 8.38 24.61
CA GLY E 40 -63.97 8.42 23.39
C GLY E 40 -64.31 9.60 22.50
N LEU E 41 -65.59 10.00 22.48
CA LEU E 41 -65.99 11.14 21.68
C LEU E 41 -65.35 12.44 22.17
N LEU E 42 -65.21 12.59 23.48
CA LEU E 42 -64.57 13.79 24.02
C LEU E 42 -63.12 13.89 23.57
N PHE E 43 -62.38 12.78 23.66
CA PHE E 43 -60.99 12.79 23.19
C PHE E 43 -60.93 12.98 21.68
N ALA E 44 -61.88 12.42 20.94
CA ALA E 44 -61.94 12.65 19.50
C ALA E 44 -62.11 14.13 19.18
N VAL E 45 -63.02 14.80 19.89
CA VAL E 45 -63.24 16.22 19.68
C VAL E 45 -62.00 17.02 20.08
N VAL E 46 -61.33 16.62 21.16
CA VAL E 46 -60.12 17.31 21.58
C VAL E 46 -59.04 17.21 20.51
N ALA E 47 -58.86 16.00 19.95
CA ALA E 47 -57.87 15.82 18.89
C ALA E 47 -58.25 16.60 17.64
N LEU E 48 -59.55 16.63 17.32
CA LEU E 48 -60.00 17.40 16.16
C LEU E 48 -59.71 18.89 16.33
N GLY E 49 -59.99 19.43 17.52
CA GLY E 49 -59.66 20.82 17.78
C GLY E 49 -58.17 21.10 17.76
N TYR E 50 -57.38 20.17 18.30
CA TYR E 50 -55.93 20.34 18.26
C TYR E 50 -55.42 20.36 16.83
N SER E 51 -55.97 19.50 15.97
CA SER E 51 -55.61 19.51 14.56
C SER E 51 -56.01 20.83 13.91
N TYR E 52 -57.20 21.33 14.23
CA TYR E 52 -57.62 22.62 13.70
C TYR E 52 -56.77 23.78 14.20
N LEU E 53 -56.12 23.64 15.36
CA LEU E 53 -55.36 24.73 15.94
C LEU E 53 -53.88 24.71 15.55
N VAL E 54 -53.31 23.54 15.28
CA VAL E 54 -51.89 23.43 14.97
C VAL E 54 -51.65 23.94 13.55
N LYS E 55 -50.60 24.76 13.40
CA LYS E 55 -50.24 25.28 12.09
C LYS E 55 -49.91 24.15 11.13
N GLN E 56 -50.48 24.21 9.93
CA GLN E 56 -50.23 23.19 8.93
C GLN E 56 -48.82 23.33 8.37
N GLU E 57 -48.11 22.22 8.24
CA GLU E 57 -46.75 22.20 7.73
C GLU E 57 -46.69 21.29 6.50
N TRP E 58 -46.49 21.91 5.34
CA TRP E 58 -46.26 21.21 4.08
C TRP E 58 -44.77 21.13 3.82
N GLY E 59 -44.32 19.96 3.36
CA GLY E 59 -42.91 19.73 3.15
C GLY E 59 -42.51 19.43 1.72
N ALA E 60 -41.45 20.09 1.27
CA ALA E 60 -40.88 19.87 -0.06
C ALA E 60 -39.48 19.27 0.08
N THR E 61 -39.21 18.24 -0.70
CA THR E 61 -37.97 17.48 -0.59
C THR E 61 -37.18 17.57 -1.89
N SER E 62 -35.88 17.84 -1.77
CA SER E 62 -34.99 17.89 -2.91
C SER E 62 -33.74 17.07 -2.61
N ILE E 63 -33.16 16.45 -3.64
CA ILE E 63 -31.91 15.72 -3.48
C ILE E 63 -30.98 16.13 -4.60
N THR E 64 -29.72 16.35 -4.26
CA THR E 64 -28.74 16.94 -5.17
C THR E 64 -27.52 16.05 -5.28
N ASP E 65 -26.73 16.28 -6.32
CA ASP E 65 -25.49 15.55 -6.56
C ASP E 65 -24.43 16.52 -7.05
N LYS E 66 -23.26 15.98 -7.38
CA LYS E 66 -22.13 16.82 -7.76
C LYS E 66 -22.39 17.53 -9.09
N PRO E 67 -21.88 18.73 -9.27
CA PRO E 67 -22.18 19.50 -10.47
C PRO E 67 -21.44 18.98 -11.69
N THR E 68 -21.96 19.35 -12.86
CA THR E 68 -21.32 19.00 -14.11
C THR E 68 -20.11 19.90 -14.35
N VAL E 69 -19.18 19.40 -15.18
CA VAL E 69 -17.99 20.18 -15.51
C VAL E 69 -18.36 21.43 -16.29
N ASN E 70 -19.36 21.32 -17.17
CA ASN E 70 -19.73 22.46 -18.00
C ASN E 70 -20.27 23.62 -17.16
N MET E 71 -21.08 23.31 -16.15
CA MET E 71 -21.76 24.33 -15.36
C MET E 71 -20.86 24.95 -14.29
N LEU E 72 -19.67 24.42 -14.06
CA LEU E 72 -18.75 25.05 -13.13
C LEU E 72 -18.13 26.31 -13.70
N GLY E 73 -18.14 26.48 -15.02
CA GLY E 73 -17.62 27.68 -15.62
C GLY E 73 -16.10 27.77 -15.56
N GLY E 74 -15.61 29.01 -15.72
CA GLY E 74 -14.18 29.25 -15.75
C GLY E 74 -13.45 28.84 -14.51
N TYR E 75 -14.18 28.64 -13.40
CA TYR E 75 -13.57 28.14 -12.18
C TYR E 75 -12.82 26.84 -12.44
N TYR E 76 -13.37 25.97 -13.28
CA TYR E 76 -12.70 24.71 -13.58
C TYR E 76 -11.30 24.96 -14.13
N SER E 77 -11.19 25.89 -15.09
CA SER E 77 -9.87 26.21 -15.64
C SER E 77 -8.99 26.93 -14.63
N GLN E 78 -9.58 27.76 -13.78
CA GLN E 78 -8.80 28.54 -12.82
C GLN E 78 -8.29 27.71 -11.66
N GLN E 79 -8.90 26.55 -11.41
CA GLN E 79 -8.39 25.62 -10.42
C GLN E 79 -7.39 24.65 -11.02
N GLN E 80 -7.56 24.29 -12.29
CA GLN E 80 -6.58 23.43 -12.95
C GLN E 80 -5.26 24.15 -13.16
N PHE E 81 -5.30 25.43 -13.49
CA PHE E 81 -4.06 26.22 -13.56
C PHE E 81 -3.36 26.26 -12.22
N LEU E 82 -4.10 26.13 -11.12
CA LEU E 82 -3.50 26.23 -9.80
C LEU E 82 -3.00 24.90 -9.26
N ARG E 83 -3.64 23.79 -9.63
CA ARG E 83 -3.26 22.48 -9.12
C ARG E 83 -2.61 21.61 -10.17
N ASN E 84 -3.22 21.50 -11.36
CA ASN E 84 -2.77 20.56 -12.37
C ASN E 84 -1.36 20.86 -12.87
N LEU E 85 -0.93 22.13 -12.81
CA LEU E 85 0.43 22.46 -13.25
C LEU E 85 1.28 23.07 -12.15
N ASP E 86 0.76 24.05 -11.41
CA ASP E 86 1.61 24.84 -10.54
C ASP E 86 2.13 24.02 -9.36
N ALA E 87 1.21 23.50 -8.54
CA ALA E 87 1.62 22.86 -7.30
C ALA E 87 2.47 21.61 -7.56
N ARG E 88 1.97 20.71 -8.41
CA ARG E 88 2.66 19.44 -8.60
C ARG E 88 4.03 19.63 -9.25
N SER E 89 4.11 20.48 -10.28
CA SER E 89 5.36 20.62 -11.00
C SER E 89 6.39 21.47 -10.27
N PHE E 90 5.95 22.51 -9.56
CA PHE E 90 6.88 23.46 -8.95
C PHE E 90 7.03 23.26 -7.45
N SER E 91 6.38 22.26 -6.86
CA SER E 91 6.57 21.95 -5.45
C SER E 91 6.74 20.47 -5.15
N SER E 92 6.24 19.58 -6.00
CA SER E 92 6.25 18.14 -5.73
C SER E 92 5.71 17.80 -4.33
N PRO E 93 4.47 18.17 -4.03
CA PRO E 93 3.93 17.90 -2.69
C PRO E 93 3.41 16.48 -2.53
N GLN E 94 3.07 15.86 -3.66
CA GLN E 94 2.50 14.52 -3.69
C GLN E 94 1.30 14.35 -2.74
N PRO E 95 0.25 15.17 -2.90
CA PRO E 95 -0.93 15.02 -2.05
C PRO E 95 -2.00 14.14 -2.69
N GLU E 96 -3.04 13.84 -1.93
CA GLU E 96 -4.24 13.18 -2.45
C GLU E 96 -5.41 14.12 -2.27
N GLN E 97 -6.02 14.54 -3.38
CA GLN E 97 -7.08 15.52 -3.34
C GLN E 97 -8.26 15.07 -4.19
N PRO E 98 -9.48 15.46 -3.81
CA PRO E 98 -10.65 15.08 -4.62
C PRO E 98 -10.74 15.87 -5.91
N SER E 99 -11.73 15.57 -6.73
CA SER E 99 -11.92 16.30 -7.98
C SER E 99 -12.40 17.71 -7.71
N ILE E 100 -12.26 18.57 -8.73
CA ILE E 100 -12.72 19.95 -8.61
C ILE E 100 -14.22 19.99 -8.39
N SER E 101 -14.97 19.20 -9.18
CA SER E 101 -16.41 19.11 -9.00
C SER E 101 -16.75 18.53 -7.63
N ALA E 102 -15.98 17.53 -7.20
CA ALA E 102 -16.20 16.94 -5.89
C ALA E 102 -15.99 17.96 -4.78
N GLY E 103 -14.96 18.79 -4.89
CA GLY E 103 -14.74 19.82 -3.88
C GLY E 103 -15.81 20.89 -3.89
N ALA E 104 -16.25 21.30 -5.08
CA ALA E 104 -17.33 22.27 -5.17
C ALA E 104 -18.60 21.74 -4.55
N TYR E 105 -18.93 20.47 -4.82
CA TYR E 105 -20.12 19.88 -4.23
C TYR E 105 -19.97 19.72 -2.72
N ASP E 106 -18.77 19.39 -2.26
CA ASP E 106 -18.55 19.27 -0.82
C ASP E 106 -18.78 20.60 -0.12
N GLU E 107 -18.28 21.70 -0.70
CA GLU E 107 -18.52 22.99 -0.09
C GLU E 107 -19.99 23.40 -0.20
N PHE E 108 -20.66 23.05 -1.30
CA PHE E 108 -22.08 23.33 -1.41
C PHE E 108 -22.86 22.61 -0.33
N ILE E 109 -22.51 21.36 -0.05
CA ILE E 109 -23.17 20.62 1.02
C ILE E 109 -22.85 21.24 2.38
N MET E 110 -21.60 21.65 2.57
CA MET E 110 -21.22 22.27 3.84
C MET E 110 -22.02 23.55 4.09
N GLN E 111 -22.19 24.37 3.06
CA GLN E 111 -22.96 25.60 3.19
C GLN E 111 -24.46 25.39 3.08
N LEU E 112 -24.90 24.20 2.70
CA LEU E 112 -26.31 23.91 2.58
C LEU E 112 -26.92 23.40 3.88
N ALA E 113 -26.15 22.68 4.68
CA ALA E 113 -26.58 22.25 6.01
C ALA E 113 -26.06 23.17 7.10
N ALA E 114 -25.36 24.24 6.73
CA ALA E 114 -24.84 25.19 7.72
C ALA E 114 -25.99 26.01 8.29
N TYR E 115 -25.97 26.20 9.62
CA TYR E 115 -27.04 26.92 10.29
C TYR E 115 -27.06 28.40 9.88
N ASP E 116 -25.88 28.99 9.70
CA ASP E 116 -25.82 30.42 9.38
C ASP E 116 -26.47 30.71 8.04
N THR E 117 -26.28 29.81 7.06
CA THR E 117 -26.94 30.00 5.77
C THR E 117 -28.45 30.00 5.94
N ARG E 118 -28.98 29.09 6.76
CA ARG E 118 -30.42 29.03 6.97
C ARG E 118 -30.93 30.28 7.67
N ARG E 119 -30.20 30.77 8.67
CA ARG E 119 -30.58 32.00 9.35
C ARG E 119 -30.61 33.18 8.38
N ASP E 120 -29.58 33.30 7.54
CA ASP E 120 -29.55 34.41 6.59
C ASP E 120 -30.67 34.29 5.58
N PHE E 121 -30.95 33.08 5.10
CA PHE E 121 -32.04 32.89 4.14
C PHE E 121 -33.39 33.25 4.75
N TRP E 122 -33.65 32.81 5.98
CA TRP E 122 -34.92 33.14 6.61
C TRP E 122 -34.99 34.61 6.98
N LEU E 123 -33.84 35.26 7.18
CA LEU E 123 -33.83 36.69 7.46
C LEU E 123 -34.08 37.51 6.21
N GLN E 124 -33.68 37.03 5.04
CA GLN E 124 -33.79 37.79 3.80
C GLN E 124 -35.08 37.52 3.03
N THR E 125 -35.93 36.61 3.50
CA THR E 125 -37.13 36.27 2.73
C THR E 125 -38.32 37.08 3.20
N ASP E 126 -39.31 37.21 2.32
CA ASP E 126 -40.56 37.86 2.66
C ASP E 126 -41.50 36.95 3.45
N TYR E 127 -41.24 35.64 3.48
CA TYR E 127 -42.02 34.73 4.30
C TYR E 127 -41.89 35.04 5.78
N TYR E 128 -40.76 35.59 6.21
CA TYR E 128 -40.51 35.89 7.60
C TYR E 128 -40.76 37.34 7.96
N LYS E 129 -40.54 38.26 7.03
CA LYS E 129 -40.78 39.68 7.29
C LYS E 129 -42.27 40.00 7.42
N GLN E 130 -43.12 39.32 6.66
CA GLN E 130 -44.56 39.53 6.76
C GLN E 130 -45.20 38.78 7.92
N ARG E 131 -44.48 37.84 8.53
CA ARG E 131 -44.96 37.10 9.69
C ARG E 131 -44.41 37.66 10.99
N LEU E 132 -43.82 38.86 10.95
CA LEU E 132 -43.18 39.45 12.11
C LEU E 132 -44.21 40.23 12.91
N GLU E 133 -44.27 39.97 14.22
CA GLU E 133 -45.23 40.67 15.08
C GLU E 133 -44.64 41.93 15.67
N GLY E 134 -43.46 41.84 16.28
CA GLY E 134 -42.81 43.00 16.86
C GLY E 134 -42.12 42.71 18.18
N ASP E 135 -42.61 41.69 18.90
CA ASP E 135 -42.01 41.31 20.16
C ASP E 135 -40.72 40.56 19.87
N GLU E 136 -39.63 40.95 20.53
CA GLU E 136 -38.33 40.34 20.26
C GLU E 136 -38.32 38.86 20.59
N LYS E 137 -38.95 38.47 21.71
CA LYS E 137 -39.03 37.06 22.06
C LYS E 137 -39.77 36.27 20.99
N ALA E 138 -40.93 36.78 20.57
CA ALA E 138 -41.71 36.09 19.54
C ALA E 138 -40.96 36.04 18.22
N ASP E 139 -40.28 37.13 17.86
CA ASP E 139 -39.51 37.15 16.61
C ASP E 139 -38.40 36.12 16.63
N ALA E 140 -37.65 36.04 17.73
CA ALA E 140 -36.57 35.07 17.84
C ALA E 140 -37.10 33.64 17.82
N ALA E 141 -38.20 33.40 18.53
CA ALA E 141 -38.79 32.06 18.53
C ALA E 141 -39.25 31.66 17.14
N LEU E 142 -39.87 32.59 16.41
CA LEU E 142 -40.32 32.28 15.06
C LEU E 142 -39.14 32.01 14.14
N LEU E 143 -38.07 32.79 14.27
CA LEU E 143 -36.89 32.55 13.43
C LEU E 143 -36.26 31.20 13.73
N ASP E 144 -36.16 30.85 15.01
CA ASP E 144 -35.61 29.55 15.37
C ASP E 144 -36.46 28.41 14.82
N GLU E 145 -37.79 28.54 14.92
CA GLU E 145 -38.68 27.52 14.36
C GLU E 145 -38.52 27.42 12.85
N LEU E 146 -38.45 28.55 12.16
CA LEU E 146 -38.31 28.55 10.71
C LEU E 146 -37.01 27.88 10.28
N VAL E 147 -35.91 28.17 10.98
CA VAL E 147 -34.64 27.56 10.59
C VAL E 147 -34.63 26.07 10.93
N ASN E 148 -35.17 25.68 12.09
CA ASN E 148 -35.30 24.27 12.40
C ASN E 148 -36.25 23.55 11.44
N ASN E 149 -37.07 24.30 10.71
CA ASN E 149 -37.94 23.69 9.72
C ASN E 149 -37.13 23.00 8.63
N ILE E 150 -36.03 23.62 8.19
CA ILE E 150 -35.19 23.05 7.15
C ILE E 150 -34.35 21.93 7.74
N GLN E 151 -34.44 20.74 7.15
CA GLN E 151 -33.71 19.57 7.61
C GLN E 151 -32.82 19.05 6.48
N PHE E 152 -31.68 18.47 6.87
CA PHE E 152 -30.71 17.96 5.92
C PHE E 152 -30.39 16.51 6.27
N THR E 153 -30.20 15.69 5.23
CA THR E 153 -29.78 14.31 5.38
C THR E 153 -28.62 14.04 4.44
N ALA E 154 -27.47 13.71 5.02
CA ALA E 154 -26.25 13.48 4.26
C ALA E 154 -26.28 12.11 3.59
N ARG E 155 -25.54 11.99 2.49
CA ARG E 155 -25.48 10.73 1.76
C ARG E 155 -24.64 9.72 2.50
N ASP E 156 -25.09 8.46 2.49
CA ASP E 156 -24.37 7.35 3.08
C ASP E 156 -23.96 6.40 1.96
N ASP E 157 -22.66 6.11 1.87
CA ASP E 157 -22.18 5.24 0.81
C ASP E 157 -22.61 3.80 0.99
N GLY E 158 -23.00 3.40 2.20
CA GLY E 158 -23.50 2.05 2.40
C GLY E 158 -24.79 1.80 1.65
N LYS E 159 -25.73 2.74 1.71
CA LYS E 159 -26.96 2.67 0.95
C LYS E 159 -26.87 3.43 -0.37
N LYS E 160 -25.71 3.98 -0.69
CA LYS E 160 -25.45 4.79 -1.89
C LYS E 160 -26.63 5.71 -2.23
N THR E 161 -27.00 6.52 -1.26
CA THR E 161 -28.02 7.53 -1.43
C THR E 161 -27.37 8.86 -1.77
N ASN E 162 -28.17 9.93 -1.79
CA ASN E 162 -27.70 11.26 -2.16
C ASN E 162 -28.13 12.27 -1.11
N ASP E 163 -27.39 13.37 -1.05
CA ASP E 163 -27.70 14.43 -0.09
C ASP E 163 -29.09 15.01 -0.37
N SER E 164 -29.88 15.17 0.69
CA SER E 164 -31.25 15.61 0.57
C SER E 164 -31.56 16.71 1.57
N VAL E 165 -32.44 17.61 1.18
CA VAL E 165 -32.96 18.66 2.05
C VAL E 165 -34.48 18.64 2.02
N LYS E 166 -35.07 19.06 3.14
CA LYS E 166 -36.52 19.11 3.28
C LYS E 166 -36.89 20.43 3.90
N LEU E 167 -37.77 21.17 3.24
CA LEU E 167 -38.21 22.48 3.72
C LEU E 167 -39.69 22.41 4.11
N VAL E 168 -40.04 23.08 5.20
CA VAL E 168 -41.38 23.07 5.76
C VAL E 168 -41.92 24.48 5.74
N ALA E 169 -43.12 24.65 5.19
CA ALA E 169 -43.77 25.95 5.13
C ALA E 169 -45.27 25.79 5.32
N GLU E 170 -45.94 26.91 5.55
CA GLU E 170 -47.38 26.87 5.82
C GLU E 170 -48.16 26.36 4.61
N THR E 171 -47.80 26.80 3.42
CA THR E 171 -48.49 26.42 2.19
C THR E 171 -47.53 25.72 1.24
N SER E 172 -48.11 24.94 0.31
CA SER E 172 -47.31 24.17 -0.63
C SER E 172 -46.50 25.06 -1.56
N SER E 173 -47.11 26.13 -2.06
CA SER E 173 -46.40 27.01 -2.99
C SER E 173 -45.19 27.64 -2.33
N ASP E 174 -45.35 28.14 -1.11
CA ASP E 174 -44.19 28.62 -0.37
C ASP E 174 -43.23 27.49 -0.06
N SER E 175 -43.78 26.28 0.20
CA SER E 175 -42.92 25.15 0.56
C SER E 175 -41.94 24.82 -0.55
N ASN E 176 -42.37 24.91 -1.80
CA ASN E 176 -41.43 24.58 -2.87
C ASN E 176 -40.64 25.80 -3.35
N THR E 177 -41.27 26.98 -3.40
CA THR E 177 -40.56 28.17 -3.85
C THR E 177 -39.42 28.52 -2.89
N LEU E 178 -39.68 28.46 -1.59
CA LEU E 178 -38.64 28.77 -0.61
C LEU E 178 -37.50 27.76 -0.67
N LEU E 179 -37.82 26.49 -0.93
CA LEU E 179 -36.76 25.50 -1.06
C LEU E 179 -35.87 25.80 -2.26
N ARG E 180 -36.47 26.16 -3.39
CA ARG E 180 -35.66 26.49 -4.56
C ARG E 180 -34.78 27.71 -4.29
N GLN E 181 -35.36 28.74 -3.65
CA GLN E 181 -34.57 29.94 -3.33
C GLN E 181 -33.46 29.61 -2.35
N TYR E 182 -33.72 28.73 -1.39
CA TYR E 182 -32.70 28.36 -0.42
C TYR E 182 -31.55 27.62 -1.07
N VAL E 183 -31.86 26.70 -2.01
CA VAL E 183 -30.79 26.00 -2.71
C VAL E 183 -29.96 26.97 -3.53
N VAL E 184 -30.62 27.93 -4.20
CA VAL E 184 -29.88 28.94 -4.96
C VAL E 184 -28.99 29.77 -4.05
N PHE E 185 -29.51 30.16 -2.88
CA PHE E 185 -28.73 30.95 -1.94
C PHE E 185 -27.51 30.18 -1.44
N ALA E 186 -27.69 28.90 -1.11
CA ALA E 186 -26.57 28.08 -0.67
C ALA E 186 -25.54 27.93 -1.77
N SER E 187 -25.97 27.74 -3.02
CA SER E 187 -25.04 27.65 -4.13
C SER E 187 -24.27 28.94 -4.30
N GLN E 188 -24.94 30.09 -4.17
CA GLN E 188 -24.27 31.38 -4.30
C GLN E 188 -23.21 31.54 -3.22
N ARG E 189 -23.55 31.19 -1.97
CA ARG E 189 -22.57 31.31 -0.88
C ARG E 189 -21.39 30.38 -1.10
N ALA E 190 -21.65 29.15 -1.56
CA ALA E 190 -20.55 28.22 -1.83
C ALA E 190 -19.66 28.74 -2.94
N ALA E 191 -20.24 29.31 -3.99
CA ALA E 191 -19.45 29.86 -5.08
C ALA E 191 -18.59 31.03 -4.59
N ASN E 192 -19.16 31.89 -3.74
CA ASN E 192 -18.39 33.01 -3.20
C ASN E 192 -17.22 32.51 -2.36
N HIS E 193 -17.46 31.50 -1.52
CA HIS E 193 -16.37 30.96 -0.71
C HIS E 193 -15.28 30.35 -1.57
N LEU E 194 -15.66 29.60 -2.62
CA LEU E 194 -14.67 29.00 -3.49
C LEU E 194 -13.87 30.07 -4.22
N ASN E 195 -14.52 31.15 -4.64
CA ASN E 195 -13.81 32.25 -5.28
C ASN E 195 -12.80 32.89 -4.34
N GLU E 196 -13.19 33.09 -3.08
CA GLU E 196 -12.25 33.65 -2.11
C GLU E 196 -11.06 32.72 -1.89
N GLU E 197 -11.31 31.41 -1.83
CA GLU E 197 -10.22 30.45 -1.68
C GLU E 197 -9.27 30.52 -2.87
N ILE E 198 -9.81 30.63 -4.09
CA ILE E 198 -8.97 30.74 -5.27
C ILE E 198 -8.11 31.99 -5.20
N LYS E 199 -8.70 33.12 -4.79
CA LYS E 199 -7.93 34.36 -4.69
C LYS E 199 -6.79 34.23 -3.68
N GLY E 200 -7.07 33.63 -2.52
CA GLY E 200 -6.02 33.49 -1.51
C GLY E 200 -4.90 32.59 -1.97
N ALA E 201 -5.25 31.45 -2.57
CA ALA E 201 -4.22 30.54 -3.07
C ALA E 201 -3.42 31.19 -4.19
N TRP E 202 -4.08 32.00 -5.02
CA TRP E 202 -3.38 32.74 -6.07
C TRP E 202 -2.36 33.72 -5.48
N ALA E 203 -2.76 34.44 -4.43
CA ALA E 203 -1.83 35.37 -3.79
C ALA E 203 -0.63 34.63 -3.20
N ALA E 204 -0.89 33.50 -2.52
CA ALA E 204 0.20 32.71 -1.98
C ALA E 204 1.13 32.22 -3.10
N ARG E 205 0.53 31.78 -4.22
CA ARG E 205 1.33 31.27 -5.33
C ARG E 205 2.21 32.35 -5.93
N THR E 206 1.67 33.57 -6.12
CA THR E 206 2.48 34.61 -6.72
C THR E 206 3.58 35.06 -5.77
N ILE E 207 3.30 35.07 -4.46
CA ILE E 207 4.37 35.37 -3.50
C ILE E 207 5.47 34.32 -3.58
N PHE E 208 5.08 33.04 -3.69
CA PHE E 208 6.06 31.96 -3.77
C PHE E 208 6.94 32.09 -5.02
N MET E 209 6.32 32.38 -6.16
CA MET E 209 7.12 32.55 -7.38
C MET E 209 8.01 33.78 -7.31
N LYS E 210 7.54 34.86 -6.68
CA LYS E 210 8.41 36.03 -6.52
C LYS E 210 9.63 35.67 -5.69
N SER E 211 9.45 34.92 -4.60
CA SER E 211 10.59 34.50 -3.78
C SER E 211 11.53 33.61 -4.58
N GLN E 212 10.98 32.66 -5.35
CA GLN E 212 11.82 31.78 -6.15
C GLN E 212 12.63 32.56 -7.18
N ILE E 213 12.00 33.53 -7.83
CA ILE E 213 12.69 34.33 -8.84
C ILE E 213 13.80 35.14 -8.19
N LYS E 214 13.53 35.76 -7.04
CA LYS E 214 14.58 36.52 -6.35
C LYS E 214 15.76 35.62 -6.00
N ARG E 215 15.46 34.39 -5.55
CA ARG E 215 16.53 33.45 -5.22
C ARG E 215 17.36 33.11 -6.46
N GLN E 216 16.70 32.88 -7.59
CA GLN E 216 17.43 32.56 -8.81
C GLN E 216 18.31 33.72 -9.27
N GLU E 217 17.80 34.95 -9.18
CA GLU E 217 18.64 36.11 -9.51
C GLU E 217 19.83 36.21 -8.57
N ALA E 218 19.64 35.94 -7.28
CA ALA E 218 20.76 35.98 -6.35
C ALA E 218 21.81 34.95 -6.71
N VAL E 219 21.38 33.72 -7.04
CA VAL E 219 22.33 32.67 -7.42
C VAL E 219 23.11 33.09 -8.67
N ALA E 220 22.38 33.59 -9.68
CA ALA E 220 23.04 33.98 -10.92
C ALA E 220 24.02 35.13 -10.69
N LYS E 221 23.65 36.09 -9.84
CA LYS E 221 24.55 37.20 -9.53
C LYS E 221 25.82 36.70 -8.85
N ALA E 222 25.68 35.76 -7.91
CA ALA E 222 26.85 35.21 -7.24
C ALA E 222 27.77 34.50 -8.25
N ILE E 223 27.19 33.68 -9.12
CA ILE E 223 28.01 32.97 -10.10
C ILE E 223 28.70 33.95 -11.03
N TYR E 224 27.98 34.97 -11.51
CA TYR E 224 28.56 35.95 -12.42
C TYR E 224 29.69 36.72 -11.75
N ASP E 225 29.50 37.12 -10.49
CA ASP E 225 30.55 37.85 -9.79
C ASP E 225 31.80 36.98 -9.62
N ARG E 226 31.61 35.71 -9.25
CA ARG E 226 32.76 34.82 -9.09
C ARG E 226 33.49 34.64 -10.41
N GLU E 227 32.74 34.43 -11.50
CA GLU E 227 33.35 34.22 -12.80
C GLU E 227 34.10 35.46 -13.26
N VAL E 228 33.52 36.64 -13.08
CA VAL E 228 34.18 37.85 -13.55
C VAL E 228 35.42 38.14 -12.71
N ARG E 229 35.38 37.88 -11.41
CA ARG E 229 36.57 38.08 -10.59
C ARG E 229 37.69 37.14 -11.03
N SER E 230 37.36 35.87 -11.25
CA SER E 230 38.36 34.92 -11.72
C SER E 230 38.92 35.34 -13.07
N VAL E 231 38.08 35.86 -13.96
CA VAL E 231 38.52 36.23 -15.29
C VAL E 231 39.47 37.43 -15.23
N GLU E 232 39.13 38.45 -14.44
CA GLU E 232 40.02 39.61 -14.32
C GLU E 232 41.36 39.20 -13.71
N LEU E 233 41.33 38.36 -12.68
CA LEU E 233 42.56 37.97 -12.02
C LEU E 233 43.43 37.12 -12.95
N ALA E 234 42.79 36.26 -13.76
CA ALA E 234 43.51 35.51 -14.77
C ALA E 234 44.10 36.42 -15.83
N LEU E 235 43.38 37.50 -16.19
CA LEU E 235 43.94 38.49 -17.10
C LEU E 235 45.21 39.10 -16.54
N LYS E 236 45.18 39.51 -15.27
CA LYS E 236 46.38 40.11 -14.68
C LYS E 236 47.53 39.11 -14.69
N ILE E 237 47.25 37.86 -14.33
CA ILE E 237 48.29 36.85 -14.27
C ILE E 237 48.88 36.57 -15.66
N ALA E 238 48.01 36.44 -16.67
CA ALA E 238 48.48 36.19 -18.03
C ALA E 238 49.28 37.36 -18.56
N GLN E 239 48.86 38.59 -18.23
CA GLN E 239 49.64 39.76 -18.60
C GLN E 239 51.03 39.72 -17.99
N GLN E 240 51.14 39.23 -16.76
CA GLN E 240 52.46 39.13 -16.14
C GLN E 240 53.37 38.19 -16.91
N GLN E 241 52.85 37.06 -17.40
CA GLN E 241 53.64 36.12 -18.18
C GLN E 241 53.43 36.31 -19.67
N GLY E 242 53.74 35.25 -20.43
CA GLY E 242 53.69 35.28 -21.88
C GLY E 242 52.39 35.77 -22.46
N ILE E 243 52.50 36.74 -23.39
CA ILE E 243 51.32 37.42 -23.93
C ILE E 243 50.76 36.73 -25.17
N SER E 244 51.44 35.72 -25.71
CA SER E 244 50.97 35.05 -26.91
C SER E 244 49.72 34.23 -26.61
N ARG E 245 49.12 33.72 -27.69
CA ARG E 245 47.89 32.96 -27.61
C ARG E 245 48.18 31.47 -27.54
N SER E 246 47.45 30.77 -26.67
CA SER E 246 47.49 29.31 -26.59
C SER E 246 48.91 28.79 -26.40
N GLN E 247 49.54 29.22 -25.31
CA GLN E 247 50.91 28.81 -25.02
C GLN E 247 50.99 27.30 -24.83
N THR E 248 49.99 26.71 -24.17
CA THR E 248 49.85 25.26 -24.06
C THR E 248 48.37 24.96 -24.26
N ASP E 249 48.00 24.54 -25.47
CA ASP E 249 46.60 24.43 -25.85
C ASP E 249 46.22 22.96 -26.09
N THR E 250 45.87 22.27 -25.03
CA THR E 250 44.83 21.26 -25.16
C THR E 250 43.77 21.43 -24.06
N PRO E 251 43.37 22.68 -23.70
CA PRO E 251 41.97 22.90 -23.28
C PRO E 251 41.12 23.37 -24.46
N ALA E 252 40.81 22.44 -25.35
CA ALA E 252 40.03 22.79 -26.54
C ALA E 252 38.72 23.46 -26.18
N ASP E 253 38.12 23.07 -25.05
CA ASP E 253 36.91 23.72 -24.54
C ASP E 253 37.16 24.44 -23.22
N GLU E 254 37.66 23.73 -22.21
CA GLU E 254 37.84 24.34 -20.90
C GLU E 254 38.71 23.42 -20.04
N ILE E 255 39.63 24.04 -19.29
CA ILE E 255 40.40 23.38 -18.24
C ILE E 255 40.26 24.28 -17.02
N PRO E 256 40.06 23.73 -15.81
CA PRO E 256 39.50 24.55 -14.70
C PRO E 256 40.29 25.78 -14.32
N ALA E 257 39.69 26.60 -13.45
CA ALA E 257 40.24 27.91 -13.10
C ALA E 257 41.70 27.86 -12.67
N SER E 258 42.19 26.68 -12.28
CA SER E 258 43.59 26.53 -11.97
C SER E 258 44.47 26.84 -13.17
N GLU E 259 43.95 26.67 -14.38
CA GLU E 259 44.64 27.05 -15.62
C GLU E 259 43.66 27.76 -16.53
N MET E 260 43.74 29.08 -16.59
CA MET E 260 43.01 29.86 -17.59
C MET E 260 43.86 30.92 -18.25
N PHE E 261 45.10 31.12 -17.80
CA PHE E 261 46.07 31.97 -18.48
C PHE E 261 46.58 31.36 -19.77
N LEU E 262 46.28 30.08 -20.01
CA LEU E 262 46.80 29.38 -21.18
C LEU E 262 46.23 29.94 -22.47
N LEU E 263 45.08 30.59 -22.41
CA LEU E 263 44.34 30.95 -23.62
C LEU E 263 44.94 32.16 -24.33
N GLY E 264 45.51 33.11 -23.59
CA GLY E 264 46.12 34.28 -24.20
C GLY E 264 45.64 35.59 -23.62
N ARG E 265 46.38 36.68 -23.86
CA ARG E 265 46.00 37.97 -23.28
C ARG E 265 44.84 38.63 -24.03
N PRO E 266 44.89 38.81 -25.37
CA PRO E 266 43.67 39.20 -26.09
C PRO E 266 42.51 38.27 -25.80
N MET E 267 42.82 36.97 -25.68
CA MET E 267 41.81 35.97 -25.38
C MET E 267 41.07 36.32 -24.09
N LEU E 268 41.81 36.39 -22.97
CA LEU E 268 41.20 36.68 -21.69
C LEU E 268 40.67 38.11 -21.60
N GLN E 269 41.21 39.04 -22.38
CA GLN E 269 40.71 40.41 -22.35
C GLN E 269 39.33 40.50 -22.99
N ALA E 270 39.16 39.88 -24.16
CA ALA E 270 37.82 39.81 -24.74
C ALA E 270 36.89 38.99 -23.86
N ARG E 271 37.42 37.97 -23.17
CA ARG E 271 36.64 37.26 -22.17
C ARG E 271 36.10 38.20 -21.10
N LEU E 272 36.98 39.03 -20.55
CA LEU E 272 36.56 39.97 -19.51
C LEU E 272 35.51 40.93 -20.04
N GLU E 273 35.72 41.46 -21.24
CA GLU E 273 34.77 42.43 -21.75
C GLU E 273 33.41 41.79 -22.06
N THR E 274 33.38 40.54 -22.54
CA THR E 274 32.09 39.92 -22.81
C THR E 274 31.37 39.54 -21.53
N LEU E 275 32.09 39.09 -20.50
CA LEU E 275 31.43 38.90 -19.20
C LEU E 275 30.90 40.21 -18.64
N GLN E 276 31.69 41.28 -18.75
CA GLN E 276 31.24 42.56 -18.21
C GLN E 276 30.00 43.06 -18.93
N THR E 277 29.95 42.90 -20.25
CA THR E 277 28.85 43.43 -21.04
C THR E 277 27.64 42.49 -21.13
N SER E 278 27.79 41.24 -20.71
CA SER E 278 26.68 40.29 -20.71
C SER E 278 26.26 40.01 -19.28
N GLY E 279 24.96 39.99 -19.03
CA GLY E 279 24.44 39.78 -17.70
C GLY E 279 24.72 38.39 -17.19
N PRO E 280 24.34 38.12 -15.93
CA PRO E 280 24.55 36.78 -15.37
C PRO E 280 23.81 35.73 -16.18
N HIS E 281 24.42 34.55 -16.28
CA HIS E 281 23.85 33.46 -17.05
C HIS E 281 22.70 32.84 -16.28
N TYR E 282 21.53 32.79 -16.90
CA TYR E 282 20.34 32.20 -16.32
C TYR E 282 19.99 30.91 -17.04
N GLU E 283 19.28 30.04 -16.35
CA GLU E 283 18.83 28.77 -16.90
C GLU E 283 17.39 28.86 -17.39
N LEU E 284 16.88 27.75 -17.91
CA LEU E 284 15.51 27.72 -18.43
C LEU E 284 14.50 27.89 -17.31
N ASP E 285 14.81 27.36 -16.12
CA ASP E 285 13.88 27.45 -15.00
C ASP E 285 13.58 28.90 -14.64
N TYR E 286 14.58 29.79 -14.77
CA TYR E 286 14.34 31.20 -14.48
C TYR E 286 13.30 31.77 -15.41
N ASP E 287 13.42 31.49 -16.71
CA ASP E 287 12.47 32.03 -17.68
C ASP E 287 11.08 31.44 -17.47
N GLN E 288 11.00 30.15 -17.17
CA GLN E 288 9.70 29.55 -16.88
C GLN E 288 9.06 30.19 -15.65
N ASN E 289 9.85 30.43 -14.61
CA ASN E 289 9.31 31.06 -13.41
C ASN E 289 8.88 32.49 -13.69
N ARG E 290 9.63 33.21 -14.55
CA ARG E 290 9.23 34.57 -14.90
C ARG E 290 7.91 34.58 -15.65
N ALA E 291 7.73 33.65 -16.59
CA ALA E 291 6.45 33.55 -17.29
C ALA E 291 5.32 33.19 -16.33
N MET E 292 5.60 32.29 -15.39
CA MET E 292 4.59 31.91 -14.40
C MET E 292 4.20 33.10 -13.53
N LEU E 293 5.18 33.90 -13.11
CA LEU E 293 4.88 35.09 -12.34
C LEU E 293 4.07 36.08 -13.16
N ALA E 294 4.38 36.20 -14.45
CA ALA E 294 3.62 37.10 -15.30
C ALA E 294 2.16 36.69 -15.40
N THR E 295 1.90 35.41 -15.67
CA THR E 295 0.52 34.96 -15.80
C THR E 295 -0.20 34.93 -14.47
N LEU E 296 0.53 34.84 -13.34
CA LEU E 296 -0.11 35.00 -12.05
C LEU E 296 -0.43 36.47 -11.76
N ASN E 297 0.42 37.38 -12.21
CA ASN E 297 0.21 38.80 -12.00
C ASN E 297 -0.88 39.36 -12.90
N VAL E 298 -1.22 38.67 -14.00
CA VAL E 298 -2.30 39.15 -14.85
C VAL E 298 -3.64 39.08 -14.12
N GLY E 299 -3.73 38.25 -13.08
CA GLY E 299 -4.93 38.15 -12.29
C GLY E 299 -5.85 37.06 -12.78
N PRO E 300 -6.67 36.50 -11.87
CA PRO E 300 -7.63 35.46 -12.27
C PRO E 300 -8.95 36.04 -12.75
N THR E 301 -9.40 35.61 -13.93
CA THR E 301 -10.67 36.06 -14.49
C THR E 301 -11.80 35.33 -13.76
N LEU E 302 -12.16 35.87 -12.60
CA LEU E 302 -13.16 35.25 -11.74
C LEU E 302 -14.56 35.55 -12.25
N GLU E 303 -15.49 34.63 -11.96
CA GLU E 303 -16.88 34.78 -12.34
C GLU E 303 -17.73 35.06 -11.11
N ALA E 304 -18.79 35.85 -11.30
CA ALA E 304 -19.61 36.26 -10.17
C ALA E 304 -20.36 35.09 -9.56
N SER E 305 -21.02 34.29 -10.39
CA SER E 305 -21.87 33.21 -9.88
C SER E 305 -21.81 32.03 -10.83
N PHE E 306 -21.60 30.83 -10.26
CA PHE E 306 -21.68 29.59 -11.00
C PHE E 306 -22.39 28.56 -10.14
N GLN E 307 -23.11 27.66 -10.79
CA GLN E 307 -23.92 26.67 -10.09
C GLN E 307 -23.04 25.49 -9.70
N THR E 308 -23.07 25.14 -8.41
CA THR E 308 -22.23 24.08 -7.86
C THR E 308 -23.02 22.85 -7.43
N TYR E 309 -24.20 22.63 -8.03
CA TYR E 309 -25.05 21.51 -7.66
C TYR E 309 -25.71 20.96 -8.92
N ARG E 310 -26.20 19.73 -8.83
CA ARG E 310 -26.96 19.11 -9.90
C ARG E 310 -28.23 18.53 -9.31
N TYR E 311 -29.37 18.84 -9.93
CA TYR E 311 -30.67 18.43 -9.40
C TYR E 311 -31.01 17.01 -9.83
N LEU E 312 -31.30 16.15 -8.86
CA LEU E 312 -31.88 14.83 -9.09
C LEU E 312 -33.33 14.79 -8.65
N ARG E 313 -33.58 15.21 -7.40
CA ARG E 313 -34.88 15.65 -6.86
C ARG E 313 -34.95 17.16 -6.88
N THR E 314 -35.73 17.70 -7.83
CA THR E 314 -36.10 19.09 -7.87
C THR E 314 -37.26 19.36 -6.91
N PRO E 315 -37.24 20.46 -6.19
CA PRO E 315 -38.37 20.81 -5.32
C PRO E 315 -39.66 20.94 -6.13
N GLU E 316 -40.76 20.46 -5.55
CA GLU E 316 -42.05 20.49 -6.22
C GLU E 316 -43.13 20.66 -5.16
N GLU E 317 -44.32 20.99 -5.62
CA GLU E 317 -45.45 21.20 -4.72
C GLU E 317 -45.86 19.87 -4.10
N PRO E 318 -45.85 19.74 -2.78
CA PRO E 318 -46.30 18.49 -2.16
C PRO E 318 -47.79 18.26 -2.38
N VAL E 319 -48.16 16.99 -2.45
CA VAL E 319 -49.55 16.65 -2.69
C VAL E 319 -50.32 16.31 -1.41
N LYS E 320 -49.61 15.97 -0.33
CA LYS E 320 -50.26 15.66 0.94
C LYS E 320 -49.50 16.32 2.08
N ARG E 321 -50.24 16.79 3.07
CA ARG E 321 -49.64 17.41 4.25
C ARG E 321 -49.04 16.35 5.17
N ASP E 322 -47.88 16.66 5.73
CA ASP E 322 -47.23 15.78 6.69
C ASP E 322 -47.69 16.05 8.11
N SER E 323 -48.03 17.29 8.41
CA SER E 323 -48.49 17.75 9.72
C SER E 323 -50.00 17.54 9.81
N PRO E 324 -50.69 17.94 10.91
CA PRO E 324 -51.92 17.26 11.32
C PRO E 324 -52.10 15.82 10.83
N ARG E 325 -52.48 15.62 9.57
CA ARG E 325 -52.98 14.33 9.10
C ARG E 325 -54.17 13.90 9.95
N ARG E 326 -55.24 14.68 9.80
CA ARG E 326 -56.37 14.64 10.73
C ARG E 326 -56.88 13.23 10.95
N ALA E 327 -56.90 12.40 9.90
CA ALA E 327 -57.34 11.02 10.06
C ALA E 327 -56.45 10.27 11.04
N PHE E 328 -55.12 10.47 10.95
CA PHE E 328 -54.22 9.81 11.88
C PHE E 328 -54.47 10.26 13.32
N LEU E 329 -54.66 11.56 13.53
CA LEU E 329 -54.97 12.05 14.87
C LEU E 329 -56.37 11.67 15.30
N MET E 330 -57.30 11.55 14.33
CA MET E 330 -58.67 11.15 14.66
C MET E 330 -58.70 9.75 15.25
N VAL E 331 -58.07 8.79 14.57
CA VAL E 331 -58.10 7.41 15.02
C VAL E 331 -57.27 7.22 16.28
N MET E 332 -56.08 7.84 16.33
CA MET E 332 -55.13 7.55 17.40
C MET E 332 -55.69 7.92 18.76
N TRP E 333 -55.95 9.22 18.98
CA TRP E 333 -56.42 9.65 20.29
C TRP E 333 -57.84 9.21 20.58
N GLY E 334 -58.64 8.92 19.56
CA GLY E 334 -59.96 8.35 19.79
C GLY E 334 -59.90 6.96 20.38
N ALA E 335 -58.95 6.15 19.91
CA ALA E 335 -58.83 4.78 20.43
C ALA E 335 -58.20 4.76 21.82
N ILE E 336 -57.38 5.77 22.14
CA ILE E 336 -56.74 5.81 23.46
C ILE E 336 -57.79 5.94 24.56
N GLY E 337 -58.77 6.82 24.36
CA GLY E 337 -59.83 7.01 25.34
C GLY E 337 -60.82 5.86 25.38
N ILE F 39 -51.60 14.52 48.08
CA ILE F 39 -50.18 14.19 48.17
C ILE F 39 -49.45 14.69 46.92
N GLY F 40 -50.10 14.53 45.76
CA GLY F 40 -49.50 15.00 44.52
C GLY F 40 -49.32 16.50 44.48
N LEU F 41 -50.25 17.24 45.08
CA LEU F 41 -50.13 18.70 45.10
C LEU F 41 -48.92 19.15 45.91
N LEU F 42 -48.62 18.46 47.01
CA LEU F 42 -47.45 18.82 47.81
C LEU F 42 -46.16 18.65 47.02
N PHE F 43 -46.03 17.53 46.31
CA PHE F 43 -44.85 17.33 45.48
C PHE F 43 -44.81 18.31 44.32
N ALA F 44 -45.97 18.66 43.77
CA ALA F 44 -46.03 19.67 42.72
C ALA F 44 -45.52 21.00 43.22
N VAL F 45 -45.94 21.41 44.42
CA VAL F 45 -45.49 22.66 45.00
C VAL F 45 -43.99 22.61 45.30
N VAL F 46 -43.51 21.45 45.77
CA VAL F 46 -42.08 21.30 46.05
C VAL F 46 -41.27 21.47 44.77
N ALA F 47 -41.72 20.83 43.68
CA ALA F 47 -41.01 20.96 42.41
C ALA F 47 -41.08 22.40 41.89
N LEU F 48 -42.22 23.06 42.07
CA LEU F 48 -42.36 24.45 41.64
C LEU F 48 -41.39 25.35 42.39
N GLY F 49 -41.28 25.16 43.71
CA GLY F 49 -40.33 25.94 44.48
C GLY F 49 -38.89 25.65 44.11
N TYR F 50 -38.58 24.37 43.85
CA TYR F 50 -37.24 24.01 43.42
C TYR F 50 -36.89 24.68 42.09
N SER F 51 -37.85 24.72 41.16
CA SER F 51 -37.63 25.41 39.90
C SER F 51 -37.42 26.91 40.13
N TYR F 52 -38.20 27.51 41.03
CA TYR F 52 -38.00 28.91 41.34
C TYR F 52 -36.67 29.19 42.02
N LEU F 53 -36.08 28.21 42.70
CA LEU F 53 -34.85 28.41 43.43
C LEU F 53 -33.59 28.11 42.63
N VAL F 54 -33.66 27.20 41.66
CA VAL F 54 -32.48 26.81 40.90
C VAL F 54 -32.14 27.92 39.90
N LYS F 55 -30.85 28.25 39.83
CA LYS F 55 -30.39 29.27 38.88
C LYS F 55 -30.71 28.86 37.46
N GLN F 56 -31.27 29.79 36.70
CA GLN F 56 -31.61 29.53 35.31
C GLN F 56 -30.35 29.47 34.46
N GLU F 57 -30.26 28.47 33.59
CA GLU F 57 -29.12 28.27 32.71
C GLU F 57 -29.58 28.30 31.26
N TRP F 58 -29.21 29.36 30.55
CA TRP F 58 -29.44 29.48 29.12
C TRP F 58 -28.18 29.05 28.37
N GLY F 59 -28.37 28.29 27.29
CA GLY F 59 -27.25 27.75 26.54
C GLY F 59 -27.15 28.22 25.11
N ALA F 60 -25.95 28.61 24.70
CA ALA F 60 -25.65 29.01 23.34
C ALA F 60 -24.70 28.01 22.71
N THR F 61 -24.99 27.59 21.48
CA THR F 61 -24.26 26.53 20.80
C THR F 61 -23.62 27.08 19.53
N SER F 62 -22.34 26.76 19.33
CA SER F 62 -21.62 27.14 18.13
C SER F 62 -20.88 25.92 17.58
N ILE F 63 -20.75 25.87 16.26
CA ILE F 63 -19.98 24.79 15.62
C ILE F 63 -19.05 25.42 14.60
N THR F 64 -17.81 24.96 14.57
CA THR F 64 -16.76 25.58 13.79
C THR F 64 -16.10 24.56 12.87
N ASP F 65 -15.38 25.07 11.87
CA ASP F 65 -14.65 24.22 10.93
C ASP F 65 -13.30 24.87 10.64
N LYS F 66 -12.55 24.25 9.74
CA LYS F 66 -11.19 24.70 9.45
C LYS F 66 -11.20 26.08 8.79
N PRO F 67 -10.20 26.89 9.06
CA PRO F 67 -10.19 28.27 8.54
C PRO F 67 -9.88 28.33 7.05
N THR F 68 -10.26 29.45 6.46
CA THR F 68 -9.96 29.70 5.06
C THR F 68 -8.49 30.06 4.89
N VAL F 69 -7.97 29.86 3.68
CA VAL F 69 -6.59 30.21 3.39
C VAL F 69 -6.38 31.72 3.48
N ASN F 70 -7.38 32.50 3.04
CA ASN F 70 -7.24 33.95 3.03
C ASN F 70 -7.12 34.51 4.44
N MET F 71 -7.89 33.97 5.38
CA MET F 71 -7.94 34.52 6.73
C MET F 71 -6.78 34.06 7.61
N LEU F 72 -5.96 33.11 7.14
CA LEU F 72 -4.78 32.73 7.91
C LEU F 72 -3.68 33.78 7.84
N GLY F 73 -3.72 34.66 6.85
CA GLY F 73 -2.75 35.73 6.77
C GLY F 73 -1.37 35.23 6.36
N GLY F 74 -0.37 36.06 6.67
CA GLY F 74 1.00 35.78 6.28
C GLY F 74 1.55 34.49 6.87
N TYR F 75 0.90 33.97 7.91
CA TYR F 75 1.30 32.68 8.47
C TYR F 75 1.33 31.61 7.40
N TYR F 76 0.37 31.64 6.46
CA TYR F 76 0.35 30.65 5.40
C TYR F 76 1.65 30.68 4.60
N SER F 77 2.11 31.87 4.22
CA SER F 77 3.37 31.98 3.51
C SER F 77 4.56 31.62 4.39
N GLN F 78 4.51 31.95 5.68
CA GLN F 78 5.63 31.71 6.56
C GLN F 78 5.77 30.25 6.95
N GLN F 79 4.71 29.46 6.80
CA GLN F 79 4.81 28.01 7.00
C GLN F 79 5.19 27.30 5.71
N GLN F 80 4.77 27.83 4.56
CA GLN F 80 5.17 27.23 3.29
C GLN F 80 6.66 27.43 3.03
N PHE F 81 7.20 28.59 3.39
CA PHE F 81 8.65 28.79 3.30
C PHE F 81 9.40 27.79 4.18
N LEU F 82 8.77 27.32 5.25
CA LEU F 82 9.44 26.44 6.20
C LEU F 82 9.30 24.97 5.83
N ARG F 83 8.20 24.57 5.21
CA ARG F 83 7.95 23.18 4.88
C ARG F 83 8.04 22.91 3.38
N ASN F 84 7.35 23.72 2.57
CA ASN F 84 7.23 23.45 1.14
C ASN F 84 8.57 23.47 0.42
N LEU F 85 9.55 24.23 0.93
CA LEU F 85 10.86 24.27 0.28
C LEU F 85 11.98 23.78 1.19
N ASP F 86 12.04 24.27 2.43
CA ASP F 86 13.24 24.06 3.24
C ASP F 86 13.40 22.60 3.64
N ALA F 87 12.41 22.06 4.36
CA ALA F 87 12.56 20.72 4.93
C ALA F 87 12.70 19.67 3.85
N ARG F 88 11.78 19.65 2.89
CA ARG F 88 11.77 18.58 1.89
C ARG F 88 13.01 18.63 1.01
N SER F 89 13.41 19.81 0.56
CA SER F 89 14.51 19.90 -0.39
C SER F 89 15.88 19.76 0.29
N PHE F 90 16.03 20.28 1.50
CA PHE F 90 17.34 20.31 2.15
C PHE F 90 17.50 19.24 3.23
N SER F 91 16.50 18.39 3.44
CA SER F 91 16.63 17.29 4.39
C SER F 91 16.11 15.96 3.87
N SER F 92 15.19 15.95 2.91
CA SER F 92 14.55 14.73 2.43
C SER F 92 14.03 13.86 3.59
N PRO F 93 13.12 14.39 4.43
CA PRO F 93 12.63 13.60 5.57
C PRO F 93 11.53 12.63 5.18
N GLN F 94 10.84 12.93 4.08
CA GLN F 94 9.71 12.15 3.60
C GLN F 94 8.65 11.90 4.68
N PRO F 95 8.09 12.96 5.28
CA PRO F 95 7.06 12.76 6.29
C PRO F 95 5.66 12.86 5.71
N GLU F 96 4.65 12.55 6.53
CA GLU F 96 3.25 12.77 6.18
C GLU F 96 2.67 13.77 7.16
N GLN F 97 2.25 14.93 6.65
CA GLN F 97 1.78 16.01 7.51
C GLN F 97 0.46 16.56 6.97
N PRO F 98 -0.40 17.05 7.87
CA PRO F 98 -1.67 17.64 7.43
C PRO F 98 -1.47 19.01 6.77
N SER F 99 -2.55 19.60 6.29
CA SER F 99 -2.48 20.92 5.67
C SER F 99 -2.21 21.98 6.74
N ILE F 100 -1.77 23.14 6.27
CA ILE F 100 -1.52 24.27 7.18
C ILE F 100 -2.81 24.69 7.86
N SER F 101 -3.89 24.81 7.08
CA SER F 101 -5.19 25.14 7.67
C SER F 101 -5.65 24.03 8.60
N ALA F 102 -5.40 22.78 8.23
CA ALA F 102 -5.78 21.66 9.10
C ALA F 102 -5.04 21.72 10.42
N GLY F 103 -3.74 22.03 10.38
CA GLY F 103 -2.98 22.15 11.62
C GLY F 103 -3.43 23.31 12.48
N ALA F 104 -3.71 24.45 11.85
CA ALA F 104 -4.21 25.60 12.61
C ALA F 104 -5.54 25.28 13.27
N TYR F 105 -6.44 24.62 12.55
CA TYR F 105 -7.71 24.24 13.14
C TYR F 105 -7.55 23.21 14.24
N ASP F 106 -6.60 22.28 14.07
CA ASP F 106 -6.35 21.29 15.11
C ASP F 106 -5.87 21.95 16.39
N GLU F 107 -4.97 22.92 16.28
CA GLU F 107 -4.53 23.62 17.48
C GLU F 107 -5.63 24.50 18.06
N PHE F 108 -6.47 25.10 17.21
CA PHE F 108 -7.59 25.87 17.72
C PHE F 108 -8.54 24.98 18.52
N ILE F 109 -8.80 23.77 18.03
CA ILE F 109 -9.64 22.83 18.76
C ILE F 109 -8.96 22.41 20.06
N MET F 110 -7.65 22.18 20.01
CA MET F 110 -6.93 21.76 21.21
C MET F 110 -7.01 22.83 22.29
N GLN F 111 -6.86 24.11 21.90
CA GLN F 111 -6.94 25.21 22.86
C GLN F 111 -8.37 25.63 23.15
N LEU F 112 -9.36 25.11 22.41
CA LEU F 112 -10.75 25.47 22.65
C LEU F 112 -11.40 24.55 23.66
N ALA F 113 -11.01 23.28 23.71
CA ALA F 113 -11.48 22.36 24.72
C ALA F 113 -10.50 22.22 25.88
N ALA F 114 -9.42 22.99 25.87
CA ALA F 114 -8.45 22.96 26.96
C ALA F 114 -9.02 23.63 28.19
N TYR F 115 -8.81 23.00 29.35
CA TYR F 115 -9.36 23.52 30.60
C TYR F 115 -8.71 24.85 30.99
N ASP F 116 -7.41 25.00 30.73
CA ASP F 116 -6.72 26.21 31.13
C ASP F 116 -7.26 27.43 30.39
N THR F 117 -7.59 27.26 29.10
CA THR F 117 -8.18 28.36 28.36
C THR F 117 -9.50 28.79 29.00
N ARG F 118 -10.32 27.83 29.40
CA ARG F 118 -11.60 28.15 30.01
C ARG F 118 -11.40 28.87 31.35
N ARG F 119 -10.46 28.39 32.16
CA ARG F 119 -10.17 29.06 33.43
C ARG F 119 -9.72 30.49 33.21
N ASP F 120 -8.81 30.71 32.25
CA ASP F 120 -8.34 32.06 31.99
C ASP F 120 -9.47 32.95 31.48
N PHE F 121 -10.32 32.43 30.61
CA PHE F 121 -11.44 33.21 30.09
C PHE F 121 -12.42 33.59 31.20
N TRP F 122 -12.75 32.64 32.07
CA TRP F 122 -13.66 32.96 33.16
C TRP F 122 -13.00 33.87 34.19
N LEU F 123 -11.68 33.84 34.28
CA LEU F 123 -10.98 34.74 35.19
C LEU F 123 -10.90 36.15 34.66
N GLN F 124 -10.86 36.33 33.34
CA GLN F 124 -10.70 37.64 32.73
C GLN F 124 -12.02 38.34 32.40
N THR F 125 -13.17 37.68 32.62
CA THR F 125 -14.43 38.28 32.22
C THR F 125 -15.07 39.02 33.39
N ASP F 126 -15.95 39.97 33.05
CA ASP F 126 -16.73 40.68 34.05
C ASP F 126 -17.91 39.88 34.57
N TYR F 127 -18.29 38.80 33.88
CA TYR F 127 -19.35 37.93 34.37
C TYR F 127 -18.97 37.26 35.68
N TYR F 128 -17.68 37.03 35.92
CA TYR F 128 -17.21 36.36 37.12
C TYR F 128 -16.72 37.32 38.18
N LYS F 129 -16.17 38.46 37.80
CA LYS F 129 -15.70 39.45 38.77
C LYS F 129 -16.83 40.12 39.51
N GLN F 130 -17.97 40.35 38.85
CA GLN F 130 -19.13 40.95 39.50
C GLN F 130 -19.95 39.94 40.30
N ARG F 131 -19.71 38.65 40.10
CA ARG F 131 -20.38 37.60 40.85
C ARG F 131 -19.53 37.08 42.00
N LEU F 132 -18.47 37.79 42.35
CA LEU F 132 -17.53 37.34 43.37
C LEU F 132 -18.01 37.82 44.74
N GLU F 133 -18.08 36.89 45.69
CA GLU F 133 -18.53 37.25 47.03
C GLU F 133 -17.36 37.64 47.94
N GLY F 134 -16.32 36.82 47.99
CA GLY F 134 -15.17 37.11 48.82
C GLY F 134 -14.61 35.90 49.53
N ASP F 135 -15.45 34.91 49.79
CA ASP F 135 -15.00 33.69 50.44
C ASP F 135 -14.25 32.85 49.41
N GLU F 136 -13.06 32.38 49.79
CA GLU F 136 -12.22 31.65 48.85
C GLU F 136 -12.88 30.35 48.40
N LYS F 137 -13.52 29.64 49.33
CA LYS F 137 -14.22 28.42 48.97
C LYS F 137 -15.34 28.70 47.96
N ALA F 138 -16.14 29.72 48.24
CA ALA F 138 -17.23 30.07 47.34
C ALA F 138 -16.70 30.53 45.99
N ASP F 139 -15.62 31.32 46.00
CA ASP F 139 -15.03 31.79 44.74
C ASP F 139 -14.54 30.61 43.90
N ALA F 140 -13.83 29.68 44.52
CA ALA F 140 -13.32 28.52 43.78
C ALA F 140 -14.46 27.65 43.26
N ALA F 141 -15.50 27.44 44.07
CA ALA F 141 -16.64 26.65 43.62
C ALA F 141 -17.33 27.31 42.44
N LEU F 142 -17.51 28.63 42.51
CA LEU F 142 -18.15 29.34 41.41
C LEU F 142 -17.32 29.26 40.13
N LEU F 143 -15.99 29.39 40.27
CA LEU F 143 -15.13 29.29 39.09
C LEU F 143 -15.19 27.90 38.47
N ASP F 144 -15.17 26.86 39.31
CA ASP F 144 -15.26 25.49 38.80
C ASP F 144 -16.58 25.27 38.09
N GLU F 145 -17.69 25.77 38.66
CA GLU F 145 -19.00 25.63 38.01
C GLU F 145 -19.04 26.38 36.69
N LEU F 146 -18.48 27.59 36.65
CA LEU F 146 -18.48 28.37 35.42
C LEU F 146 -17.68 27.67 34.32
N VAL F 147 -16.52 27.10 34.67
CA VAL F 147 -15.73 26.43 33.65
C VAL F 147 -16.39 25.14 33.20
N ASN F 148 -16.95 24.37 34.15
CA ASN F 148 -17.70 23.18 33.76
C ASN F 148 -18.94 23.53 32.95
N ASN F 149 -19.38 24.80 32.98
CA ASN F 149 -20.51 25.21 32.16
C ASN F 149 -20.20 25.04 30.67
N ILE F 150 -18.98 25.37 30.26
CA ILE F 150 -18.60 25.26 28.86
C ILE F 150 -18.34 23.80 28.53
N GLN F 151 -19.02 23.29 27.51
CA GLN F 151 -18.88 21.91 27.08
C GLN F 151 -18.43 21.86 25.63
N PHE F 152 -17.68 20.82 25.30
CA PHE F 152 -17.14 20.64 23.96
C PHE F 152 -17.51 19.26 23.43
N THR F 153 -17.80 19.18 22.14
CA THR F 153 -18.08 17.92 21.47
C THR F 153 -17.25 17.87 20.20
N ALA F 154 -16.36 16.88 20.13
CA ALA F 154 -15.45 16.73 19.00
C ALA F 154 -16.17 16.11 17.81
N ARG F 155 -15.65 16.40 16.62
CA ARG F 155 -16.26 15.87 15.40
C ARG F 155 -15.94 14.39 15.24
N ASP F 156 -16.92 13.63 14.79
CA ASP F 156 -16.76 12.21 14.49
C ASP F 156 -16.94 12.00 13.00
N ASP F 157 -15.93 11.40 12.35
CA ASP F 157 -15.99 11.20 10.91
C ASP F 157 -17.05 10.17 10.51
N GLY F 158 -17.48 9.32 11.44
CA GLY F 158 -18.54 8.37 11.12
C GLY F 158 -19.85 9.06 10.81
N LYS F 159 -20.22 10.05 11.62
CA LYS F 159 -21.40 10.86 11.37
C LYS F 159 -21.07 12.15 10.63
N LYS F 160 -19.82 12.35 10.26
CA LYS F 160 -19.30 13.53 9.57
C LYS F 160 -19.93 14.82 10.11
N THR F 161 -19.80 15.00 11.43
CA THR F 161 -20.25 16.20 12.11
C THR F 161 -19.07 17.17 12.25
N ASN F 162 -19.27 18.24 13.00
CA ASN F 162 -18.26 19.27 13.18
C ASN F 162 -18.08 19.56 14.67
N ASP F 163 -16.92 20.10 15.00
CA ASP F 163 -16.62 20.45 16.38
C ASP F 163 -17.59 21.51 16.89
N SER F 164 -18.12 21.29 18.09
CA SER F 164 -19.14 22.16 18.65
C SER F 164 -18.81 22.51 20.09
N VAL F 165 -19.20 23.71 20.51
CA VAL F 165 -19.08 24.16 21.88
C VAL F 165 -20.44 24.68 22.34
N LYS F 166 -20.68 24.56 23.64
CA LYS F 166 -21.92 25.01 24.26
C LYS F 166 -21.57 25.78 25.53
N LEU F 167 -22.05 27.00 25.64
CA LEU F 167 -21.79 27.85 26.79
C LEU F 167 -23.08 28.09 27.55
N VAL F 168 -22.99 28.07 28.88
CA VAL F 168 -24.14 28.21 29.76
C VAL F 168 -23.96 29.45 30.60
N ALA F 169 -24.98 30.31 30.63
CA ALA F 169 -24.93 31.54 31.42
C ALA F 169 -26.31 31.82 31.99
N GLU F 170 -26.37 32.75 32.94
CA GLU F 170 -27.63 33.06 33.61
C GLU F 170 -28.64 33.65 32.63
N THR F 171 -28.21 34.54 31.74
CA THR F 171 -29.10 35.19 30.80
C THR F 171 -28.65 34.90 29.37
N SER F 172 -29.60 35.05 28.44
CA SER F 172 -29.34 34.74 27.03
C SER F 172 -28.27 35.65 26.44
N SER F 173 -28.36 36.95 26.73
CA SER F 173 -27.40 37.89 26.18
C SER F 173 -25.98 37.56 26.61
N ASP F 174 -25.79 37.29 27.90
CA ASP F 174 -24.49 36.82 28.36
C ASP F 174 -24.15 35.47 27.75
N SER F 175 -25.16 34.61 27.57
CA SER F 175 -24.92 33.28 27.04
C SER F 175 -24.29 33.33 25.66
N ASN F 176 -24.73 34.26 24.82
CA ASN F 176 -24.14 34.31 23.48
C ASN F 176 -22.92 35.22 23.41
N THR F 177 -22.92 36.34 24.14
CA THR F 177 -21.77 37.23 24.11
C THR F 177 -20.53 36.56 24.69
N LEU F 178 -20.69 35.84 25.80
CA LEU F 178 -19.55 35.16 26.41
C LEU F 178 -19.03 34.05 25.50
N LEU F 179 -19.92 33.36 24.79
CA LEU F 179 -19.47 32.34 23.86
C LEU F 179 -18.64 32.93 22.73
N ARG F 180 -19.09 34.06 22.18
CA ARG F 180 -18.30 34.71 21.13
C ARG F 180 -16.94 35.16 21.64
N GLN F 181 -16.91 35.75 22.84
CA GLN F 181 -15.64 36.19 23.41
C GLN F 181 -14.74 35.00 23.69
N TYR F 182 -15.30 33.87 24.14
CA TYR F 182 -14.50 32.69 24.43
C TYR F 182 -13.89 32.12 23.15
N VAL F 183 -14.66 32.09 22.07
CA VAL F 183 -14.12 31.60 20.80
C VAL F 183 -12.98 32.51 20.33
N VAL F 184 -13.16 33.82 20.46
CA VAL F 184 -12.11 34.75 20.07
C VAL F 184 -10.87 34.54 20.92
N PHE F 185 -11.04 34.35 22.23
CA PHE F 185 -9.91 34.12 23.11
C PHE F 185 -9.17 32.84 22.76
N ALA F 186 -9.90 31.77 22.47
CA ALA F 186 -9.27 30.51 22.07
C ALA F 186 -8.50 30.68 20.76
N SER F 187 -9.09 31.40 19.80
CA SER F 187 -8.39 31.66 18.54
C SER F 187 -7.11 32.46 18.77
N GLN F 188 -7.17 33.45 19.65
CA GLN F 188 -5.98 34.25 19.95
C GLN F 188 -4.88 33.39 20.56
N ARG F 189 -5.24 32.53 21.51
CA ARG F 189 -4.25 31.66 22.13
C ARG F 189 -3.66 30.68 21.12
N ALA F 190 -4.50 30.12 20.25
CA ALA F 190 -3.99 29.21 19.23
C ALA F 190 -3.05 29.92 18.27
N ALA F 191 -3.38 31.16 17.88
CA ALA F 191 -2.50 31.91 17.00
C ALA F 191 -1.17 32.20 17.68
N ASN F 192 -1.20 32.56 18.97
CA ASN F 192 0.04 32.81 19.69
C ASN F 192 0.91 31.55 19.75
N HIS F 193 0.29 30.40 20.03
CA HIS F 193 1.06 29.16 20.07
C HIS F 193 1.66 28.83 18.72
N LEU F 194 0.89 28.99 17.64
CA LEU F 194 1.42 28.71 16.31
C LEU F 194 2.57 29.65 15.97
N ASN F 195 2.46 30.91 16.37
CA ASN F 195 3.56 31.86 16.13
C ASN F 195 4.82 31.44 16.87
N GLU F 196 4.67 31.00 18.13
CA GLU F 196 5.84 30.54 18.88
C GLU F 196 6.46 29.31 18.22
N GLU F 197 5.63 28.39 17.72
CA GLU F 197 6.15 27.22 17.03
C GLU F 197 6.92 27.62 15.77
N ILE F 198 6.41 28.59 15.02
CA ILE F 198 7.11 29.07 13.83
C ILE F 198 8.46 29.66 14.20
N LYS F 199 8.50 30.46 15.27
CA LYS F 199 9.77 31.05 15.69
C LYS F 199 10.78 29.99 16.07
N GLY F 200 10.35 28.98 16.84
CA GLY F 200 11.27 27.93 17.24
C GLY F 200 11.81 27.13 16.07
N ALA F 201 10.93 26.76 15.15
CA ALA F 201 11.37 26.01 13.97
C ALA F 201 12.28 26.86 13.10
N TRP F 202 12.02 28.17 13.03
CA TRP F 202 12.91 29.08 12.30
C TRP F 202 14.30 29.12 12.91
N ALA F 203 14.37 29.19 14.25
CA ALA F 203 15.68 29.19 14.90
C ALA F 203 16.43 27.88 14.65
N ALA F 204 15.72 26.75 14.74
CA ALA F 204 16.36 25.47 14.43
C ALA F 204 16.85 25.43 13.00
N ARG F 205 16.04 25.95 12.07
CA ARG F 205 16.41 25.95 10.66
C ARG F 205 17.65 26.79 10.40
N THR F 206 17.73 27.98 11.00
CA THR F 206 18.88 28.82 10.74
C THR F 206 20.14 28.23 11.37
N ILE F 207 20.00 27.58 12.53
CA ILE F 207 21.15 26.88 13.11
C ILE F 207 21.62 25.77 12.18
N PHE F 208 20.66 25.03 11.61
CA PHE F 208 21.03 23.93 10.71
C PHE F 208 21.75 24.44 9.47
N MET F 209 21.26 25.52 8.87
CA MET F 209 21.94 26.08 7.70
C MET F 209 23.31 26.64 8.06
N LYS F 210 23.45 27.24 9.25
CA LYS F 210 24.77 27.71 9.65
C LYS F 210 25.76 26.55 9.75
N SER F 211 25.32 25.43 10.34
CA SER F 211 26.19 24.26 10.42
C SER F 211 26.54 23.73 9.04
N GLN F 212 25.55 23.66 8.15
CA GLN F 212 25.81 23.18 6.79
C GLN F 212 26.81 24.07 6.07
N ILE F 213 26.66 25.38 6.20
CA ILE F 213 27.57 26.31 5.54
C ILE F 213 28.98 26.15 6.09
N LYS F 214 29.12 26.05 7.41
CA LYS F 214 30.44 25.85 8.00
C LYS F 214 31.08 24.58 7.47
N ARG F 215 30.29 23.52 7.35
CA ARG F 215 30.81 22.26 6.81
C ARG F 215 31.28 22.42 5.37
N GLN F 216 30.51 23.14 4.55
CA GLN F 216 30.91 23.35 3.16
C GLN F 216 32.19 24.16 3.06
N GLU F 217 32.33 25.20 3.89
CA GLU F 217 33.58 25.96 3.90
C GLU F 217 34.75 25.09 4.32
N ALA F 218 34.54 24.21 5.30
CA ALA F 218 35.63 23.32 5.71
C ALA F 218 36.05 22.39 4.57
N VAL F 219 35.07 21.82 3.86
CA VAL F 219 35.38 20.94 2.74
C VAL F 219 36.15 21.70 1.67
N ALA F 220 35.68 22.89 1.32
CA ALA F 220 36.35 23.68 0.29
C ALA F 220 37.76 24.06 0.70
N LYS F 221 37.95 24.41 1.97
CA LYS F 221 39.29 24.75 2.46
C LYS F 221 40.22 23.55 2.36
N ALA F 222 39.73 22.36 2.73
CA ALA F 222 40.56 21.17 2.62
C ALA F 222 40.96 20.90 1.17
N ILE F 223 40.00 20.99 0.25
CA ILE F 223 40.29 20.75 -1.16
C ILE F 223 41.31 21.77 -1.68
N TYR F 224 41.11 23.04 -1.34
CA TYR F 224 42.00 24.09 -1.81
C TYR F 224 43.41 23.90 -1.26
N ASP F 225 43.53 23.54 0.02
CA ASP F 225 44.86 23.30 0.58
C ASP F 225 45.55 22.15 -0.10
N ARG F 226 44.83 21.04 -0.33
CA ARG F 226 45.42 19.90 -1.01
C ARG F 226 45.88 20.28 -2.42
N GLU F 227 45.03 20.99 -3.15
CA GLU F 227 45.38 21.38 -4.51
C GLU F 227 46.59 22.30 -4.55
N VAL F 228 46.64 23.27 -3.64
CA VAL F 228 47.75 24.22 -3.65
C VAL F 228 49.04 23.53 -3.25
N ARG F 229 48.99 22.60 -2.29
CA ARG F 229 50.19 21.87 -1.93
C ARG F 229 50.70 21.03 -3.10
N SER F 230 49.79 20.33 -3.78
CA SER F 230 50.19 19.55 -4.94
C SER F 230 50.78 20.44 -6.03
N VAL F 231 50.21 21.63 -6.22
CA VAL F 231 50.67 22.53 -7.27
C VAL F 231 52.07 23.04 -6.96
N GLU F 232 52.31 23.47 -5.72
CA GLU F 232 53.66 23.95 -5.36
C GLU F 232 54.69 22.84 -5.50
N LEU F 233 54.35 21.64 -5.05
CA LEU F 233 55.30 20.54 -5.10
C LEU F 233 55.59 20.14 -6.55
N ALA F 234 54.56 20.18 -7.41
CA ALA F 234 54.77 19.95 -8.84
C ALA F 234 55.62 21.06 -9.45
N LEU F 235 55.47 22.30 -8.99
CA LEU F 235 56.35 23.38 -9.44
C LEU F 235 57.80 23.07 -9.11
N LYS F 236 58.07 22.65 -7.87
CA LYS F 236 59.45 22.34 -7.50
C LYS F 236 59.99 21.21 -8.35
N ILE F 237 59.19 20.17 -8.57
CA ILE F 237 59.64 19.02 -9.36
C ILE F 237 59.91 19.42 -10.81
N ALA F 238 59.00 20.19 -11.41
CA ALA F 238 59.19 20.62 -12.79
C ALA F 238 60.41 21.53 -12.93
N GLN F 239 60.64 22.39 -11.93
CA GLN F 239 61.85 23.22 -11.93
C GLN F 239 63.10 22.35 -11.90
N GLN F 240 63.06 21.23 -11.18
CA GLN F 240 64.22 20.35 -11.15
C GLN F 240 64.53 19.79 -12.53
N GLN F 241 63.50 19.41 -13.29
CA GLN F 241 63.69 18.89 -14.64
C GLN F 241 63.47 19.96 -15.69
N GLY F 264 57.25 23.27 -18.28
CA GLY F 264 58.33 23.74 -17.44
C GLY F 264 57.85 24.56 -16.26
N ARG F 265 58.52 25.69 -16.02
CA ARG F 265 58.14 26.55 -14.91
C ARG F 265 56.92 27.43 -15.16
N PRO F 266 56.69 28.03 -16.33
CA PRO F 266 55.75 29.15 -16.34
C PRO F 266 54.32 28.69 -16.17
N MET F 267 53.99 27.57 -16.80
CA MET F 267 52.65 26.98 -16.69
C MET F 267 52.26 26.76 -15.23
N LEU F 268 53.03 25.92 -14.54
CA LEU F 268 52.73 25.61 -13.15
C LEU F 268 52.95 26.80 -12.22
N GLN F 269 53.80 27.75 -12.59
CA GLN F 269 54.00 28.93 -11.75
C GLN F 269 52.79 29.83 -11.77
N ALA F 270 52.25 30.11 -12.96
CA ALA F 270 51.00 30.84 -13.04
C ALA F 270 49.86 30.06 -12.41
N ARG F 271 49.91 28.72 -12.51
CA ARG F 271 48.96 27.88 -11.78
C ARG F 271 49.02 28.15 -10.28
N LEU F 272 50.22 28.15 -9.71
CA LEU F 272 50.37 28.40 -8.28
C LEU F 272 49.85 29.78 -7.91
N GLU F 273 50.19 30.79 -8.70
CA GLU F 273 49.77 32.13 -8.34
C GLU F 273 48.25 32.29 -8.46
N THR F 274 47.61 31.65 -9.44
CA THR F 274 46.16 31.80 -9.53
C THR F 274 45.44 31.03 -8.43
N LEU F 275 45.95 29.85 -8.04
CA LEU F 275 45.38 29.19 -6.87
C LEU F 275 45.57 30.03 -5.61
N GLN F 276 46.75 30.61 -5.43
CA GLN F 276 47.01 31.41 -4.24
C GLN F 276 46.09 32.63 -4.18
N THR F 277 45.88 33.28 -5.31
CA THR F 277 45.09 34.50 -5.35
C THR F 277 43.59 34.28 -5.47
N SER F 278 43.15 33.05 -5.77
CA SER F 278 41.74 32.73 -5.87
C SER F 278 41.35 31.84 -4.70
N GLY F 279 40.21 32.13 -4.08
CA GLY F 279 39.76 31.40 -2.92
C GLY F 279 39.40 29.97 -3.27
N PRO F 280 39.03 29.19 -2.26
CA PRO F 280 38.64 27.80 -2.50
C PRO F 280 37.43 27.73 -3.42
N HIS F 281 37.41 26.71 -4.27
CA HIS F 281 36.34 26.53 -5.23
C HIS F 281 35.08 26.03 -4.51
N TYR F 282 33.98 26.76 -4.67
CA TYR F 282 32.71 26.39 -4.08
C TYR F 282 31.73 25.97 -5.17
N GLU F 283 30.74 25.17 -4.79
CA GLU F 283 29.73 24.70 -5.71
C GLU F 283 28.47 25.54 -5.58
N LEU F 284 27.45 25.19 -6.38
CA LEU F 284 26.20 25.94 -6.35
C LEU F 284 25.46 25.76 -5.03
N ASP F 285 25.58 24.59 -4.42
CA ASP F 285 24.90 24.34 -3.16
C ASP F 285 25.35 25.31 -2.08
N TYR F 286 26.63 25.70 -2.09
CA TYR F 286 27.11 26.65 -1.10
C TYR F 286 26.38 27.98 -1.24
N ASP F 287 26.25 28.47 -2.48
CA ASP F 287 25.59 29.76 -2.69
C ASP F 287 24.11 29.68 -2.35
N GLN F 288 23.46 28.58 -2.69
CA GLN F 288 22.06 28.42 -2.32
C GLN F 288 21.89 28.41 -0.81
N ASN F 289 22.78 27.71 -0.10
CA ASN F 289 22.70 27.68 1.35
C ASN F 289 22.98 29.05 1.95
N ARG F 290 23.90 29.81 1.36
CA ARG F 290 24.16 31.16 1.85
C ARG F 290 22.94 32.05 1.68
N ALA F 291 22.28 31.97 0.52
CA ALA F 291 21.05 32.74 0.33
C ALA F 291 19.96 32.31 1.31
N MET F 292 19.85 31.00 1.55
CA MET F 292 18.87 30.50 2.50
C MET F 292 19.15 31.02 3.91
N LEU F 293 20.42 31.03 4.31
CA LEU F 293 20.77 31.58 5.61
C LEU F 293 20.46 33.06 5.68
N ALA F 294 20.69 33.79 4.59
CA ALA F 294 20.38 35.22 4.57
C ALA F 294 18.89 35.47 4.77
N THR F 295 18.05 34.75 4.02
CA THR F 295 16.61 34.97 4.16
C THR F 295 16.07 34.43 5.47
N LEU F 296 16.75 33.47 6.10
CA LEU F 296 16.36 33.07 7.45
C LEU F 296 16.80 34.09 8.48
N ASN F 297 17.94 34.74 8.27
CA ASN F 297 18.43 35.75 9.19
C ASN F 297 17.67 37.06 9.09
N VAL F 298 16.96 37.30 7.97
CA VAL F 298 16.17 38.51 7.86
C VAL F 298 15.01 38.50 8.86
N GLY F 299 14.62 37.32 9.34
CA GLY F 299 13.58 37.20 10.33
C GLY F 299 12.22 36.99 9.70
N PRO F 300 11.31 36.35 10.46
CA PRO F 300 9.96 36.13 9.94
C PRO F 300 9.03 37.30 10.26
N THR F 301 8.34 37.80 9.24
CA THR F 301 7.38 38.90 9.42
C THR F 301 6.11 38.33 10.03
N LEU F 302 6.13 38.17 11.35
CA LEU F 302 5.03 37.57 12.08
C LEU F 302 3.89 38.57 12.27
N GLU F 303 2.68 38.05 12.37
CA GLU F 303 1.49 38.86 12.59
C GLU F 303 0.97 38.64 14.00
N ALA F 304 0.40 39.71 14.57
CA ALA F 304 -0.04 39.65 15.96
C ALA F 304 -1.21 38.68 16.15
N SER F 305 -2.24 38.79 15.31
CA SER F 305 -3.44 38.00 15.48
C SER F 305 -4.03 37.64 14.13
N PHE F 306 -4.35 36.36 13.95
CA PHE F 306 -5.06 35.88 12.78
C PHE F 306 -6.10 34.86 13.21
N GLN F 307 -7.21 34.83 12.50
CA GLN F 307 -8.34 33.96 12.86
C GLN F 307 -8.08 32.56 12.32
N THR F 308 -8.18 31.57 13.21
CA THR F 308 -7.88 30.19 12.88
C THR F 308 -9.12 29.30 12.91
N TYR F 309 -10.31 29.88 12.70
CA TYR F 309 -11.56 29.13 12.73
C TYR F 309 -12.50 29.68 11.66
N ARG F 310 -13.49 28.87 11.31
CA ARG F 310 -14.54 29.29 10.39
C ARG F 310 -15.89 28.96 11.01
N TYR F 311 -16.79 29.94 11.03
CA TYR F 311 -18.08 29.79 11.68
C TYR F 311 -19.08 29.09 10.77
N LEU F 312 -19.66 28.00 11.24
CA LEU F 312 -20.81 27.35 10.62
C LEU F 312 -22.07 27.56 11.43
N ARG F 313 -21.99 27.24 12.73
CA ARG F 313 -22.89 27.71 13.81
C ARG F 313 -22.25 28.87 14.54
N THR F 314 -22.76 30.08 14.29
CA THR F 314 -22.42 31.27 15.03
C THR F 314 -23.25 31.32 16.32
N PRO F 315 -22.65 31.71 17.44
CA PRO F 315 -23.43 31.86 18.67
C PRO F 315 -24.55 32.87 18.49
N GLU F 316 -25.70 32.55 19.10
CA GLU F 316 -26.87 33.41 19.00
C GLU F 316 -27.67 33.30 20.29
N GLU F 317 -28.60 34.22 20.47
CA GLU F 317 -29.41 34.24 21.67
C GLU F 317 -30.35 33.04 21.68
N PRO F 318 -30.30 32.19 22.69
CA PRO F 318 -31.23 31.06 22.75
C PRO F 318 -32.66 31.53 22.95
N VAL F 319 -33.60 30.75 22.40
CA VAL F 319 -35.01 31.11 22.50
C VAL F 319 -35.73 30.39 23.63
N LYS F 320 -35.19 29.27 24.12
CA LYS F 320 -35.80 28.53 25.21
C LYS F 320 -34.73 28.12 26.21
N ARG F 321 -35.09 28.14 27.48
CA ARG F 321 -34.18 27.72 28.54
C ARG F 321 -34.08 26.20 28.59
N ASP F 322 -32.86 25.71 28.81
CA ASP F 322 -32.63 24.28 28.96
C ASP F 322 -32.80 23.82 30.40
N SER F 323 -32.49 24.69 31.34
CA SER F 323 -32.58 24.44 32.78
C SER F 323 -34.00 24.74 33.25
N PRO F 324 -34.32 24.65 34.57
CA PRO F 324 -35.70 24.34 34.97
C PRO F 324 -36.56 23.61 33.95
N ARG F 325 -37.10 24.31 32.95
CA ARG F 325 -38.17 23.80 32.11
C ARG F 325 -39.36 23.41 32.99
N ARG F 326 -39.95 24.44 33.59
CA ARG F 326 -40.88 24.26 34.70
C ARG F 326 -41.98 23.27 34.38
N ALA F 327 -42.46 23.26 33.13
CA ALA F 327 -43.49 22.29 32.74
C ALA F 327 -42.98 20.87 32.88
N PHE F 328 -41.73 20.62 32.48
CA PHE F 328 -41.18 19.27 32.63
C PHE F 328 -41.06 18.87 34.09
N LEU F 329 -40.60 19.77 34.94
CA LEU F 329 -40.54 19.49 36.37
C LEU F 329 -41.93 19.43 37.00
N MET F 330 -42.87 20.22 36.46
CA MET F 330 -44.23 20.21 36.99
C MET F 330 -44.88 18.85 36.81
N VAL F 331 -44.83 18.31 35.59
CA VAL F 331 -45.46 17.03 35.31
C VAL F 331 -44.72 15.87 35.97
N MET F 332 -43.39 15.90 35.91
CA MET F 332 -42.60 14.74 36.34
C MET F 332 -42.82 14.44 37.81
N TRP F 333 -42.42 15.35 38.69
CA TRP F 333 -42.52 15.08 40.12
C TRP F 333 -43.96 15.08 40.61
N GLY F 334 -44.87 15.72 39.89
CA GLY F 334 -46.28 15.64 40.25
C GLY F 334 -46.84 14.23 40.05
N ALA F 335 -46.42 13.57 38.96
CA ALA F 335 -46.91 12.22 38.69
C ALA F 335 -46.26 11.19 39.60
N ILE F 336 -45.05 11.47 40.09
CA ILE F 336 -44.36 10.52 40.97
C ILE F 336 -45.14 10.35 42.27
N GLY F 337 -45.60 11.45 42.85
CA GLY F 337 -46.37 11.40 44.08
C GLY F 337 -47.77 10.87 43.90
N ILE G 39 -31.90 0.52 64.94
CA ILE G 39 -30.84 -0.25 64.30
C ILE G 39 -30.13 0.59 63.26
N GLY G 40 -30.90 1.38 62.51
CA GLY G 40 -30.31 2.24 61.50
C GLY G 40 -29.41 3.31 62.10
N LEU G 41 -29.76 3.82 63.28
CA LEU G 41 -28.94 4.84 63.92
C LEU G 41 -27.57 4.29 64.30
N LEU G 42 -27.52 3.02 64.74
CA LEU G 42 -26.24 2.42 65.10
C LEU G 42 -25.32 2.32 63.89
N PHE G 43 -25.85 1.86 62.76
CA PHE G 43 -25.04 1.81 61.55
C PHE G 43 -24.66 3.20 61.05
N ALA G 44 -25.55 4.17 61.23
CA ALA G 44 -25.23 5.55 60.87
C ALA G 44 -24.05 6.06 61.69
N VAL G 45 -24.07 5.80 63.00
CA VAL G 45 -22.98 6.22 63.87
C VAL G 45 -21.69 5.49 63.51
N VAL G 46 -21.80 4.21 63.16
CA VAL G 46 -20.61 3.44 62.77
C VAL G 46 -19.99 4.04 61.50
N ALA G 47 -20.83 4.36 60.52
CA ALA G 47 -20.32 4.97 59.29
C ALA G 47 -19.72 6.34 59.56
N LEU G 48 -20.35 7.12 60.44
CA LEU G 48 -19.84 8.43 60.79
C LEU G 48 -18.45 8.32 61.44
N GLY G 49 -18.29 7.38 62.36
CA GLY G 49 -17.00 7.17 62.97
C GLY G 49 -15.96 6.68 61.98
N TYR G 50 -16.35 5.79 61.07
CA TYR G 50 -15.43 5.33 60.04
C TYR G 50 -14.97 6.48 59.15
N SER G 51 -15.89 7.38 58.80
CA SER G 51 -15.51 8.55 58.03
C SER G 51 -14.56 9.44 58.82
N TYR G 52 -14.81 9.62 60.11
CA TYR G 52 -13.90 10.40 60.93
C TYR G 52 -12.54 9.75 61.09
N LEU G 53 -12.45 8.43 60.95
CA LEU G 53 -11.19 7.73 61.16
C LEU G 53 -10.36 7.55 59.89
N VAL G 54 -11.00 7.48 58.73
CA VAL G 54 -10.28 7.25 57.48
C VAL G 54 -9.55 8.51 57.07
N LYS G 55 -8.30 8.37 56.66
CA LYS G 55 -7.51 9.51 56.20
C LYS G 55 -8.17 10.16 55.00
N GLN G 56 -8.28 11.48 55.03
CA GLN G 56 -8.88 12.22 53.93
C GLN G 56 -7.93 12.24 52.74
N GLU G 57 -8.47 11.99 51.55
CA GLU G 57 -7.69 11.98 50.32
C GLU G 57 -8.26 13.00 49.35
N TRP G 58 -7.50 14.07 49.12
CA TRP G 58 -7.83 15.07 48.11
C TRP G 58 -7.05 14.78 46.84
N GLY G 59 -7.73 14.91 45.70
CA GLY G 59 -7.13 14.57 44.43
C GLY G 59 -6.99 15.73 43.46
N ALA G 60 -5.82 15.84 42.84
CA ALA G 60 -5.54 16.84 41.82
C ALA G 60 -5.29 16.14 40.48
N THR G 61 -5.91 16.66 39.43
CA THR G 61 -5.90 16.03 38.12
C THR G 61 -5.24 16.96 37.11
N SER G 62 -4.33 16.41 36.31
CA SER G 62 -3.67 17.15 35.24
C SER G 62 -3.71 16.33 33.96
N ILE G 63 -3.79 17.01 32.82
CA ILE G 63 -3.75 16.35 31.53
C ILE G 63 -2.77 17.09 30.64
N THR G 64 -1.94 16.34 29.92
CA THR G 64 -0.82 16.89 29.18
C THR G 64 -0.89 16.46 27.72
N ASP G 65 -0.14 17.17 26.88
CA ASP G 65 -0.05 16.86 25.46
C ASP G 65 1.39 17.03 25.01
N LYS G 66 1.61 16.87 23.71
CA LYS G 66 2.96 16.90 23.16
C LYS G 66 3.56 18.30 23.28
N PRO G 67 4.87 18.40 23.47
CA PRO G 67 5.49 19.71 23.69
C PRO G 67 5.60 20.51 22.41
N THR G 68 5.76 21.82 22.59
CA THR G 68 5.96 22.73 21.48
C THR G 68 7.39 22.59 20.94
N VAL G 69 7.57 22.98 19.68
CA VAL G 69 8.90 22.94 19.08
C VAL G 69 9.84 23.92 19.77
N ASN G 70 9.31 25.09 20.15
CA ASN G 70 10.15 26.11 20.76
C ASN G 70 10.72 25.64 22.10
N MET G 71 9.91 24.97 22.90
CA MET G 71 10.31 24.59 24.25
C MET G 71 11.19 23.34 24.30
N LEU G 72 11.35 22.64 23.18
CA LEU G 72 12.27 21.50 23.15
C LEU G 72 13.73 21.94 23.17
N GLY G 73 14.01 23.19 22.79
CA GLY G 73 15.37 23.68 22.84
C GLY G 73 16.26 23.09 21.76
N GLY G 74 17.57 23.18 21.99
CA GLY G 74 18.55 22.73 21.03
C GLY G 74 18.45 21.26 20.69
N TYR G 75 17.77 20.48 21.54
CA TYR G 75 17.53 19.07 21.23
C TYR G 75 16.89 18.91 19.87
N TYR G 76 15.97 19.80 19.51
CA TYR G 76 15.31 19.72 18.21
C TYR G 76 16.35 19.75 17.09
N SER G 77 17.28 20.69 17.16
CA SER G 77 18.34 20.75 16.14
C SER G 77 19.28 19.57 16.22
N GLN G 78 19.57 19.08 17.43
CA GLN G 78 20.52 17.99 17.59
C GLN G 78 19.96 16.64 17.17
N GLN G 79 18.64 16.52 17.10
CA GLN G 79 18.02 15.32 16.56
C GLN G 79 17.83 15.41 15.05
N GLN G 80 17.59 16.62 14.53
CA GLN G 80 17.48 16.79 13.09
C GLN G 80 18.81 16.58 12.40
N PHE G 81 19.91 17.04 13.01
CA PHE G 81 21.23 16.74 12.48
C PHE G 81 21.49 15.24 12.43
N LEU G 82 20.85 14.48 13.31
CA LEU G 82 21.11 13.05 13.40
C LEU G 82 20.21 12.22 12.49
N ARG G 83 18.98 12.68 12.23
CA ARG G 83 18.04 11.94 11.42
C ARG G 83 17.78 12.59 10.06
N ASN G 84 17.50 13.90 10.05
CA ASN G 84 17.09 14.58 8.83
C ASN G 84 18.16 14.56 7.76
N LEU G 85 19.44 14.48 8.12
CA LEU G 85 20.49 14.44 7.12
C LEU G 85 21.33 13.18 7.19
N ASP G 86 21.78 12.78 8.39
CA ASP G 86 22.80 11.74 8.48
C ASP G 86 22.26 10.39 8.06
N ALA G 87 21.24 9.89 8.77
CA ALA G 87 20.76 8.53 8.56
C ALA G 87 20.22 8.34 7.15
N ARG G 88 19.30 9.21 6.73
CA ARG G 88 18.63 9.02 5.44
C ARG G 88 19.61 9.14 4.27
N SER G 89 20.49 10.14 4.31
CA SER G 89 21.36 10.39 3.17
C SER G 89 22.54 9.42 3.12
N PHE G 90 23.09 9.03 4.27
CA PHE G 90 24.30 8.22 4.29
C PHE G 90 24.05 6.76 4.61
N SER G 91 22.79 6.35 4.78
CA SER G 91 22.47 4.95 4.96
C SER G 91 21.30 4.45 4.13
N SER G 92 20.38 5.32 3.73
CA SER G 92 19.15 4.92 3.03
C SER G 92 18.43 3.78 3.76
N PRO G 93 18.02 3.99 5.02
CA PRO G 93 17.35 2.91 5.75
C PRO G 93 15.86 2.81 5.43
N GLN G 94 15.29 3.91 4.95
CA GLN G 94 13.87 4.01 4.64
C GLN G 94 12.97 3.55 5.81
N PRO G 95 13.11 4.16 6.98
CA PRO G 95 12.24 3.77 8.10
C PRO G 95 11.02 4.66 8.21
N GLU G 96 10.11 4.30 9.11
CA GLU G 96 8.98 5.15 9.48
C GLU G 96 9.10 5.50 10.96
N GLN G 97 9.25 6.79 11.24
CA GLN G 97 9.49 7.25 12.60
C GLN G 97 8.57 8.40 12.93
N PRO G 98 8.19 8.54 14.21
CA PRO G 98 7.34 9.67 14.61
C PRO G 98 8.11 10.97 14.65
N SER G 99 7.41 12.07 14.95
CA SER G 99 8.06 13.36 15.04
C SER G 99 8.95 13.44 16.28
N ILE G 100 9.87 14.42 16.27
CA ILE G 100 10.75 14.61 17.40
C ILE G 100 9.95 14.96 18.65
N SER G 101 8.98 15.88 18.50
CA SER G 101 8.11 16.22 19.62
C SER G 101 7.27 15.01 20.04
N ALA G 102 6.81 14.23 19.06
CA ALA G 102 6.04 13.03 19.39
C ALA G 102 6.88 12.04 20.18
N GLY G 103 8.13 11.85 19.80
CA GLY G 103 9.00 10.95 20.56
C GLY G 103 9.30 11.45 21.95
N ALA G 104 9.56 12.76 22.08
CA ALA G 104 9.80 13.32 23.40
C ALA G 104 8.58 13.16 24.30
N TYR G 105 7.39 13.39 23.76
CA TYR G 105 6.18 13.22 24.56
C TYR G 105 5.95 11.75 24.90
N ASP G 106 6.27 10.85 23.97
CA ASP G 106 6.12 9.43 24.24
C ASP G 106 7.02 9.00 25.39
N GLU G 107 8.27 9.47 25.40
CA GLU G 107 9.15 9.12 26.51
C GLU G 107 8.71 9.80 27.80
N PHE G 108 8.19 11.02 27.73
CA PHE G 108 7.67 11.67 28.93
C PHE G 108 6.51 10.88 29.53
N ILE G 109 5.62 10.36 28.67
CA ILE G 109 4.53 9.53 29.15
C ILE G 109 5.06 8.22 29.73
N MET G 110 6.06 7.63 29.07
CA MET G 110 6.63 6.38 29.56
C MET G 110 7.23 6.56 30.95
N GLN G 111 7.95 7.67 31.17
CA GLN G 111 8.55 7.95 32.47
C GLN G 111 7.56 8.57 33.45
N LEU G 112 6.38 8.96 33.00
CA LEU G 112 5.39 9.55 33.88
C LEU G 112 4.49 8.52 34.53
N ALA G 113 4.20 7.42 33.84
CA ALA G 113 3.46 6.30 34.40
C ALA G 113 4.38 5.20 34.89
N ALA G 114 5.69 5.40 34.82
CA ALA G 114 6.65 4.39 35.29
C ALA G 114 6.64 4.36 36.82
N TYR G 115 6.66 3.14 37.37
CA TYR G 115 6.60 2.98 38.81
C TYR G 115 7.87 3.51 39.48
N ASP G 116 9.02 3.33 38.85
CA ASP G 116 10.28 3.74 39.46
C ASP G 116 10.33 5.26 39.64
N THR G 117 9.80 6.00 38.66
CA THR G 117 9.75 7.45 38.81
C THR G 117 8.92 7.84 40.02
N ARG G 118 7.77 7.18 40.21
CA ARG G 118 6.93 7.49 41.35
C ARG G 118 7.61 7.16 42.66
N ARG G 119 8.29 6.01 42.73
CA ARG G 119 9.03 5.65 43.93
C ARG G 119 10.11 6.68 44.24
N ASP G 120 10.86 7.10 43.23
CA ASP G 120 11.92 8.09 43.47
C ASP G 120 11.33 9.42 43.91
N PHE G 121 10.22 9.84 43.29
CA PHE G 121 9.60 11.10 43.67
C PHE G 121 9.09 11.06 45.11
N TRP G 122 8.44 9.96 45.51
CA TRP G 122 7.95 9.87 46.87
C TRP G 122 9.10 9.71 47.86
N LEU G 123 10.23 9.17 47.41
CA LEU G 123 11.40 9.06 48.28
C LEU G 123 12.10 10.39 48.47
N GLN G 124 12.05 11.28 47.48
CA GLN G 124 12.77 12.54 47.54
C GLN G 124 11.94 13.70 48.10
N THR G 125 10.67 13.48 48.42
CA THR G 125 9.84 14.59 48.87
C THR G 125 9.80 14.67 50.39
N ASP G 126 9.47 15.85 50.89
CA ASP G 126 9.30 16.06 52.33
C ASP G 126 7.95 15.57 52.83
N TYR G 127 7.00 15.31 51.93
CA TYR G 127 5.72 14.74 52.32
C TYR G 127 5.86 13.36 52.91
N TYR G 128 6.88 12.61 52.49
CA TYR G 128 7.10 11.25 52.97
C TYR G 128 8.15 11.16 54.08
N LYS G 129 9.14 12.04 54.08
CA LYS G 129 10.16 12.03 55.13
C LYS G 129 9.60 12.48 56.48
N GLN G 130 8.66 13.42 56.49
CA GLN G 130 8.05 13.87 57.73
C GLN G 130 6.95 12.95 58.21
N ARG G 131 6.48 12.02 57.37
CA ARG G 131 5.47 11.05 57.76
C ARG G 131 6.08 9.70 58.10
N LEU G 132 7.40 9.65 58.29
CA LEU G 132 8.10 8.41 58.54
C LEU G 132 8.10 8.11 60.04
N GLU G 133 7.70 6.90 60.41
CA GLU G 133 7.67 6.52 61.81
C GLU G 133 8.97 5.88 62.27
N GLY G 134 9.46 4.89 61.53
CA GLY G 134 10.70 4.24 61.88
C GLY G 134 10.67 2.73 61.68
N ASP G 135 9.49 2.14 61.74
CA ASP G 135 9.34 0.71 61.53
C ASP G 135 9.44 0.43 60.03
N GLU G 136 10.28 -0.53 59.66
CA GLU G 136 10.52 -0.80 58.25
C GLU G 136 9.24 -1.27 57.54
N LYS G 137 8.45 -2.12 58.21
CA LYS G 137 7.19 -2.57 57.63
C LYS G 137 6.25 -1.38 57.39
N ALA G 138 6.10 -0.52 58.39
CA ALA G 138 5.23 0.64 58.25
C ALA G 138 5.75 1.59 57.17
N ASP G 139 7.07 1.79 57.12
CA ASP G 139 7.65 2.68 56.11
C ASP G 139 7.38 2.14 54.71
N ALA G 140 7.60 0.85 54.50
CA ALA G 140 7.36 0.25 53.18
C ALA G 140 5.89 0.32 52.81
N ALA G 141 4.99 0.03 53.75
CA ALA G 141 3.56 0.11 53.47
C ALA G 141 3.15 1.52 53.10
N LEU G 142 3.66 2.52 53.83
CA LEU G 142 3.33 3.90 53.53
C LEU G 142 3.85 4.30 52.15
N LEU G 143 5.07 3.88 51.80
CA LEU G 143 5.61 4.20 50.48
C LEU G 143 4.78 3.56 49.38
N ASP G 144 4.39 2.29 49.56
CA ASP G 144 3.56 1.63 48.56
C ASP G 144 2.22 2.32 48.40
N GLU G 145 1.60 2.73 49.51
CA GLU G 145 0.33 3.46 49.44
C GLU G 145 0.51 4.80 48.72
N LEU G 146 1.58 5.53 49.04
CA LEU G 146 1.82 6.82 48.41
C LEU G 146 2.01 6.68 46.91
N VAL G 147 2.77 5.66 46.48
CA VAL G 147 2.99 5.50 45.04
C VAL G 147 1.71 5.04 44.35
N ASN G 148 0.96 4.11 44.96
CA ASN G 148 -0.32 3.72 44.40
C ASN G 148 -1.31 4.88 44.40
N ASN G 149 -1.05 5.94 45.16
CA ASN G 149 -1.92 7.11 45.14
C ASN G 149 -1.92 7.76 43.76
N ILE G 150 -0.76 7.82 43.11
CA ILE G 150 -0.66 8.43 41.78
C ILE G 150 -1.21 7.46 40.76
N GLN G 151 -2.18 7.93 39.97
CA GLN G 151 -2.81 7.12 38.94
C GLN G 151 -2.63 7.77 37.58
N PHE G 152 -2.55 6.95 36.54
CA PHE G 152 -2.34 7.43 35.17
C PHE G 152 -3.41 6.84 34.27
N THR G 153 -3.87 7.65 33.31
CA THR G 153 -4.82 7.21 32.30
C THR G 153 -4.29 7.64 30.94
N ALA G 154 -4.02 6.65 30.08
CA ALA G 154 -3.47 6.90 28.76
C ALA G 154 -4.54 7.39 27.80
N ARG G 155 -4.12 8.12 26.78
CA ARG G 155 -5.04 8.65 25.79
C ARG G 155 -5.53 7.55 24.87
N ASP G 156 -6.80 7.60 24.53
CA ASP G 156 -7.42 6.67 23.58
C ASP G 156 -7.86 7.47 22.36
N ASP G 157 -7.38 7.06 21.19
CA ASP G 157 -7.72 7.78 19.96
C ASP G 157 -9.18 7.62 19.57
N GLY G 158 -9.86 6.59 20.09
CA GLY G 158 -11.28 6.45 19.81
C GLY G 158 -12.10 7.58 20.38
N LYS G 159 -11.83 7.96 21.62
CA LYS G 159 -12.47 9.11 22.26
C LYS G 159 -11.63 10.38 22.14
N LYS G 160 -10.50 10.30 21.43
CA LYS G 160 -9.55 11.41 21.24
C LYS G 160 -9.38 12.25 22.51
N THR G 161 -9.01 11.56 23.58
CA THR G 161 -8.70 12.19 24.86
C THR G 161 -7.21 12.42 24.96
N ASN G 162 -6.75 12.84 26.14
CA ASN G 162 -5.35 13.14 26.37
C ASN G 162 -4.86 12.43 27.62
N ASP G 163 -3.54 12.22 27.69
CA ASP G 163 -2.94 11.56 28.84
C ASP G 163 -3.18 12.37 30.10
N SER G 164 -3.59 11.68 31.16
CA SER G 164 -3.96 12.35 32.41
C SER G 164 -3.32 11.63 33.60
N VAL G 165 -3.00 12.41 34.62
CA VAL G 165 -2.51 11.89 35.89
C VAL G 165 -3.35 12.46 37.02
N LYS G 166 -3.46 11.69 38.10
CA LYS G 166 -4.21 12.09 39.28
C LYS G 166 -3.38 11.78 40.51
N LEU G 167 -3.16 12.79 41.35
CA LEU G 167 -2.37 12.64 42.56
C LEU G 167 -3.27 12.81 43.77
N VAL G 168 -3.03 11.98 44.79
CA VAL G 168 -3.83 11.95 46.00
C VAL G 168 -2.94 12.32 47.19
N ALA G 169 -3.39 13.27 47.99
CA ALA G 169 -2.63 13.71 49.17
C ALA G 169 -3.61 14.04 50.29
N GLU G 170 -3.07 14.18 51.50
CA GLU G 170 -3.92 14.46 52.66
C GLU G 170 -4.62 15.80 52.54
N THR G 171 -3.91 16.82 52.08
CA THR G 171 -4.46 18.17 51.97
C THR G 171 -4.41 18.64 50.52
N SER G 172 -5.26 19.62 50.21
CA SER G 172 -5.36 20.12 48.84
C SER G 172 -4.07 20.78 48.38
N SER G 173 -3.45 21.59 49.24
CA SER G 173 -2.23 22.29 48.86
C SER G 173 -1.14 21.30 48.50
N ASP G 174 -0.94 20.28 49.34
CA ASP G 174 0.00 19.22 48.99
C ASP G 174 -0.46 18.47 47.75
N SER G 175 -1.79 18.29 47.60
CA SER G 175 -2.30 17.53 46.47
C SER G 175 -1.92 18.18 45.14
N ASN G 176 -1.93 19.51 45.07
CA ASN G 176 -1.58 20.13 43.80
C ASN G 176 -0.08 20.41 43.69
N THR G 177 0.57 20.81 44.79
CA THR G 177 2.00 21.09 44.74
C THR G 177 2.80 19.83 44.41
N LEU G 178 2.45 18.71 45.03
CA LEU G 178 3.15 17.46 44.75
C LEU G 178 2.93 17.01 43.32
N LEU G 179 1.74 17.22 42.78
CA LEU G 179 1.49 16.85 41.39
C LEU G 179 2.36 17.67 40.45
N ARG G 180 2.48 18.98 40.69
CA ARG G 180 3.34 19.81 39.85
C ARG G 180 4.79 19.37 39.94
N GLN G 181 5.26 19.10 41.15
CA GLN G 181 6.64 18.64 41.33
C GLN G 181 6.86 17.29 40.65
N TYR G 182 5.87 16.40 40.72
CA TYR G 182 6.00 15.09 40.08
C TYR G 182 6.08 15.21 38.57
N VAL G 183 5.26 16.08 37.98
CA VAL G 183 5.34 16.29 36.54
C VAL G 183 6.69 16.85 36.15
N VAL G 184 7.21 17.80 36.93
CA VAL G 184 8.53 18.35 36.64
C VAL G 184 9.61 17.26 36.74
N PHE G 185 9.51 16.42 37.76
CA PHE G 185 10.49 15.34 37.93
C PHE G 185 10.44 14.36 36.77
N ALA G 186 9.23 14.00 36.33
CA ALA G 186 9.11 13.09 35.18
C ALA G 186 9.67 13.72 33.92
N SER G 187 9.41 15.02 33.71
CA SER G 187 9.98 15.70 32.55
C SER G 187 11.50 15.72 32.60
N GLN G 188 12.07 15.95 33.79
CA GLN G 188 13.52 15.96 33.94
C GLN G 188 14.11 14.59 33.60
N ARG G 189 13.49 13.53 34.11
CA ARG G 189 13.99 12.19 33.82
C ARG G 189 13.88 11.86 32.34
N ALA G 190 12.76 12.25 31.71
CA ALA G 190 12.61 12.02 30.27
C ALA G 190 13.67 12.77 29.48
N ALA G 191 13.94 14.01 29.86
CA ALA G 191 14.96 14.79 29.17
C ALA G 191 16.34 14.15 29.33
N ASN G 192 16.64 13.66 30.53
CA ASN G 192 17.93 13.00 30.74
C ASN G 192 18.05 11.75 29.88
N HIS G 193 16.98 10.95 29.81
CA HIS G 193 17.02 9.75 28.99
C HIS G 193 17.21 10.10 27.51
N LEU G 194 16.50 11.12 27.03
CA LEU G 194 16.64 11.51 25.62
C LEU G 194 18.05 12.01 25.34
N ASN G 195 18.64 12.74 26.29
CA ASN G 195 20.02 13.19 26.11
C ASN G 195 20.98 12.02 26.02
N GLU G 196 20.80 11.01 26.87
CA GLU G 196 21.66 9.83 26.81
C GLU G 196 21.51 9.10 25.48
N GLU G 197 20.27 9.01 24.98
CA GLU G 197 20.04 8.38 23.69
C GLU G 197 20.74 9.14 22.57
N ILE G 198 20.68 10.47 22.61
CA ILE G 198 21.38 11.29 21.61
C ILE G 198 22.88 11.04 21.66
N LYS G 199 23.45 10.98 22.87
CA LYS G 199 24.88 10.75 22.99
C LYS G 199 25.27 9.38 22.41
N GLY G 200 24.50 8.35 22.72
CA GLY G 200 24.82 7.03 22.20
C GLY G 200 24.72 6.94 20.70
N ALA G 201 23.66 7.51 20.13
CA ALA G 201 23.52 7.51 18.68
C ALA G 201 24.62 8.33 18.03
N TRP G 202 25.04 9.41 18.67
CA TRP G 202 26.16 10.21 18.16
C TRP G 202 27.45 9.41 18.13
N ALA G 203 27.72 8.65 19.20
CA ALA G 203 28.92 7.81 19.22
C ALA G 203 28.87 6.75 18.13
N ALA G 204 27.72 6.11 17.95
CA ALA G 204 27.59 5.13 16.87
C ALA G 204 27.80 5.78 15.51
N ARG G 205 27.26 6.99 15.32
CA ARG G 205 27.39 7.69 14.05
C ARG G 205 28.84 8.03 13.75
N THR G 206 29.57 8.53 14.75
CA THR G 206 30.97 8.91 14.49
C THR G 206 31.82 7.67 14.24
N ILE G 207 31.52 6.55 14.92
CA ILE G 207 32.24 5.31 14.61
C ILE G 207 31.96 4.88 13.17
N PHE G 208 30.71 5.00 12.74
CA PHE G 208 30.35 4.60 11.38
C PHE G 208 31.07 5.45 10.35
N MET G 209 31.11 6.77 10.55
CA MET G 209 31.83 7.63 9.61
C MET G 209 33.33 7.36 9.64
N LYS G 210 33.90 7.06 10.80
CA LYS G 210 35.32 6.72 10.82
C LYS G 210 35.59 5.47 10.00
N SER G 211 34.73 4.45 10.12
CA SER G 211 34.90 3.25 9.32
C SER G 211 34.77 3.55 7.83
N GLN G 212 33.77 4.36 7.46
CA GLN G 212 33.58 4.72 6.05
C GLN G 212 34.79 5.45 5.51
N ILE G 213 35.33 6.39 6.27
CA ILE G 213 36.50 7.15 5.82
C ILE G 213 37.69 6.23 5.65
N LYS G 214 37.93 5.33 6.61
CA LYS G 214 39.04 4.39 6.46
C LYS G 214 38.89 3.54 5.21
N ARG G 215 37.66 3.11 4.92
CA ARG G 215 37.41 2.33 3.72
C ARG G 215 37.72 3.13 2.46
N GLN G 216 37.31 4.40 2.44
CA GLN G 216 37.57 5.24 1.27
C GLN G 216 39.07 5.46 1.07
N GLU G 217 39.82 5.68 2.16
CA GLU G 217 41.26 5.81 2.03
C GLU G 217 41.89 4.53 1.51
N ALA G 218 41.40 3.36 1.98
CA ALA G 218 41.93 2.10 1.47
C ALA G 218 41.69 1.95 -0.02
N VAL G 219 40.47 2.29 -0.48
CA VAL G 219 40.16 2.19 -1.90
C VAL G 219 41.06 3.11 -2.71
N ALA G 220 41.22 4.35 -2.26
CA ALA G 220 42.05 5.31 -2.98
C ALA G 220 43.50 4.86 -3.01
N LYS G 221 44.00 4.31 -1.91
CA LYS G 221 45.37 3.82 -1.89
C LYS G 221 45.55 2.67 -2.88
N ALA G 222 44.59 1.76 -2.95
CA ALA G 222 44.69 0.66 -3.90
C ALA G 222 44.72 1.18 -5.33
N ILE G 223 43.83 2.12 -5.65
CA ILE G 223 43.79 2.67 -7.01
C ILE G 223 45.09 3.37 -7.33
N TYR G 224 45.59 4.18 -6.40
CA TYR G 224 46.84 4.91 -6.64
C TYR G 224 48.01 3.97 -6.84
N ASP G 225 48.10 2.91 -6.02
CA ASP G 225 49.19 1.95 -6.19
C ASP G 225 49.12 1.27 -7.54
N ARG G 226 47.92 0.85 -7.96
CA ARG G 226 47.77 0.20 -9.26
C ARG G 226 48.17 1.15 -10.38
N GLU G 227 47.72 2.40 -10.32
CA GLU G 227 48.03 3.36 -11.36
C GLU G 227 49.52 3.65 -11.43
N VAL G 228 50.18 3.81 -10.27
CA VAL G 228 51.60 4.13 -10.27
C VAL G 228 52.41 2.95 -10.76
N ARG G 229 52.02 1.72 -10.41
CA ARG G 229 52.72 0.56 -10.92
C ARG G 229 52.60 0.46 -12.44
N SER G 230 51.39 0.65 -12.95
CA SER G 230 51.19 0.63 -14.39
C SER G 230 52.01 1.73 -15.08
N VAL G 231 52.08 2.91 -14.47
CA VAL G 231 52.79 4.02 -15.07
C VAL G 231 54.29 3.74 -15.13
N GLU G 232 54.88 3.24 -14.03
CA GLU G 232 56.30 2.93 -14.04
C GLU G 232 56.62 1.84 -15.07
N LEU G 233 55.78 0.81 -15.12
CA LEU G 233 56.05 -0.29 -16.04
C LEU G 233 55.92 0.18 -17.49
N ALA G 234 54.95 1.06 -17.76
CA ALA G 234 54.83 1.66 -19.09
C ALA G 234 56.03 2.53 -19.40
N LEU G 235 56.58 3.23 -18.40
CA LEU G 235 57.81 3.98 -18.61
C LEU G 235 58.94 3.07 -19.05
N LYS G 236 59.13 1.95 -18.35
CA LYS G 236 60.20 1.03 -18.73
C LYS G 236 59.99 0.51 -20.14
N ILE G 237 58.75 0.15 -20.49
CA ILE G 237 58.47 -0.39 -21.82
C ILE G 237 58.72 0.66 -22.89
N ALA G 238 58.25 1.90 -22.67
CA ALA G 238 58.46 2.96 -23.65
C ALA G 238 59.93 3.29 -23.81
N GLN G 239 60.69 3.25 -22.71
CA GLN G 239 62.13 3.45 -22.79
C GLN G 239 62.78 2.38 -23.65
N GLN G 240 62.28 1.14 -23.57
CA GLN G 240 62.84 0.08 -24.41
C GLN G 240 62.64 0.37 -25.88
N GLN G 241 61.48 0.89 -26.27
CA GLN G 241 61.22 1.23 -27.66
C GLN G 241 61.43 2.71 -27.93
N GLY G 242 60.80 3.22 -28.99
CA GLY G 242 60.96 4.59 -29.44
C GLY G 242 60.66 5.66 -28.40
N ILE G 243 61.18 6.87 -28.62
CA ILE G 243 61.15 7.92 -27.60
C ILE G 243 60.27 9.11 -27.99
N SER G 244 59.93 9.28 -29.26
CA SER G 244 59.20 10.47 -29.68
C SER G 244 57.80 10.49 -29.08
N ARG G 245 57.32 11.70 -28.80
CA ARG G 245 55.98 11.86 -28.24
C ARG G 245 54.93 11.46 -29.28
N SER G 246 53.88 10.79 -28.80
CA SER G 246 52.78 10.33 -29.65
C SER G 246 53.30 9.60 -30.88
N GLN G 247 54.06 8.53 -30.63
CA GLN G 247 54.61 7.74 -31.74
C GLN G 247 53.51 7.23 -32.64
N THR G 248 52.37 6.83 -32.07
CA THR G 248 51.12 6.66 -32.79
C THR G 248 50.15 7.67 -32.21
N ASP G 249 49.78 8.66 -33.02
CA ASP G 249 49.03 9.80 -32.50
C ASP G 249 47.58 9.41 -32.22
N THR G 250 46.80 10.42 -31.83
CA THR G 250 45.41 10.33 -31.39
C THR G 250 45.21 9.41 -30.18
N PRO G 251 46.05 9.47 -29.13
CA PRO G 251 45.54 9.03 -27.81
C PRO G 251 45.04 10.24 -27.05
N ALA G 252 43.89 10.78 -27.50
CA ALA G 252 43.48 12.14 -27.15
C ALA G 252 43.47 12.36 -25.65
N ASP G 253 42.78 11.52 -24.92
CA ASP G 253 42.79 11.64 -23.47
C ASP G 253 43.17 10.36 -22.75
N GLU G 254 42.70 9.21 -23.23
CA GLU G 254 42.96 7.95 -22.54
C GLU G 254 42.82 6.80 -23.53
N ILE G 255 43.87 5.99 -23.62
CA ILE G 255 43.86 4.74 -24.37
C ILE G 255 44.27 3.70 -23.33
N PRO G 256 43.58 2.55 -23.24
CA PRO G 256 43.69 1.70 -22.03
C PRO G 256 45.12 1.27 -21.76
N ALA G 257 45.32 0.77 -20.52
CA ALA G 257 46.63 0.36 -20.05
C ALA G 257 47.33 -0.58 -21.03
N SER G 258 46.57 -1.25 -21.90
CA SER G 258 47.17 -2.01 -22.98
C SER G 258 48.04 -1.14 -23.88
N GLU G 259 47.69 0.14 -24.04
CA GLU G 259 48.49 1.09 -24.79
C GLU G 259 48.70 2.33 -23.92
N MET G 260 49.87 2.41 -23.29
CA MET G 260 50.26 3.62 -22.56
C MET G 260 51.68 4.07 -22.89
N PHE G 261 52.44 3.28 -23.62
CA PHE G 261 53.74 3.68 -24.14
C PHE G 261 53.63 4.63 -25.32
N LEU G 262 52.43 4.83 -25.86
CA LEU G 262 52.26 5.67 -27.04
C LEU G 262 52.53 7.13 -26.74
N LEU G 263 52.46 7.53 -25.47
CA LEU G 263 52.48 8.95 -25.14
C LEU G 263 53.87 9.54 -25.28
N GLY G 264 54.91 8.82 -24.85
CA GLY G 264 56.27 9.30 -24.94
C GLY G 264 57.07 9.11 -23.66
N ARG G 265 58.40 9.16 -23.75
CA ARG G 265 59.24 8.89 -22.60
C ARG G 265 59.29 10.10 -21.65
N PRO G 266 59.57 11.32 -22.11
CA PRO G 266 59.32 12.48 -21.22
C PRO G 266 57.89 12.53 -20.75
N MET G 267 56.95 12.18 -21.65
CA MET G 267 55.54 12.15 -21.31
C MET G 267 55.28 11.26 -20.10
N LEU G 268 55.60 9.97 -20.22
CA LEU G 268 55.37 9.03 -19.15
C LEU G 268 56.26 9.28 -17.94
N GLN G 269 57.42 9.91 -18.12
CA GLN G 269 58.29 10.21 -16.99
C GLN G 269 57.69 11.30 -16.11
N ALA G 270 57.22 12.39 -16.74
CA ALA G 270 56.50 13.40 -15.98
C ALA G 270 55.21 12.83 -15.41
N ARG G 271 54.58 11.90 -16.10
CA ARG G 271 53.44 11.19 -15.54
C ARG G 271 53.82 10.48 -14.25
N LEU G 272 54.92 9.73 -14.26
CA LEU G 272 55.34 9.03 -13.05
C LEU G 272 55.63 9.99 -11.93
N GLU G 273 56.34 11.08 -12.23
CA GLU G 273 56.69 12.00 -11.15
C GLU G 273 55.46 12.71 -10.58
N THR G 274 54.46 13.04 -11.42
CA THR G 274 53.28 13.68 -10.87
C THR G 274 52.42 12.72 -10.07
N LEU G 275 52.31 11.46 -10.49
CA LEU G 275 51.64 10.47 -9.64
C LEU G 275 52.38 10.29 -8.32
N GLN G 276 53.71 10.21 -8.36
CA GLN G 276 54.47 10.01 -7.15
C GLN G 276 54.31 11.18 -6.18
N THR G 277 54.30 12.40 -6.70
CA THR G 277 54.24 13.58 -5.85
C THR G 277 52.82 14.00 -5.49
N SER G 278 51.80 13.43 -6.13
CA SER G 278 50.41 13.73 -5.81
C SER G 278 49.78 12.52 -5.13
N GLY G 279 49.04 12.76 -4.06
CA GLY G 279 48.42 11.69 -3.30
C GLY G 279 47.36 10.97 -4.09
N PRO G 280 46.78 9.92 -3.50
CA PRO G 280 45.72 9.19 -4.19
C PRO G 280 44.53 10.09 -4.49
N HIS G 281 43.90 9.84 -5.63
CA HIS G 281 42.76 10.64 -6.07
C HIS G 281 41.54 10.29 -5.24
N TYR G 282 40.94 11.29 -4.60
CA TYR G 282 39.73 11.11 -3.81
C TYR G 282 38.55 11.77 -4.50
N GLU G 283 37.36 11.30 -4.19
CA GLU G 283 36.13 11.84 -4.74
C GLU G 283 35.48 12.82 -3.77
N LEU G 284 34.34 13.37 -4.17
CA LEU G 284 33.64 14.34 -3.33
C LEU G 284 33.09 13.69 -2.07
N ASP G 285 32.68 12.42 -2.16
CA ASP G 285 32.13 11.72 -1.01
C ASP G 285 33.14 11.65 0.13
N TYR G 286 34.42 11.50 -0.19
CA TYR G 286 35.44 11.46 0.86
C TYR G 286 35.46 12.77 1.63
N ASP G 287 35.44 13.90 0.92
CA ASP G 287 35.48 15.19 1.59
C ASP G 287 34.23 15.43 2.41
N GLN G 288 33.07 15.05 1.87
CA GLN G 288 31.84 15.20 2.64
C GLN G 288 31.87 14.35 3.90
N ASN G 289 32.38 13.12 3.80
CA ASN G 289 32.48 12.27 4.99
C ASN G 289 33.48 12.83 5.99
N ARG G 290 34.57 13.43 5.51
CA ARG G 290 35.53 14.05 6.42
C ARG G 290 34.91 15.21 7.17
N ALA G 291 34.15 16.06 6.46
CA ALA G 291 33.46 17.15 7.13
C ALA G 291 32.45 16.64 8.14
N MET G 292 31.73 15.58 7.77
CA MET G 292 30.75 14.98 8.68
C MET G 292 31.43 14.44 9.94
N LEU G 293 32.57 13.78 9.77
CA LEU G 293 33.31 13.29 10.93
C LEU G 293 33.80 14.44 11.79
N ALA G 294 34.22 15.55 11.16
CA ALA G 294 34.66 16.71 11.92
C ALA G 294 33.54 17.28 12.77
N THR G 295 32.36 17.48 12.17
CA THR G 295 31.25 18.06 12.94
C THR G 295 30.68 17.08 13.95
N LEU G 296 30.87 15.77 13.74
CA LEU G 296 30.51 14.82 14.79
C LEU G 296 31.52 14.81 15.91
N ASN G 297 32.80 15.02 15.60
CA ASN G 297 33.84 15.05 16.62
C ASN G 297 33.83 16.33 17.43
N VAL G 298 33.19 17.40 16.92
CA VAL G 298 33.11 18.62 17.70
C VAL G 298 32.24 18.43 18.94
N GLY G 299 31.38 17.41 18.93
CA GLY G 299 30.55 17.10 20.07
C GLY G 299 29.20 17.77 20.00
N PRO G 300 28.21 17.17 20.65
CA PRO G 300 26.87 17.77 20.66
C PRO G 300 26.68 18.76 21.80
N THR G 301 26.22 19.97 21.49
CA THR G 301 25.97 20.99 22.51
C THR G 301 24.67 20.65 23.23
N LEU G 302 24.78 19.76 24.20
CA LEU G 302 23.63 19.27 24.93
C LEU G 302 23.18 20.27 25.98
N GLU G 303 21.88 20.23 26.30
CA GLU G 303 21.30 21.11 27.30
C GLU G 303 20.93 20.30 28.53
N ALA G 304 21.04 20.94 29.70
CA ALA G 304 20.81 20.23 30.96
C ALA G 304 19.35 19.82 31.10
N SER G 305 18.42 20.74 30.88
CA SER G 305 17.01 20.47 31.11
C SER G 305 16.16 21.20 30.09
N PHE G 306 15.21 20.47 29.49
CA PHE G 306 14.22 21.06 28.60
C PHE G 306 12.87 20.40 28.89
N GLN G 307 11.81 21.19 28.72
CA GLN G 307 10.47 20.72 29.05
C GLN G 307 9.92 19.91 27.88
N THR G 308 9.46 18.70 28.17
CA THR G 308 8.96 17.78 27.15
C THR G 308 7.46 17.54 27.24
N TYR G 309 6.72 18.48 27.80
CA TYR G 309 5.27 18.35 27.97
C TYR G 309 4.61 19.69 27.73
N ARG G 310 3.31 19.66 27.46
CA ARG G 310 2.50 20.86 27.31
C ARG G 310 1.26 20.71 28.18
N TYR G 311 0.99 21.73 29.00
CA TYR G 311 -0.12 21.67 29.94
C TYR G 311 -1.44 22.04 29.27
N LEU G 312 -2.42 21.15 29.38
CA LEU G 312 -3.81 21.44 29.02
C LEU G 312 -4.69 21.54 30.26
N ARG G 313 -4.62 20.53 31.13
CA ARG G 313 -5.01 20.54 32.54
C ARG G 313 -3.79 20.74 33.42
N THR G 314 -3.66 21.96 33.96
CA THR G 314 -2.68 22.28 34.98
C THR G 314 -3.21 21.84 36.35
N PRO G 315 -2.35 21.26 37.19
CA PRO G 315 -2.78 20.91 38.55
C PRO G 315 -3.27 22.13 39.31
N GLU G 316 -4.33 21.95 40.09
CA GLU G 316 -4.92 23.03 40.85
C GLU G 316 -5.49 22.46 42.14
N GLU G 317 -5.82 23.35 43.07
CA GLU G 317 -6.35 22.94 44.35
C GLU G 317 -7.76 22.37 44.16
N PRO G 318 -8.02 21.13 44.56
CA PRO G 318 -9.37 20.59 44.44
C PRO G 318 -10.34 21.31 45.37
N VAL G 319 -11.59 21.37 44.94
CA VAL G 319 -12.61 22.07 45.72
C VAL G 319 -13.44 21.11 46.58
N LYS G 320 -13.48 19.83 46.25
CA LYS G 320 -14.24 18.85 47.02
C LYS G 320 -13.40 17.59 47.21
N ARG G 321 -13.53 16.98 48.38
CA ARG G 321 -12.82 15.75 48.67
C ARG G 321 -13.50 14.57 47.98
N ASP G 322 -12.67 13.66 47.46
CA ASP G 322 -13.17 12.44 46.82
C ASP G 322 -13.37 11.31 47.83
N SER G 323 -12.54 11.29 48.87
CA SER G 323 -12.56 10.30 49.94
C SER G 323 -13.57 10.74 51.00
N PRO G 324 -13.73 10.00 52.14
CA PRO G 324 -15.02 10.00 52.84
C PRO G 324 -16.25 10.36 52.02
N ARG G 325 -16.48 11.65 51.76
CA ARG G 325 -17.76 12.13 51.26
C ARG G 325 -18.87 11.73 52.24
N ARG G 326 -18.79 12.35 53.43
CA ARG G 326 -19.53 11.88 54.60
C ARG G 326 -21.02 11.71 54.30
N ALA G 327 -21.59 12.60 53.49
CA ALA G 327 -22.99 12.47 53.12
C ALA G 327 -23.26 11.17 52.39
N PHE G 328 -22.36 10.79 51.46
CA PHE G 328 -22.53 9.54 50.75
C PHE G 328 -22.47 8.34 51.69
N LEU G 329 -21.50 8.35 52.62
CA LEU G 329 -21.42 7.27 53.60
C LEU G 329 -22.55 7.34 54.61
N MET G 330 -23.03 8.55 54.91
CA MET G 330 -24.13 8.71 55.85
C MET G 330 -25.40 8.02 55.33
N VAL G 331 -25.77 8.32 54.08
CA VAL G 331 -27.00 7.78 53.51
C VAL G 331 -26.86 6.29 53.22
N MET G 332 -25.70 5.89 52.67
CA MET G 332 -25.55 4.52 52.17
C MET G 332 -25.70 3.49 53.29
N TRP G 333 -24.79 3.51 54.27
CA TRP G 333 -24.83 2.51 55.33
C TRP G 333 -26.02 2.71 56.27
N GLY G 334 -26.56 3.92 56.35
CA GLY G 334 -27.77 4.12 57.13
C GLY G 334 -28.97 3.41 56.54
N ALA G 335 -29.09 3.42 55.22
CA ALA G 335 -30.21 2.76 54.57
C ALA G 335 -30.05 1.24 54.57
N ILE G 336 -28.81 0.74 54.61
CA ILE G 336 -28.58 -0.70 54.62
C ILE G 336 -29.18 -1.32 55.88
N GLY G 337 -28.95 -0.70 57.03
CA GLY G 337 -29.48 -1.20 58.29
C GLY G 337 -30.97 -1.01 58.42
N ILE H 39 -21.55 -24.32 64.20
CA ILE H 39 -21.07 -24.93 62.98
C ILE H 39 -20.11 -24.00 62.26
N GLY H 40 -20.46 -22.72 62.24
CA GLY H 40 -19.59 -21.73 61.60
C GLY H 40 -18.24 -21.61 62.26
N LEU H 41 -18.19 -21.75 63.59
CA LEU H 41 -16.93 -21.66 64.30
C LEU H 41 -15.99 -22.81 63.92
N LEU H 42 -16.53 -24.01 63.70
CA LEU H 42 -15.70 -25.13 63.30
C LEU H 42 -15.04 -24.89 61.95
N PHE H 43 -15.83 -24.40 60.98
CA PHE H 43 -15.25 -24.08 59.67
C PHE H 43 -14.27 -22.91 59.77
N ALA H 44 -14.54 -21.94 60.64
CA ALA H 44 -13.61 -20.84 60.86
C ALA H 44 -12.28 -21.37 61.38
N VAL H 45 -12.32 -22.28 62.34
CA VAL H 45 -11.10 -22.86 62.90
C VAL H 45 -10.38 -23.68 61.84
N VAL H 46 -11.13 -24.41 61.01
CA VAL H 46 -10.52 -25.21 59.94
C VAL H 46 -9.79 -24.29 58.96
N ALA H 47 -10.43 -23.19 58.56
CA ALA H 47 -9.78 -22.25 57.64
C ALA H 47 -8.56 -21.60 58.29
N LEU H 48 -8.65 -21.28 59.58
CA LEU H 48 -7.52 -20.69 60.28
C LEU H 48 -6.33 -21.66 60.31
N GLY H 49 -6.59 -22.93 60.60
CA GLY H 49 -5.52 -23.92 60.57
C GLY H 49 -4.94 -24.12 59.19
N TYR H 50 -5.81 -24.12 58.16
CA TYR H 50 -5.33 -24.25 56.79
C TYR H 50 -4.42 -23.08 56.42
N SER H 51 -4.80 -21.86 56.84
CA SER H 51 -3.95 -20.71 56.60
C SER H 51 -2.62 -20.84 57.33
N TYR H 52 -2.65 -21.33 58.57
CA TYR H 52 -1.41 -21.56 59.31
C TYR H 52 -0.53 -22.64 58.68
N LEU H 53 -1.13 -23.57 57.95
CA LEU H 53 -0.37 -24.69 57.38
C LEU H 53 0.15 -24.43 55.97
N VAL H 54 -0.53 -23.60 55.19
CA VAL H 54 -0.12 -23.35 53.81
C VAL H 54 1.10 -22.45 53.79
N LYS H 55 2.08 -22.81 52.97
CA LYS H 55 3.30 -22.01 52.84
C LYS H 55 2.95 -20.60 52.35
N GLN H 56 3.52 -19.61 53.01
CA GLN H 56 3.29 -18.21 52.63
C GLN H 56 4.02 -17.90 51.34
N GLU H 57 3.33 -17.22 50.42
CA GLU H 57 3.90 -16.84 49.13
C GLU H 57 3.84 -15.33 48.98
N TRP H 58 5.01 -14.70 49.02
CA TRP H 58 5.16 -13.28 48.74
C TRP H 58 5.58 -13.08 47.29
N GLY H 59 4.97 -12.09 46.63
CA GLY H 59 5.22 -11.87 45.22
C GLY H 59 5.84 -10.52 44.89
N ALA H 60 6.85 -10.54 44.04
CA ALA H 60 7.50 -9.34 43.54
C ALA H 60 7.26 -9.21 42.05
N THR H 61 6.91 -8.01 41.61
CA THR H 61 6.50 -7.75 40.23
C THR H 61 7.45 -6.75 39.60
N SER H 62 7.90 -7.06 38.38
CA SER H 62 8.76 -6.17 37.61
C SER H 62 8.21 -6.05 36.19
N ILE H 63 8.39 -4.88 35.59
CA ILE H 63 7.99 -4.68 34.19
C ILE H 63 9.14 -4.00 33.47
N THR H 64 9.43 -4.48 32.26
CA THR H 64 10.61 -4.07 31.53
C THR H 64 10.22 -3.57 30.14
N ASP H 65 11.15 -2.86 29.51
CA ASP H 65 10.96 -2.32 28.17
C ASP H 65 12.26 -2.49 27.38
N LYS H 66 12.26 -1.98 26.15
CA LYS H 66 13.40 -2.17 25.26
C LYS H 66 14.62 -1.41 25.78
N PRO H 67 15.83 -1.94 25.56
CA PRO H 67 17.02 -1.32 26.13
C PRO H 67 17.42 -0.06 25.39
N THR H 68 18.22 0.75 26.07
CA THR H 68 18.76 1.97 25.47
C THR H 68 19.89 1.63 24.50
N VAL H 69 20.13 2.54 23.57
CA VAL H 69 21.22 2.34 22.60
C VAL H 69 22.56 2.33 23.30
N ASN H 70 22.73 3.18 24.32
CA ASN H 70 24.01 3.29 25.00
C ASN H 70 24.38 2.00 25.71
N MET H 71 23.40 1.35 26.35
CA MET H 71 23.66 0.17 27.16
C MET H 71 23.80 -1.11 26.34
N LEU H 72 23.52 -1.07 25.05
CA LEU H 72 23.73 -2.25 24.21
C LEU H 72 25.22 -2.48 23.94
N GLY H 73 26.05 -1.46 24.08
CA GLY H 73 27.47 -1.63 23.89
C GLY H 73 27.85 -1.80 22.42
N GLY H 74 29.05 -2.36 22.24
CA GLY H 74 29.60 -2.53 20.90
C GLY H 74 28.75 -3.40 20.00
N TYR H 75 27.85 -4.19 20.57
CA TYR H 75 26.91 -4.98 19.77
C TYR H 75 26.16 -4.10 18.78
N TYR H 76 25.79 -2.89 19.20
CA TYR H 76 25.07 -1.99 18.29
C TYR H 76 25.90 -1.73 17.03
N SER H 77 27.18 -1.43 17.20
CA SER H 77 28.04 -1.21 16.04
C SER H 77 28.28 -2.49 15.26
N GLN H 78 28.38 -3.63 15.95
CA GLN H 78 28.67 -4.89 15.26
C GLN H 78 27.48 -5.44 14.50
N GLN H 79 26.27 -5.00 14.83
CA GLN H 79 25.10 -5.36 14.04
C GLN H 79 24.86 -4.37 12.90
N GLN H 80 25.21 -3.11 13.10
CA GLN H 80 25.08 -2.14 12.01
C GLN H 80 26.09 -2.41 10.90
N PHE H 81 27.31 -2.83 11.24
CA PHE H 81 28.26 -3.25 10.22
C PHE H 81 27.73 -4.43 9.43
N LEU H 82 26.86 -5.25 10.03
CA LEU H 82 26.38 -6.46 9.37
C LEU H 82 25.12 -6.22 8.56
N ARG H 83 24.28 -5.28 8.96
CA ARG H 83 23.02 -5.02 8.26
C ARG H 83 23.02 -3.69 7.52
N ASN H 84 23.43 -2.62 8.19
CA ASN H 84 23.30 -1.28 7.63
C ASN H 84 24.14 -1.09 6.37
N LEU H 85 25.23 -1.84 6.21
CA LEU H 85 26.05 -1.71 5.01
C LEU H 85 26.15 -3.01 4.23
N ASP H 86 26.43 -4.14 4.88
CA ASP H 86 26.80 -5.34 4.15
C ASP H 86 25.62 -5.91 3.37
N ALA H 87 24.56 -6.28 4.09
CA ALA H 87 23.45 -7.00 3.46
C ALA H 87 22.79 -6.15 2.38
N ARG H 88 22.38 -4.93 2.73
CA ARG H 88 21.61 -4.11 1.80
C ARG H 88 22.42 -3.74 0.57
N SER H 89 23.68 -3.34 0.75
CA SER H 89 24.47 -2.86 -0.38
C SER H 89 25.00 -3.99 -1.25
N PHE H 90 25.38 -5.12 -0.66
CA PHE H 90 26.02 -6.20 -1.41
C PHE H 90 25.10 -7.37 -1.71
N SER H 91 23.82 -7.28 -1.33
CA SER H 91 22.86 -8.31 -1.71
C SER H 91 21.53 -7.78 -2.22
N SER H 92 21.14 -6.57 -1.86
CA SER H 92 19.84 -6.01 -2.21
C SER H 92 18.70 -6.99 -1.87
N PRO H 93 18.54 -7.38 -0.60
CA PRO H 93 17.48 -8.33 -0.25
C PRO H 93 16.12 -7.67 -0.07
N GLN H 94 16.14 -6.37 0.22
CA GLN H 94 14.93 -5.59 0.49
C GLN H 94 14.03 -6.24 1.54
N PRO H 95 14.54 -6.49 2.75
CA PRO H 95 13.69 -7.06 3.79
C PRO H 95 13.08 -6.00 4.70
N GLU H 96 12.19 -6.43 5.59
CA GLU H 96 11.66 -5.58 6.64
C GLU H 96 12.07 -6.18 7.98
N GLN H 97 12.86 -5.44 8.74
CA GLN H 97 13.40 -5.94 10.00
C GLN H 97 13.21 -4.92 11.11
N PRO H 98 13.05 -5.39 12.34
CA PRO H 98 12.91 -4.45 13.47
C PRO H 98 14.23 -3.79 13.83
N SER H 99 14.20 -2.88 14.80
CA SER H 99 15.41 -2.21 15.24
C SER H 99 16.31 -3.18 16.00
N ILE H 100 17.58 -2.79 16.13
CA ILE H 100 18.54 -3.61 16.87
C ILE H 100 18.11 -3.73 18.33
N SER H 101 17.73 -2.61 18.94
CA SER H 101 17.22 -2.64 20.31
C SER H 101 15.95 -3.46 20.39
N ALA H 102 15.07 -3.33 19.39
CA ALA H 102 13.84 -4.11 19.37
C ALA H 102 14.13 -5.60 19.32
N GLY H 103 15.09 -6.01 18.49
CA GLY H 103 15.45 -7.41 18.41
C GLY H 103 16.08 -7.92 19.69
N ALA H 104 16.95 -7.13 20.31
CA ALA H 104 17.55 -7.53 21.57
C ALA H 104 16.48 -7.69 22.65
N TYR H 105 15.52 -6.76 22.71
CA TYR H 105 14.45 -6.88 23.70
C TYR H 105 13.56 -8.07 23.39
N ASP H 106 13.30 -8.35 22.12
CA ASP H 106 12.49 -9.50 21.76
C ASP H 106 13.15 -10.79 22.21
N GLU H 107 14.46 -10.92 22.02
CA GLU H 107 15.14 -12.13 22.48
C GLU H 107 15.20 -12.18 24.00
N PHE H 108 15.35 -11.03 24.67
CA PHE H 108 15.31 -11.02 26.12
C PHE H 108 13.97 -11.50 26.64
N ILE H 109 12.89 -11.07 26.00
CA ILE H 109 11.56 -11.54 26.39
C ILE H 109 11.42 -13.03 26.11
N MET H 110 11.94 -13.48 24.98
CA MET H 110 11.84 -14.90 24.63
C MET H 110 12.57 -15.76 25.65
N GLN H 111 13.75 -15.33 26.10
CA GLN H 111 14.51 -16.07 27.10
C GLN H 111 14.05 -15.79 28.52
N LEU H 112 13.18 -14.80 28.72
CA LEU H 112 12.69 -14.46 30.05
C LEU H 112 11.45 -15.26 30.42
N ALA H 113 10.60 -15.58 29.45
CA ALA H 113 9.45 -16.45 29.66
C ALA H 113 9.73 -17.88 29.26
N ALA H 114 10.96 -18.20 28.85
CA ALA H 114 11.32 -19.55 28.48
C ALA H 114 11.42 -20.43 29.73
N TYR H 115 10.88 -21.64 29.63
CA TYR H 115 10.86 -22.54 30.78
C TYR H 115 12.27 -22.99 31.15
N ASP H 116 13.12 -23.21 30.15
CA ASP H 116 14.47 -23.72 30.43
C ASP H 116 15.27 -22.71 31.23
N THR H 117 15.11 -21.41 30.93
CA THR H 117 15.80 -20.40 31.73
C THR H 117 15.37 -20.47 33.18
N ARG H 118 14.07 -20.64 33.42
CA ARG H 118 13.58 -20.71 34.80
C ARG H 118 14.11 -21.95 35.51
N ARG H 119 14.14 -23.09 34.82
CA ARG H 119 14.69 -24.31 35.41
C ARG H 119 16.16 -24.12 35.77
N ASP H 120 16.95 -23.54 34.87
CA ASP H 120 18.36 -23.33 35.14
C ASP H 120 18.55 -22.36 36.30
N PHE H 121 17.75 -21.29 36.36
CA PHE H 121 17.87 -20.33 37.45
C PHE H 121 17.53 -20.96 38.79
N TRP H 122 16.45 -21.75 38.84
CA TRP H 122 16.09 -22.40 40.10
C TRP H 122 17.08 -23.50 40.46
N LEU H 123 17.76 -24.07 39.46
CA LEU H 123 18.78 -25.07 39.75
C LEU H 123 20.06 -24.46 40.27
N GLN H 124 20.39 -23.23 39.86
CA GLN H 124 21.64 -22.60 40.24
C GLN H 124 21.54 -21.74 41.50
N THR H 125 20.36 -21.59 42.09
CA THR H 125 20.22 -20.71 43.24
C THR H 125 20.36 -21.49 44.55
N ASP H 126 20.70 -20.75 45.60
CA ASP H 126 20.77 -21.33 46.95
C ASP H 126 19.40 -21.45 47.59
N TYR H 127 18.38 -20.78 47.05
CA TYR H 127 17.02 -20.94 47.54
C TYR H 127 16.50 -22.37 47.36
N TYR H 128 16.97 -23.08 46.35
CA TYR H 128 16.53 -24.43 46.05
C TYR H 128 17.46 -25.51 46.58
N LYS H 129 18.77 -25.23 46.64
CA LYS H 129 19.72 -26.19 47.17
C LYS H 129 19.58 -26.40 48.67
N GLN H 130 19.24 -25.35 49.42
CA GLN H 130 19.03 -25.48 50.85
C GLN H 130 17.65 -26.02 51.21
N ARG H 131 16.72 -26.05 50.27
CA ARG H 131 15.40 -26.61 50.47
C ARG H 131 15.28 -28.04 49.96
N LEU H 132 16.41 -28.68 49.65
CA LEU H 132 16.42 -30.01 49.06
C LEU H 132 16.39 -31.05 50.17
N GLU H 133 15.46 -32.00 50.06
CA GLU H 133 15.36 -33.04 51.07
C GLU H 133 16.21 -34.27 50.73
N GLY H 134 16.08 -34.78 49.51
CA GLY H 134 16.85 -35.93 49.09
C GLY H 134 16.07 -36.92 48.25
N ASP H 135 14.74 -36.95 48.44
CA ASP H 135 13.89 -37.85 47.67
C ASP H 135 13.72 -37.25 46.28
N GLU H 136 13.94 -38.07 45.25
CA GLU H 136 13.89 -37.58 43.88
C GLU H 136 12.51 -37.06 43.52
N LYS H 137 11.46 -37.75 43.96
CA LYS H 137 10.09 -37.30 43.69
C LYS H 137 9.86 -35.94 44.33
N ALA H 138 10.23 -35.79 45.61
CA ALA H 138 10.04 -34.52 46.29
C ALA H 138 10.88 -33.41 45.66
N ASP H 139 12.12 -33.74 45.27
CA ASP H 139 12.98 -32.74 44.63
C ASP H 139 12.37 -32.26 43.31
N ALA H 140 11.90 -33.19 42.49
CA ALA H 140 11.29 -32.81 41.21
C ALA H 140 10.02 -32.00 41.42
N ALA H 141 9.19 -32.40 42.38
CA ALA H 141 7.97 -31.65 42.65
C ALA H 141 8.29 -30.23 43.13
N LEU H 142 9.29 -30.09 44.00
CA LEU H 142 9.66 -28.77 44.49
C LEU H 142 10.20 -27.91 43.35
N LEU H 143 11.01 -28.48 42.46
CA LEU H 143 11.53 -27.72 41.33
C LEU H 143 10.41 -27.27 40.40
N ASP H 144 9.45 -28.17 40.12
CA ASP H 144 8.33 -27.79 39.27
C ASP H 144 7.51 -26.68 39.90
N GLU H 145 7.26 -26.76 41.21
CA GLU H 145 6.53 -25.70 41.89
C GLU H 145 7.28 -24.38 41.85
N LEU H 146 8.59 -24.43 42.09
CA LEU H 146 9.40 -23.20 42.06
C LEU H 146 9.38 -22.55 40.69
N VAL H 147 9.49 -23.34 39.62
CA VAL H 147 9.48 -22.76 38.28
C VAL H 147 8.10 -22.24 37.92
N ASN H 148 7.04 -22.98 38.28
CA ASN H 148 5.69 -22.47 38.06
C ASN H 148 5.41 -21.24 38.91
N ASN H 149 6.23 -20.98 39.93
CA ASN H 149 6.06 -19.77 40.72
C ASN H 149 6.27 -18.52 39.87
N ILE H 150 7.25 -18.55 38.98
CA ILE H 150 7.54 -17.40 38.12
C ILE H 150 6.49 -17.34 37.02
N GLN H 151 5.83 -16.20 36.89
CA GLN H 151 4.80 -16.00 35.89
C GLN H 151 5.18 -14.81 35.00
N PHE H 152 4.76 -14.89 33.74
CA PHE H 152 5.06 -13.85 32.76
C PHE H 152 3.77 -13.38 32.09
N THR H 153 3.70 -12.08 31.82
CA THR H 153 2.58 -11.48 31.10
C THR H 153 3.14 -10.61 29.98
N ALA H 154 2.82 -10.98 28.74
CA ALA H 154 3.32 -10.27 27.58
C ALA H 154 2.54 -8.97 27.35
N ARG H 155 3.22 -8.02 26.70
CA ARG H 155 2.59 -6.74 26.43
C ARG H 155 1.55 -6.86 25.33
N ASP H 156 0.44 -6.14 25.50
CA ASP H 156 -0.62 -6.07 24.50
C ASP H 156 -0.70 -4.65 23.99
N ASP H 157 -0.58 -4.48 22.67
CA ASP H 157 -0.62 -3.14 22.09
C ASP H 157 -1.99 -2.49 22.20
N GLY H 158 -3.05 -3.28 22.38
CA GLY H 158 -4.37 -2.70 22.56
C GLY H 158 -4.47 -1.86 23.82
N LYS H 159 -3.94 -2.37 24.93
CA LYS H 159 -3.87 -1.63 26.19
C LYS H 159 -2.53 -0.94 26.37
N LYS H 160 -1.64 -1.03 25.38
CA LYS H 160 -0.29 -0.46 25.40
C LYS H 160 0.37 -0.60 26.77
N THR H 161 0.43 -1.85 27.23
CA THR H 161 1.11 -2.20 28.47
C THR H 161 2.53 -2.66 28.15
N ASN H 162 3.22 -3.17 29.16
CA ASN H 162 4.61 -3.60 29.01
C ASN H 162 4.77 -5.01 29.56
N ASP H 163 5.82 -5.69 29.09
CA ASP H 163 6.10 -7.05 29.55
C ASP H 163 6.39 -7.06 31.04
N SER H 164 5.78 -8.00 31.76
CA SER H 164 5.89 -8.06 33.20
C SER H 164 6.18 -9.48 33.65
N VAL H 165 6.92 -9.60 34.75
CA VAL H 165 7.19 -10.87 35.40
C VAL H 165 6.84 -10.75 36.88
N LYS H 166 6.46 -11.88 37.46
CA LYS H 166 6.09 -11.96 38.87
C LYS H 166 6.76 -13.18 39.47
N LEU H 167 7.51 -12.99 40.54
CA LEU H 167 8.21 -14.06 41.21
C LEU H 167 7.62 -14.27 42.60
N VAL H 168 7.50 -15.54 43.00
CA VAL H 168 6.89 -15.92 44.26
C VAL H 168 7.92 -16.65 45.10
N ALA H 169 8.08 -16.21 46.35
CA ALA H 169 9.03 -16.83 47.26
C ALA H 169 8.45 -16.83 48.66
N GLU H 170 9.09 -17.60 49.55
CA GLU H 170 8.58 -17.73 50.92
C GLU H 170 8.64 -16.40 51.66
N THR H 171 9.72 -15.64 51.50
CA THR H 171 9.91 -14.38 52.19
C THR H 171 10.06 -13.25 51.18
N SER H 172 9.79 -12.03 51.65
CA SER H 172 9.84 -10.86 50.78
C SER H 172 11.25 -10.59 50.26
N SER H 173 12.26 -10.71 51.13
CA SER H 173 13.63 -10.44 50.72
C SER H 173 14.06 -11.39 49.61
N ASP H 174 13.78 -12.68 49.78
CA ASP H 174 14.04 -13.63 48.70
C ASP H 174 13.17 -13.32 47.50
N SER H 175 11.93 -12.88 47.73
CA SER H 175 11.01 -12.62 46.63
C SER H 175 11.55 -11.54 45.69
N ASN H 176 12.21 -10.51 46.23
CA ASN H 176 12.72 -9.49 45.33
C ASN H 176 14.14 -9.78 44.87
N THR H 177 14.99 -10.33 45.75
CA THR H 177 16.36 -10.64 45.35
C THR H 177 16.40 -11.69 44.24
N LEU H 178 15.59 -12.74 44.37
CA LEU H 178 15.55 -13.78 43.35
C LEU H 178 15.03 -13.24 42.03
N LEU H 179 14.05 -12.33 42.08
CA LEU H 179 13.55 -11.73 40.85
C LEU H 179 14.64 -10.94 40.14
N ARG H 180 15.41 -10.15 40.89
CA ARG H 180 16.50 -9.39 40.28
C ARG H 180 17.54 -10.32 39.67
N GLN H 181 17.91 -11.37 40.40
CA GLN H 181 18.88 -12.32 39.88
C GLN H 181 18.35 -13.02 38.63
N TYR H 182 17.06 -13.35 38.62
CA TYR H 182 16.47 -14.02 37.47
C TYR H 182 16.48 -13.13 36.24
N VAL H 183 16.16 -11.85 36.42
CA VAL H 183 16.21 -10.92 35.28
C VAL H 183 17.64 -10.80 34.76
N VAL H 184 18.62 -10.72 35.66
CA VAL H 184 20.00 -10.65 35.23
C VAL H 184 20.40 -11.91 34.46
N PHE H 185 19.97 -13.08 34.96
CA PHE H 185 20.30 -14.34 34.29
C PHE H 185 19.68 -14.40 32.90
N ALA H 186 18.42 -13.97 32.78
CA ALA H 186 17.77 -13.97 31.47
C ALA H 186 18.47 -13.01 30.51
N SER H 187 18.87 -11.84 31.01
CA SER H 187 19.61 -10.91 30.17
C SER H 187 20.94 -11.49 29.71
N GLN H 188 21.64 -12.18 30.61
CA GLN H 188 22.91 -12.81 30.24
C GLN H 188 22.71 -13.86 29.16
N ARG H 189 21.68 -14.70 29.31
CA ARG H 189 21.42 -15.72 28.31
C ARG H 189 21.04 -15.11 26.96
N ALA H 190 20.23 -14.04 26.99
CA ALA H 190 19.87 -13.37 25.74
C ALA H 190 21.09 -12.77 25.06
N ALA H 191 21.98 -12.15 25.85
CA ALA H 191 23.19 -11.58 25.28
C ALA H 191 24.07 -12.66 24.67
N ASN H 192 24.19 -13.81 25.35
CA ASN H 192 24.99 -14.91 24.80
C ASN H 192 24.40 -15.40 23.48
N HIS H 193 23.07 -15.55 23.42
CA HIS H 193 22.45 -16.00 22.17
C HIS H 193 22.66 -14.99 21.05
N LEU H 194 22.51 -13.70 21.34
CA LEU H 194 22.74 -12.69 20.32
C LEU H 194 24.17 -12.68 19.83
N ASN H 195 25.12 -12.89 20.74
CA ASN H 195 26.52 -12.97 20.34
C ASN H 195 26.77 -14.17 19.41
N GLU H 196 26.18 -15.32 19.74
CA GLU H 196 26.32 -16.48 18.87
C GLU H 196 25.72 -16.22 17.49
N GLU H 197 24.57 -15.55 17.45
CA GLU H 197 23.95 -15.22 16.17
C GLU H 197 24.86 -14.30 15.35
N ILE H 198 25.47 -13.31 16.00
CA ILE H 198 26.39 -12.41 15.30
C ILE H 198 27.57 -13.19 14.73
N LYS H 199 28.14 -14.12 15.52
CA LYS H 199 29.26 -14.90 15.03
C LYS H 199 28.87 -15.73 13.81
N GLY H 200 27.71 -16.38 13.86
CA GLY H 200 27.29 -17.20 12.74
C GLY H 200 27.05 -16.40 11.48
N ALA H 201 26.36 -15.25 11.62
CA ALA H 201 26.13 -14.40 10.46
C ALA H 201 27.44 -13.84 9.91
N TRP H 202 28.39 -13.55 10.80
CA TRP H 202 29.71 -13.10 10.36
C TRP H 202 30.43 -14.18 9.55
N ALA H 203 30.36 -15.43 10.00
CA ALA H 203 30.99 -16.51 9.24
C ALA H 203 30.33 -16.67 7.88
N ALA H 204 29.00 -16.62 7.82
CA ALA H 204 28.32 -16.70 6.54
C ALA H 204 28.72 -15.55 5.64
N ARG H 205 28.84 -14.35 6.19
CA ARG H 205 29.20 -13.16 5.41
C ARG H 205 30.59 -13.29 4.84
N THR H 206 31.56 -13.75 5.64
CA THR H 206 32.92 -13.85 5.13
C THR H 206 33.03 -14.96 4.08
N ILE H 207 32.27 -16.05 4.24
CA ILE H 207 32.24 -17.07 3.20
C ILE H 207 31.68 -16.48 1.90
N PHE H 208 30.61 -15.69 2.01
CA PHE H 208 30.00 -15.10 0.82
C PHE H 208 30.97 -14.16 0.11
N MET H 209 31.67 -13.32 0.86
CA MET H 209 32.65 -12.43 0.22
C MET H 209 33.81 -13.20 -0.38
N LYS H 210 34.25 -14.28 0.26
CA LYS H 210 35.30 -15.09 -0.35
C LYS H 210 34.85 -15.66 -1.68
N SER H 211 33.62 -16.16 -1.75
CA SER H 211 33.10 -16.67 -3.02
C SER H 211 33.01 -15.57 -4.07
N GLN H 212 32.53 -14.39 -3.67
CA GLN H 212 32.42 -13.27 -4.62
C GLN H 212 33.80 -12.88 -5.15
N ILE H 213 34.80 -12.81 -4.27
CA ILE H 213 36.14 -12.43 -4.69
C ILE H 213 36.71 -13.48 -5.65
N LYS H 214 36.53 -14.77 -5.34
CA LYS H 214 37.02 -15.80 -6.24
C LYS H 214 36.37 -15.68 -7.62
N ARG H 215 35.06 -15.38 -7.64
CA ARG H 215 34.37 -15.20 -8.90
C ARG H 215 34.93 -14.02 -9.69
N GLN H 216 35.21 -12.91 -9.00
CA GLN H 216 35.76 -11.74 -9.69
C GLN H 216 37.14 -12.04 -10.25
N GLU H 217 37.99 -12.75 -9.50
CA GLU H 217 39.29 -13.13 -10.03
C GLU H 217 39.15 -14.04 -11.25
N ALA H 218 38.19 -14.97 -11.22
CA ALA H 218 37.98 -15.83 -12.37
C ALA H 218 37.57 -15.02 -13.60
N VAL H 219 36.66 -14.06 -13.43
CA VAL H 219 36.23 -13.23 -14.55
C VAL H 219 37.40 -12.43 -15.10
N ALA H 220 38.18 -11.82 -14.22
CA ALA H 220 39.32 -11.02 -14.66
C ALA H 220 40.35 -11.89 -15.38
N LYS H 221 40.59 -13.10 -14.88
CA LYS H 221 41.54 -13.99 -15.54
C LYS H 221 41.05 -14.37 -16.94
N ALA H 222 39.76 -14.64 -17.09
CA ALA H 222 39.22 -14.97 -18.41
C ALA H 222 39.39 -13.79 -19.37
N ILE H 223 39.06 -12.58 -18.92
CA ILE H 223 39.19 -11.41 -19.78
C ILE H 223 40.65 -11.19 -20.17
N TYR H 224 41.55 -11.31 -19.20
CA TYR H 224 42.97 -11.10 -19.49
C TYR H 224 43.51 -12.13 -20.47
N ASP H 225 43.12 -13.40 -20.30
CA ASP H 225 43.57 -14.43 -21.23
C ASP H 225 43.05 -14.16 -22.63
N ARG H 226 41.78 -13.80 -22.76
CA ARG H 226 41.23 -13.50 -24.08
C ARG H 226 41.96 -12.33 -24.72
N GLU H 227 42.19 -11.26 -23.95
CA GLU H 227 42.86 -10.08 -24.49
C GLU H 227 44.28 -10.40 -24.92
N VAL H 228 45.01 -11.16 -24.10
CA VAL H 228 46.40 -11.45 -24.44
C VAL H 228 46.48 -12.37 -25.65
N ARG H 229 45.55 -13.32 -25.77
CA ARG H 229 45.55 -14.18 -26.96
C ARG H 229 45.27 -13.37 -28.22
N SER H 230 44.28 -12.47 -28.15
CA SER H 230 43.99 -11.62 -29.29
C SER H 230 45.18 -10.75 -29.64
N VAL H 231 45.89 -10.23 -28.63
CA VAL H 231 47.01 -9.34 -28.88
C VAL H 231 48.16 -10.08 -29.54
N GLU H 232 48.50 -11.27 -29.05
CA GLU H 232 49.57 -12.04 -29.68
C GLU H 232 49.23 -12.40 -31.12
N LEU H 233 47.98 -12.82 -31.35
CA LEU H 233 47.59 -13.23 -32.69
C LEU H 233 47.59 -12.03 -33.64
N ALA H 234 47.18 -10.85 -33.15
CA ALA H 234 47.27 -9.63 -33.93
C ALA H 234 48.72 -9.26 -34.21
N LEU H 235 49.61 -9.50 -33.24
CA LEU H 235 51.04 -9.30 -33.49
C LEU H 235 51.53 -10.16 -34.65
N LYS H 236 51.18 -11.46 -34.64
CA LYS H 236 51.62 -12.32 -35.72
C LYS H 236 51.07 -11.85 -37.06
N ILE H 237 49.79 -11.46 -37.08
CA ILE H 237 49.18 -11.01 -38.33
C ILE H 237 49.83 -9.73 -38.84
N ALA H 238 50.06 -8.76 -37.95
CA ALA H 238 50.69 -7.51 -38.35
C ALA H 238 52.11 -7.73 -38.82
N GLN H 239 52.84 -8.65 -38.18
CA GLN H 239 54.17 -9.00 -38.64
C GLN H 239 54.13 -9.57 -40.06
N GLN H 240 53.09 -10.34 -40.37
CA GLN H 240 52.98 -10.88 -41.73
C GLN H 240 52.84 -9.78 -42.76
N GLN H 241 52.06 -8.73 -42.46
CA GLN H 241 51.89 -7.60 -43.37
C GLN H 241 52.80 -6.44 -43.00
N GLY H 264 52.48 -1.58 -37.44
CA GLY H 264 53.39 -2.68 -37.70
C GLY H 264 53.71 -3.50 -36.47
N ARG H 265 54.99 -3.77 -36.26
CA ARG H 265 55.40 -4.57 -35.11
C ARG H 265 55.42 -3.82 -33.78
N PRO H 266 55.94 -2.57 -33.69
CA PRO H 266 56.36 -2.11 -32.36
C PRO H 266 55.19 -1.79 -31.45
N MET H 267 54.14 -1.21 -32.04
CA MET H 267 52.92 -0.88 -31.31
C MET H 267 52.36 -2.11 -30.62
N LEU H 268 51.99 -3.12 -31.41
CA LEU H 268 51.40 -4.33 -30.85
C LEU H 268 52.39 -5.14 -30.04
N GLN H 269 53.69 -5.02 -30.30
CA GLN H 269 54.68 -5.75 -29.51
C GLN H 269 54.78 -5.19 -28.10
N ALA H 270 54.86 -3.88 -27.98
CA ALA H 270 54.81 -3.27 -26.65
C ALA H 270 53.46 -3.52 -25.99
N ARG H 271 52.38 -3.58 -26.79
CA ARG H 271 51.09 -4.00 -26.26
C ARG H 271 51.16 -5.38 -25.62
N LEU H 272 51.74 -6.34 -26.34
CA LEU H 272 51.86 -7.70 -25.80
C LEU H 272 52.68 -7.71 -24.53
N GLU H 273 53.81 -7.00 -24.52
CA GLU H 273 54.65 -7.05 -23.34
C GLU H 273 53.99 -6.38 -22.14
N THR H 274 53.22 -5.29 -22.36
CA THR H 274 52.56 -4.67 -21.21
C THR H 274 51.40 -5.51 -20.69
N LEU H 275 50.65 -6.17 -21.57
CA LEU H 275 49.65 -7.12 -21.08
C LEU H 275 50.29 -8.27 -20.32
N GLN H 276 51.41 -8.80 -20.84
CA GLN H 276 52.06 -9.92 -20.17
C GLN H 276 52.58 -9.52 -18.80
N THR H 277 53.15 -8.32 -18.68
CA THR H 277 53.73 -7.88 -17.42
C THR H 277 52.75 -7.24 -16.46
N SER H 278 51.53 -6.93 -16.89
CA SER H 278 50.51 -6.36 -16.03
C SER H 278 49.42 -7.40 -15.81
N GLY H 279 48.98 -7.53 -14.56
CA GLY H 279 47.98 -8.51 -14.21
C GLY H 279 46.64 -8.21 -14.83
N PRO H 280 45.67 -9.09 -14.62
CA PRO H 280 44.33 -8.86 -15.16
C PRO H 280 43.73 -7.57 -14.61
N HIS H 281 42.96 -6.89 -15.45
CA HIS H 281 42.36 -5.62 -15.08
C HIS H 281 41.17 -5.88 -14.14
N TYR H 282 41.21 -5.26 -12.96
CA TYR H 282 40.14 -5.39 -11.98
C TYR H 282 39.40 -4.06 -11.87
N GLU H 283 38.15 -4.14 -11.42
CA GLU H 283 37.31 -2.96 -11.22
C GLU H 283 37.33 -2.54 -9.75
N LEU H 284 36.59 -1.48 -9.46
CA LEU H 284 36.53 -0.96 -8.10
C LEU H 284 35.83 -1.94 -7.16
N ASP H 285 34.83 -2.67 -7.67
CA ASP H 285 34.11 -3.62 -6.84
C ASP H 285 35.02 -4.68 -6.28
N TYR H 286 36.04 -5.10 -7.03
CA TYR H 286 36.98 -6.09 -6.52
C TYR H 286 37.71 -5.56 -5.30
N ASP H 287 38.19 -4.32 -5.37
CA ASP H 287 38.94 -3.75 -4.25
C ASP H 287 38.04 -3.54 -3.06
N GLN H 288 36.81 -3.09 -3.28
CA GLN H 288 35.87 -2.94 -2.17
C GLN H 288 35.58 -4.29 -1.50
N ASN H 289 35.40 -5.34 -2.31
CA ASN H 289 35.16 -6.66 -1.75
C ASN H 289 36.38 -7.17 -1.00
N ARG H 290 37.58 -6.88 -1.49
CA ARG H 290 38.78 -7.29 -0.78
C ARG H 290 38.89 -6.60 0.57
N ALA H 291 38.60 -5.30 0.62
CA ALA H 291 38.60 -4.59 1.90
C ALA H 291 37.55 -5.15 2.84
N MET H 292 36.37 -5.47 2.30
CA MET H 292 35.31 -6.04 3.11
C MET H 292 35.71 -7.40 3.68
N LEU H 293 36.36 -8.23 2.86
CA LEU H 293 36.85 -9.51 3.36
C LEU H 293 37.92 -9.31 4.43
N ALA H 294 38.78 -8.31 4.26
CA ALA H 294 39.80 -8.03 5.26
C ALA H 294 39.17 -7.66 6.60
N THR H 295 38.21 -6.73 6.59
CA THR H 295 37.61 -6.31 7.84
C THR H 295 36.71 -7.38 8.43
N LEU H 296 36.21 -8.31 7.62
CA LEU H 296 35.49 -9.45 8.17
C LEU H 296 36.45 -10.47 8.78
N ASN H 297 37.63 -10.62 8.17
CA ASN H 297 38.64 -11.55 8.69
C ASN H 297 39.33 -11.05 9.94
N VAL H 298 39.27 -9.74 10.20
CA VAL H 298 39.87 -9.22 11.43
C VAL H 298 39.12 -9.73 12.65
N GLY H 299 37.87 -10.15 12.48
CA GLY H 299 37.10 -10.70 13.56
C GLY H 299 36.24 -9.66 14.26
N PRO H 300 35.14 -10.09 14.86
CA PRO H 300 34.28 -9.14 15.60
C PRO H 300 34.71 -8.97 17.04
N THR H 301 34.89 -7.73 17.49
CA THR H 301 35.26 -7.44 18.86
C THR H 301 34.02 -7.59 19.75
N LEU H 302 33.75 -8.84 20.12
CA LEU H 302 32.57 -9.18 20.88
C LEU H 302 32.76 -8.85 22.36
N GLU H 303 31.66 -8.55 23.04
CA GLU H 303 31.66 -8.24 24.45
C GLU H 303 31.04 -9.39 25.24
N ALA H 304 31.54 -9.60 26.45
CA ALA H 304 31.10 -10.73 27.26
C ALA H 304 29.64 -10.58 27.67
N SER H 305 29.27 -9.42 28.21
CA SER H 305 27.94 -9.22 28.75
C SER H 305 27.48 -7.79 28.52
N PHE H 306 26.27 -7.63 28.01
CA PHE H 306 25.62 -6.33 27.88
C PHE H 306 24.16 -6.47 28.27
N GLN H 307 23.62 -5.40 28.84
CA GLN H 307 22.25 -5.42 29.35
C GLN H 307 21.29 -5.16 28.20
N THR H 308 20.30 -6.05 28.06
CA THR H 308 19.34 -5.99 26.97
C THR H 308 17.93 -5.65 27.43
N TYR H 309 17.80 -4.97 28.57
CA TYR H 309 16.50 -4.62 29.12
C TYR H 309 16.58 -3.24 29.75
N ARG H 310 15.41 -2.63 29.94
CA ARG H 310 15.31 -1.35 30.64
C ARG H 310 14.23 -1.47 31.71
N TYR H 311 14.56 -1.07 32.93
CA TYR H 311 13.66 -1.22 34.06
C TYR H 311 12.64 -0.07 34.12
N LEU H 312 11.35 -0.42 34.13
CA LEU H 312 10.28 0.51 34.43
C LEU H 312 9.67 0.24 35.79
N ARG H 313 9.30 -1.02 36.03
CA ARG H 313 9.07 -1.64 37.34
C ARG H 313 10.29 -2.44 37.75
N THR H 314 11.06 -1.90 38.70
CA THR H 314 12.14 -2.59 39.37
C THR H 314 11.57 -3.48 40.48
N PRO H 315 12.10 -4.69 40.63
CA PRO H 315 11.65 -5.54 41.75
C PRO H 315 11.90 -4.87 43.08
N GLU H 316 10.95 -5.04 44.00
CA GLU H 316 11.04 -4.44 45.32
C GLU H 316 10.37 -5.36 46.32
N GLU H 317 10.61 -5.09 47.59
CA GLU H 317 10.03 -5.91 48.65
C GLU H 317 8.54 -5.69 48.71
N PRO H 318 7.72 -6.74 48.57
CA PRO H 318 6.27 -6.55 48.68
C PRO H 318 5.87 -6.18 50.10
N VAL H 319 4.79 -5.41 50.19
CA VAL H 319 4.31 -4.95 51.49
C VAL H 319 3.18 -5.82 52.05
N LYS H 320 2.49 -6.58 51.21
CA LYS H 320 1.41 -7.45 51.66
C LYS H 320 1.52 -8.80 50.98
N ARG H 321 1.20 -9.85 51.73
CA ARG H 321 1.21 -11.20 51.17
C ARG H 321 -0.01 -11.43 50.30
N ASP H 322 0.21 -12.13 49.18
CA ASP H 322 -0.88 -12.49 48.28
C ASP H 322 -1.53 -13.82 48.67
N SER H 323 -0.75 -14.73 49.25
CA SER H 323 -1.17 -16.04 49.69
C SER H 323 -1.74 -15.93 51.10
N PRO H 324 -2.15 -17.05 51.78
CA PRO H 324 -3.21 -16.94 52.79
C PRO H 324 -4.16 -15.76 52.68
N ARG H 325 -3.74 -14.58 53.12
CA ARG H 325 -4.65 -13.46 53.35
C ARG H 325 -5.73 -13.88 54.36
N ARG H 326 -5.26 -14.11 55.58
CA ARG H 326 -6.04 -14.83 56.59
C ARG H 326 -7.42 -14.23 56.77
N ALA H 327 -7.53 -12.90 56.68
CA ALA H 327 -8.84 -12.27 56.80
C ALA H 327 -9.78 -12.73 55.69
N PHE H 328 -9.27 -12.84 54.46
CA PHE H 328 -10.10 -13.30 53.35
C PHE H 328 -10.56 -14.73 53.58
N LEU H 329 -9.65 -15.61 54.02
CA LEU H 329 -10.04 -16.99 54.32
C LEU H 329 -10.90 -17.06 55.58
N MET H 330 -10.69 -16.15 56.53
CA MET H 330 -11.49 -16.14 57.75
C MET H 330 -12.96 -15.88 57.42
N VAL H 331 -13.24 -14.82 56.66
CA VAL H 331 -14.61 -14.45 56.35
C VAL H 331 -15.25 -15.45 55.40
N MET H 332 -14.50 -15.88 54.37
CA MET H 332 -15.09 -16.68 53.30
C MET H 332 -15.65 -18.00 53.82
N TRP H 333 -14.77 -18.87 54.33
CA TRP H 333 -15.22 -20.19 54.78
C TRP H 333 -16.06 -20.11 56.04
N GLY H 334 -15.92 -19.05 56.83
CA GLY H 334 -16.81 -18.88 57.97
C GLY H 334 -18.25 -18.63 57.57
N ALA H 335 -18.45 -17.85 56.51
CA ALA H 335 -19.80 -17.56 56.05
C ALA H 335 -20.42 -18.74 55.31
N ILE H 336 -19.59 -19.60 54.71
CA ILE H 336 -20.11 -20.76 54.00
C ILE H 336 -20.83 -21.70 54.96
N GLY H 337 -20.23 -21.96 56.12
CA GLY H 337 -20.84 -22.83 57.11
C GLY H 337 -22.02 -22.20 57.81
#